data_1WK9
# 
_entry.id   1WK9 
# 
_audit_conform.dict_name       mmcif_pdbx.dic 
_audit_conform.dict_version    5.380 
_audit_conform.dict_location   http://mmcif.pdb.org/dictionaries/ascii/mmcif_pdbx.dic 
# 
loop_
_database_2.database_id 
_database_2.database_code 
_database_2.pdbx_database_accession 
_database_2.pdbx_DOI 
PDB   1WK9         pdb_00001wk9 10.2210/pdb1wk9/pdb 
RCSB  RCSB023669   ?            ?                   
WWPDB D_1000023669 ?            ?                   
# 
loop_
_pdbx_database_related.db_name 
_pdbx_database_related.db_id 
_pdbx_database_related.details 
_pdbx_database_related.content_type 
PDB      1WKA           'the same protein at pH 8.0' unspecified 
TargetDB ttk003000877.2 .                            unspecified 
# 
_pdbx_database_status.status_code                     REL 
_pdbx_database_status.entry_id                        1WK9 
_pdbx_database_status.recvd_initial_deposition_date   2004-05-30 
_pdbx_database_status.deposit_site                    PDBJ 
_pdbx_database_status.process_site                    PDBJ 
_pdbx_database_status.status_code_sf                  REL 
_pdbx_database_status.status_code_mr                  ? 
_pdbx_database_status.SG_entry                        Y 
_pdbx_database_status.pdb_format_compatible           Y 
_pdbx_database_status.status_code_cs                  ? 
_pdbx_database_status.status_code_nmr_data            ? 
_pdbx_database_status.methods_development_category    ? 
# 
loop_
_audit_author.name 
_audit_author.pdbx_ordinal 
'Fukunaga, R.'                                           1 
'Yokoyama, S.'                                           2 
'RIKEN Structural Genomics/Proteomics Initiative (RSGI)' 3 
# 
_citation.id                        primary 
_citation.title                     
'Structural Basis for Non-cognate Amino Acid Discrimination by the Valyl-tRNA Synthetase Editing Domain' 
_citation.journal_abbrev            J.Biol.Chem. 
_citation.journal_volume            280 
_citation.page_first                29937 
_citation.page_last                 29945 
_citation.year                      2005 
_citation.journal_id_ASTM           JBCHA3 
_citation.country                   US 
_citation.journal_id_ISSN           0021-9258 
_citation.journal_id_CSD            0071 
_citation.book_publisher            ? 
_citation.pdbx_database_id_PubMed   15970591 
_citation.pdbx_database_id_DOI      10.1074/jbc.M502668200 
# 
loop_
_citation_author.citation_id 
_citation_author.name 
_citation_author.ordinal 
_citation_author.identifier_ORCID 
primary 'Fukunaga, R.' 1 ? 
primary 'Yokoyama, S.' 2 ? 
# 
_cell.entry_id           1WK9 
_cell.length_a           95.490 
_cell.length_b           95.490 
_cell.length_c           72.300 
_cell.angle_alpha        90.00 
_cell.angle_beta         90.00 
_cell.angle_gamma        120.00 
_cell.Z_PDB              12 
_cell.pdbx_unique_axis   ? 
# 
_symmetry.entry_id                         1WK9 
_symmetry.space_group_name_H-M             'P 65 2 2' 
_symmetry.pdbx_full_space_group_name_H-M   ? 
_symmetry.cell_setting                     ? 
_symmetry.Int_Tables_number                179 
_symmetry.space_group_name_Hall            ? 
# 
loop_
_entity.id 
_entity.type 
_entity.src_method 
_entity.pdbx_description 
_entity.formula_weight 
_entity.pdbx_number_of_molecules 
_entity.pdbx_ec 
_entity.pdbx_mutation 
_entity.pdbx_fragment 
_entity.details 
1 polymer     man 'Valyl-tRNA synthetase'                    16540.840 1   6.1.1.9 ? 'CP1 domain' ? 
2 non-polymer syn "5'-O-(N-(L-THREONYL)-SULFAMOYL)ADENOSINE" 447.424   1   ?       ? ?            ? 
3 water       nat water                                      18.015    176 ?       ? ?            ? 
# 
_entity_name_com.entity_id   1 
_entity_name_com.name        'Valine--tRNA ligase, ValRS' 
# 
_entity_poly.entity_id                      1 
_entity_poly.type                           'polypeptide(L)' 
_entity_poly.nstd_linkage                   no 
_entity_poly.nstd_monomer                   no 
_entity_poly.pdbx_seq_one_letter_code       
;MTPGKLYTLRYEVEGGGFIEIATVRPETVFADQAIAVHPEDERYRHLLGKRARIPLTEVWIPILADPAVEKDFGTGALKV
TPAHDPLDYEIGERHGLKPVSVINLEGRMEGERVPEALRGLDRFEARRKAVELFREAGHLVKEEDY
;
_entity_poly.pdbx_seq_one_letter_code_can   
;MTPGKLYTLRYEVEGGGFIEIATVRPETVFADQAIAVHPEDERYRHLLGKRARIPLTEVWIPILADPAVEKDFGTGALKV
TPAHDPLDYEIGERHGLKPVSVINLEGRMEGERVPEALRGLDRFEARRKAVELFREAGHLVKEEDY
;
_entity_poly.pdbx_strand_id                 A 
_entity_poly.pdbx_target_identifier         ttk003000877.2 
# 
loop_
_entity_poly_seq.entity_id 
_entity_poly_seq.num 
_entity_poly_seq.mon_id 
_entity_poly_seq.hetero 
1 1   MET n 
1 2   THR n 
1 3   PRO n 
1 4   GLY n 
1 5   LYS n 
1 6   LEU n 
1 7   TYR n 
1 8   THR n 
1 9   LEU n 
1 10  ARG n 
1 11  TYR n 
1 12  GLU n 
1 13  VAL n 
1 14  GLU n 
1 15  GLY n 
1 16  GLY n 
1 17  GLY n 
1 18  PHE n 
1 19  ILE n 
1 20  GLU n 
1 21  ILE n 
1 22  ALA n 
1 23  THR n 
1 24  VAL n 
1 25  ARG n 
1 26  PRO n 
1 27  GLU n 
1 28  THR n 
1 29  VAL n 
1 30  PHE n 
1 31  ALA n 
1 32  ASP n 
1 33  GLN n 
1 34  ALA n 
1 35  ILE n 
1 36  ALA n 
1 37  VAL n 
1 38  HIS n 
1 39  PRO n 
1 40  GLU n 
1 41  ASP n 
1 42  GLU n 
1 43  ARG n 
1 44  TYR n 
1 45  ARG n 
1 46  HIS n 
1 47  LEU n 
1 48  LEU n 
1 49  GLY n 
1 50  LYS n 
1 51  ARG n 
1 52  ALA n 
1 53  ARG n 
1 54  ILE n 
1 55  PRO n 
1 56  LEU n 
1 57  THR n 
1 58  GLU n 
1 59  VAL n 
1 60  TRP n 
1 61  ILE n 
1 62  PRO n 
1 63  ILE n 
1 64  LEU n 
1 65  ALA n 
1 66  ASP n 
1 67  PRO n 
1 68  ALA n 
1 69  VAL n 
1 70  GLU n 
1 71  LYS n 
1 72  ASP n 
1 73  PHE n 
1 74  GLY n 
1 75  THR n 
1 76  GLY n 
1 77  ALA n 
1 78  LEU n 
1 79  LYS n 
1 80  VAL n 
1 81  THR n 
1 82  PRO n 
1 83  ALA n 
1 84  HIS n 
1 85  ASP n 
1 86  PRO n 
1 87  LEU n 
1 88  ASP n 
1 89  TYR n 
1 90  GLU n 
1 91  ILE n 
1 92  GLY n 
1 93  GLU n 
1 94  ARG n 
1 95  HIS n 
1 96  GLY n 
1 97  LEU n 
1 98  LYS n 
1 99  PRO n 
1 100 VAL n 
1 101 SER n 
1 102 VAL n 
1 103 ILE n 
1 104 ASN n 
1 105 LEU n 
1 106 GLU n 
1 107 GLY n 
1 108 ARG n 
1 109 MET n 
1 110 GLU n 
1 111 GLY n 
1 112 GLU n 
1 113 ARG n 
1 114 VAL n 
1 115 PRO n 
1 116 GLU n 
1 117 ALA n 
1 118 LEU n 
1 119 ARG n 
1 120 GLY n 
1 121 LEU n 
1 122 ASP n 
1 123 ARG n 
1 124 PHE n 
1 125 GLU n 
1 126 ALA n 
1 127 ARG n 
1 128 ARG n 
1 129 LYS n 
1 130 ALA n 
1 131 VAL n 
1 132 GLU n 
1 133 LEU n 
1 134 PHE n 
1 135 ARG n 
1 136 GLU n 
1 137 ALA n 
1 138 GLY n 
1 139 HIS n 
1 140 LEU n 
1 141 VAL n 
1 142 LYS n 
1 143 GLU n 
1 144 GLU n 
1 145 ASP n 
1 146 TYR n 
# 
_entity_src_gen.entity_id                          1 
_entity_src_gen.pdbx_src_id                        1 
_entity_src_gen.pdbx_alt_source_flag               sample 
_entity_src_gen.pdbx_seq_type                      ? 
_entity_src_gen.pdbx_beg_seq_num                   ? 
_entity_src_gen.pdbx_end_seq_num                   ? 
_entity_src_gen.gene_src_common_name               ? 
_entity_src_gen.gene_src_genus                     Thermus 
_entity_src_gen.pdbx_gene_src_gene                 ? 
_entity_src_gen.gene_src_species                   ? 
_entity_src_gen.gene_src_strain                    ? 
_entity_src_gen.gene_src_tissue                    ? 
_entity_src_gen.gene_src_tissue_fraction           ? 
_entity_src_gen.gene_src_details                   ? 
_entity_src_gen.pdbx_gene_src_fragment             ? 
_entity_src_gen.pdbx_gene_src_scientific_name      'Thermus thermophilus' 
_entity_src_gen.pdbx_gene_src_ncbi_taxonomy_id     274 
_entity_src_gen.pdbx_gene_src_variant              ? 
_entity_src_gen.pdbx_gene_src_cell_line            ? 
_entity_src_gen.pdbx_gene_src_atcc                 ? 
_entity_src_gen.pdbx_gene_src_organ                ? 
_entity_src_gen.pdbx_gene_src_organelle            ? 
_entity_src_gen.pdbx_gene_src_cell                 ? 
_entity_src_gen.pdbx_gene_src_cellular_location    ? 
_entity_src_gen.host_org_common_name               ? 
_entity_src_gen.pdbx_host_org_scientific_name      'Escherichia coli BL21(DE3)' 
_entity_src_gen.pdbx_host_org_ncbi_taxonomy_id     469008 
_entity_src_gen.host_org_genus                     Escherichia 
_entity_src_gen.pdbx_host_org_gene                 ? 
_entity_src_gen.pdbx_host_org_organ                ? 
_entity_src_gen.host_org_species                   'Escherichia coli' 
_entity_src_gen.pdbx_host_org_tissue               ? 
_entity_src_gen.pdbx_host_org_tissue_fraction      ? 
_entity_src_gen.pdbx_host_org_strain               'BL21(DE3)' 
_entity_src_gen.pdbx_host_org_variant              ? 
_entity_src_gen.pdbx_host_org_cell_line            ? 
_entity_src_gen.pdbx_host_org_atcc                 ? 
_entity_src_gen.pdbx_host_org_culture_collection   ? 
_entity_src_gen.pdbx_host_org_cell                 ? 
_entity_src_gen.pdbx_host_org_organelle            ? 
_entity_src_gen.pdbx_host_org_cellular_location    ? 
_entity_src_gen.pdbx_host_org_vector_type          plasmid 
_entity_src_gen.pdbx_host_org_vector               ? 
_entity_src_gen.host_org_details                   ? 
_entity_src_gen.expression_system_id               ? 
_entity_src_gen.plasmid_name                       pET26b 
_entity_src_gen.plasmid_details                    ? 
_entity_src_gen.pdbx_description                   ? 
# 
_struct_ref.id                         1 
_struct_ref.db_name                    UNP 
_struct_ref.db_code                    SYV_THETH 
_struct_ref.pdbx_db_accession          P96142 
_struct_ref.entity_id                  1 
_struct_ref.pdbx_seq_one_letter_code   
;TPGKLYTLRYEVEGGGFIEIATVRPETVFADQAIAVHPEDERYRHLLGKRARIPLTEVWIPILADPAVEKDFGTGALKVT
PAHDPLDYEIGERHGLKPVSVINLEGRMEGERVPEALRGLDRFEARRKAVELFREAGHLVKEEDYT
;
_struct_ref.pdbx_align_begin           193 
_struct_ref.pdbx_db_isoform            ? 
# 
_struct_ref_seq.align_id                      1 
_struct_ref_seq.ref_id                        1 
_struct_ref_seq.pdbx_PDB_id_code              1WK9 
_struct_ref_seq.pdbx_strand_id                A 
_struct_ref_seq.seq_align_beg                 2 
_struct_ref_seq.pdbx_seq_align_beg_ins_code   ? 
_struct_ref_seq.seq_align_end                 146 
_struct_ref_seq.pdbx_seq_align_end_ins_code   ? 
_struct_ref_seq.pdbx_db_accession             P96142 
_struct_ref_seq.db_align_beg                  193 
_struct_ref_seq.pdbx_db_align_beg_ins_code    ? 
_struct_ref_seq.db_align_end                  337 
_struct_ref_seq.pdbx_db_align_end_ins_code    ? 
_struct_ref_seq.pdbx_auth_seq_align_beg       193 
_struct_ref_seq.pdbx_auth_seq_align_end       337 
# 
_struct_ref_seq_dif.align_id                     1 
_struct_ref_seq_dif.pdbx_pdb_id_code             1WK9 
_struct_ref_seq_dif.mon_id                       MET 
_struct_ref_seq_dif.pdbx_pdb_strand_id           A 
_struct_ref_seq_dif.seq_num                      1 
_struct_ref_seq_dif.pdbx_pdb_ins_code            ? 
_struct_ref_seq_dif.pdbx_seq_db_name             UNP 
_struct_ref_seq_dif.pdbx_seq_db_accession_code   P96142 
_struct_ref_seq_dif.db_mon_id                    ? 
_struct_ref_seq_dif.pdbx_seq_db_seq_num          ? 
_struct_ref_seq_dif.details                      'initiating methionine' 
_struct_ref_seq_dif.pdbx_auth_seq_num            192 
_struct_ref_seq_dif.pdbx_ordinal                 1 
# 
loop_
_chem_comp.id 
_chem_comp.type 
_chem_comp.mon_nstd_flag 
_chem_comp.name 
_chem_comp.pdbx_synonyms 
_chem_comp.formula 
_chem_comp.formula_weight 
ALA 'L-peptide linking' y ALANINE                                    ? 'C3 H7 N O2'      89.093  
ARG 'L-peptide linking' y ARGININE                                   ? 'C6 H15 N4 O2 1'  175.209 
ASN 'L-peptide linking' y ASPARAGINE                                 ? 'C4 H8 N2 O3'     132.118 
ASP 'L-peptide linking' y 'ASPARTIC ACID'                            ? 'C4 H7 N O4'      133.103 
GLN 'L-peptide linking' y GLUTAMINE                                  ? 'C5 H10 N2 O3'    146.144 
GLU 'L-peptide linking' y 'GLUTAMIC ACID'                            ? 'C5 H9 N O4'      147.129 
GLY 'peptide linking'   y GLYCINE                                    ? 'C2 H5 N O2'      75.067  
HIS 'L-peptide linking' y HISTIDINE                                  ? 'C6 H10 N3 O2 1'  156.162 
HOH non-polymer         . WATER                                      ? 'H2 O'            18.015  
ILE 'L-peptide linking' y ISOLEUCINE                                 ? 'C6 H13 N O2'     131.173 
LEU 'L-peptide linking' y LEUCINE                                    ? 'C6 H13 N O2'     131.173 
LYS 'L-peptide linking' y LYSINE                                     ? 'C6 H15 N2 O2 1'  147.195 
MET 'L-peptide linking' y METHIONINE                                 ? 'C5 H11 N O2 S'   149.211 
PHE 'L-peptide linking' y PHENYLALANINE                              ? 'C9 H11 N O2'     165.189 
PRO 'L-peptide linking' y PROLINE                                    ? 'C5 H9 N O2'      115.130 
SER 'L-peptide linking' y SERINE                                     ? 'C3 H7 N O3'      105.093 
THR 'L-peptide linking' y THREONINE                                  ? 'C4 H9 N O3'      119.119 
TRP 'L-peptide linking' y TRYPTOPHAN                                 ? 'C11 H12 N2 O2'   204.225 
TSB non-polymer         . "5'-O-(N-(L-THREONYL)-SULFAMOYL)ADENOSINE" ? 'C14 H21 N7 O8 S' 447.424 
TYR 'L-peptide linking' y TYROSINE                                   ? 'C9 H11 N O3'     181.189 
VAL 'L-peptide linking' y VALINE                                     ? 'C5 H11 N O2'     117.146 
# 
_exptl.entry_id          1WK9 
_exptl.method            'X-RAY DIFFRACTION' 
_exptl.crystals_number   1 
# 
_exptl_crystal.id                    1 
_exptl_crystal.density_meas          ? 
_exptl_crystal.density_Matthews      2.88 
_exptl_crystal.density_percent_sol   57.24 
_exptl_crystal.description           ? 
_exptl_crystal.F_000                 ? 
_exptl_crystal.preparation           ? 
# 
_exptl_crystal_grow.crystal_id      1 
_exptl_crystal_grow.method          'VAPOR DIFFUSION, HANGING DROP' 
_exptl_crystal_grow.temp            293 
_exptl_crystal_grow.temp_details    ? 
_exptl_crystal_grow.pH              8 
_exptl_crystal_grow.pdbx_details    
'100mM Tris-HCl buffer (pH 8.0), 1.15M tri-sodium citrate, 5% 2-propanol, VAPOR DIFFUSION, HANGING DROP, temperature 293K' 
_exptl_crystal_grow.pdbx_pH_range   . 
# 
_diffrn.id                     1 
_diffrn.ambient_temp           100 
_diffrn.ambient_temp_details   ? 
_diffrn.crystal_id             1 
# 
_diffrn_detector.diffrn_id              1 
_diffrn_detector.detector               CCD 
_diffrn_detector.type                   ? 
_diffrn_detector.pdbx_collection_date   ? 
_diffrn_detector.details                ? 
# 
_diffrn_radiation.diffrn_id                        1 
_diffrn_radiation.wavelength_id                    1 
_diffrn_radiation.pdbx_monochromatic_or_laue_m_l   M 
_diffrn_radiation.monochromator                    ? 
_diffrn_radiation.pdbx_diffrn_protocol             'SINGLE WAVELENGTH' 
_diffrn_radiation.pdbx_scattering_type             x-ray 
# 
_diffrn_radiation_wavelength.id           1 
_diffrn_radiation_wavelength.wavelength   1.00 
_diffrn_radiation_wavelength.wt           1.0 
# 
_diffrn_source.diffrn_id                   1 
_diffrn_source.source                      SYNCHROTRON 
_diffrn_source.type                        'SPRING-8 BEAMLINE BL26B1' 
_diffrn_source.pdbx_synchrotron_site       SPring-8 
_diffrn_source.pdbx_synchrotron_beamline   BL26B1 
_diffrn_source.pdbx_wavelength             ? 
_diffrn_source.pdbx_wavelength_list        1.00 
# 
_reflns.entry_id                     1WK9 
_reflns.observed_criterion_sigma_I   ? 
_reflns.observed_criterion_sigma_F   ? 
_reflns.d_resolution_low             50 
_reflns.d_resolution_high            1.75 
_reflns.number_obs                   20141 
_reflns.number_all                   20147 
_reflns.percent_possible_obs         100 
_reflns.pdbx_Rmerge_I_obs            ? 
_reflns.pdbx_Rsym_value              ? 
_reflns.pdbx_netI_over_sigmaI        ? 
_reflns.B_iso_Wilson_estimate        9.3 
_reflns.pdbx_redundancy              ? 
_reflns.R_free_details               ? 
_reflns.limit_h_max                  ? 
_reflns.limit_h_min                  ? 
_reflns.limit_k_max                  ? 
_reflns.limit_k_min                  ? 
_reflns.limit_l_max                  ? 
_reflns.limit_l_min                  ? 
_reflns.observed_criterion_F_max     ? 
_reflns.observed_criterion_F_min     ? 
_reflns.pdbx_chi_squared             ? 
_reflns.pdbx_scaling_rejects         ? 
_reflns.pdbx_diffrn_id               1 
_reflns.pdbx_ordinal                 1 
# 
_reflns_shell.d_res_high             1.75 
_reflns_shell.d_res_low              1.81 
_reflns_shell.percent_possible_all   99.9 
_reflns_shell.Rmerge_I_obs           ? 
_reflns_shell.pdbx_Rsym_value        ? 
_reflns_shell.meanI_over_sigI_obs    ? 
_reflns_shell.pdbx_redundancy        ? 
_reflns_shell.percent_possible_obs   ? 
_reflns_shell.number_unique_all      ? 
_reflns_shell.number_measured_all    ? 
_reflns_shell.number_measured_obs    ? 
_reflns_shell.number_unique_obs      ? 
_reflns_shell.pdbx_chi_squared       ? 
_reflns_shell.pdbx_diffrn_id         ? 
_reflns_shell.pdbx_ordinal           1 
# 
_refine.entry_id                                 1WK9 
_refine.ls_number_reflns_obs                     20141 
_refine.ls_number_reflns_all                     ? 
_refine.pdbx_ls_sigma_I                          ? 
_refine.pdbx_ls_sigma_F                          0.0 
_refine.pdbx_data_cutoff_high_absF               2195851.33 
_refine.pdbx_data_cutoff_low_absF                0.000000 
_refine.pdbx_data_cutoff_high_rms_absF           ? 
_refine.ls_d_res_low                             47.75 
_refine.ls_d_res_high                            1.75 
_refine.ls_percent_reflns_obs                    100.0 
_refine.ls_R_factor_obs                          0.205 
_refine.ls_R_factor_all                          ? 
_refine.ls_R_factor_R_work                       0.205 
_refine.ls_R_factor_R_free                       0.247 
_refine.ls_R_factor_R_free_error                 0.006 
_refine.ls_R_factor_R_free_error_details         ? 
_refine.ls_percent_reflns_R_free                 9.9 
_refine.ls_number_reflns_R_free                  1986 
_refine.ls_number_parameters                     ? 
_refine.ls_number_restraints                     ? 
_refine.occupancy_min                            ? 
_refine.occupancy_max                            ? 
_refine.correlation_coeff_Fo_to_Fc               ? 
_refine.correlation_coeff_Fo_to_Fc_free          ? 
_refine.B_iso_mean                               23.5 
_refine.aniso_B[1][1]                            0.27 
_refine.aniso_B[2][2]                            0.27 
_refine.aniso_B[3][3]                            -0.54 
_refine.aniso_B[1][2]                            1.26 
_refine.aniso_B[1][3]                            0.00 
_refine.aniso_B[2][3]                            0.00 
_refine.solvent_model_details                    'FLAT MODEL' 
_refine.solvent_model_param_ksol                 0.36793 
_refine.solvent_model_param_bsol                 60.9325 
_refine.pdbx_solvent_vdw_probe_radii             ? 
_refine.pdbx_solvent_ion_probe_radii             ? 
_refine.pdbx_solvent_shrinkage_radii             ? 
_refine.pdbx_ls_cross_valid_method               THROUGHOUT 
_refine.details                                  ? 
_refine.pdbx_starting_model                      1gax 
_refine.pdbx_method_to_determine_struct          'MOLECULAR REPLACEMENT' 
_refine.pdbx_isotropic_thermal_model             RESTRAINED 
_refine.pdbx_stereochemistry_target_values       ? 
_refine.pdbx_stereochem_target_val_spec_case     ? 
_refine.pdbx_R_Free_selection_details            RANDOM 
_refine.pdbx_overall_ESU_R                       ? 
_refine.pdbx_overall_ESU_R_Free                  ? 
_refine.overall_SU_ML                            ? 
_refine.overall_SU_B                             ? 
_refine.ls_redundancy_reflns_obs                 ? 
_refine.B_iso_min                                ? 
_refine.B_iso_max                                ? 
_refine.overall_SU_R_Cruickshank_DPI             ? 
_refine.overall_SU_R_free                        ? 
_refine.ls_wR_factor_R_free                      ? 
_refine.ls_wR_factor_R_work                      ? 
_refine.overall_FOM_free_R_set                   ? 
_refine.overall_FOM_work_R_set                   ? 
_refine.pdbx_refine_id                           'X-RAY DIFFRACTION' 
_refine.pdbx_diffrn_id                           1 
_refine.pdbx_TLS_residual_ADP_flag               ? 
_refine.pdbx_overall_phase_error                 ? 
_refine.pdbx_overall_SU_R_free_Cruickshank_DPI   ? 
_refine.pdbx_overall_SU_R_Blow_DPI               ? 
_refine.pdbx_overall_SU_R_free_Blow_DPI          ? 
# 
_refine_analyze.entry_id                        1WK9 
_refine_analyze.Luzzati_coordinate_error_obs    0.21 
_refine_analyze.Luzzati_sigma_a_obs             0.32 
_refine_analyze.Luzzati_d_res_low_obs           5.00 
_refine_analyze.Luzzati_coordinate_error_free   0.26 
_refine_analyze.Luzzati_sigma_a_free            0.31 
_refine_analyze.Luzzati_d_res_low_free          ? 
_refine_analyze.number_disordered_residues      ? 
_refine_analyze.occupancy_sum_hydrogen          ? 
_refine_analyze.occupancy_sum_non_hydrogen      ? 
_refine_analyze.pdbx_Luzzati_d_res_high_obs     ? 
_refine_analyze.pdbx_refine_id                  'X-RAY DIFFRACTION' 
# 
_refine_hist.pdbx_refine_id                   'X-RAY DIFFRACTION' 
_refine_hist.cycle_id                         LAST 
_refine_hist.pdbx_number_atoms_protein        1145 
_refine_hist.pdbx_number_atoms_nucleic_acid   0 
_refine_hist.pdbx_number_atoms_ligand         30 
_refine_hist.number_atoms_solvent             176 
_refine_hist.number_atoms_total               1351 
_refine_hist.d_res_high                       1.75 
_refine_hist.d_res_low                        47.75 
# 
loop_
_refine_ls_restr.type 
_refine_ls_restr.dev_ideal 
_refine_ls_restr.dev_ideal_target 
_refine_ls_restr.weight 
_refine_ls_restr.number 
_refine_ls_restr.pdbx_refine_id 
_refine_ls_restr.pdbx_restraint_function 
c_bond_d           0.012 ?    ? ? 'X-RAY DIFFRACTION' ? 
c_angle_deg        1.6   ?    ? ? 'X-RAY DIFFRACTION' ? 
c_dihedral_angle_d 25.7  ?    ? ? 'X-RAY DIFFRACTION' ? 
c_improper_angle_d 2.63  ?    ? ? 'X-RAY DIFFRACTION' ? 
c_mcbond_it        3.62  1.50 ? ? 'X-RAY DIFFRACTION' ? 
c_mcangle_it       4.16  2.00 ? ? 'X-RAY DIFFRACTION' ? 
c_scbond_it        6.33  2.00 ? ? 'X-RAY DIFFRACTION' ? 
c_scangle_it       8.26  2.50 ? ? 'X-RAY DIFFRACTION' ? 
# 
_refine_ls_shell.pdbx_total_number_of_bins_used   6 
_refine_ls_shell.d_res_high                       1.75 
_refine_ls_shell.d_res_low                        1.86 
_refine_ls_shell.number_reflns_R_work             2962 
_refine_ls_shell.R_factor_R_work                  0.358 
_refine_ls_shell.percent_reflns_obs               99.9 
_refine_ls_shell.R_factor_R_free                  0.343 
_refine_ls_shell.R_factor_R_free_error            0.019 
_refine_ls_shell.percent_reflns_R_free            9.8 
_refine_ls_shell.number_reflns_R_free             320 
_refine_ls_shell.number_reflns_obs                ? 
_refine_ls_shell.redundancy_reflns_obs            ? 
_refine_ls_shell.number_reflns_all                ? 
_refine_ls_shell.pdbx_refine_id                   'X-RAY DIFFRACTION' 
_refine_ls_shell.R_factor_all                     ? 
# 
loop_
_pdbx_xplor_file.serial_no 
_pdbx_xplor_file.param_file 
_pdbx_xplor_file.topol_file 
_pdbx_xplor_file.pdbx_refine_id 
1 PROTEIN_REP.PARAM PROTEIN.TOP   'X-RAY DIFFRACTION' 
2 ION.PARAM         ION.TOP       'X-RAY DIFFRACTION' 
3 WATER_REP.PARAM   WATER.TOP     'X-RAY DIFFRACTION' 
4 THRSA_REP.PARAM   THRSA_REP.TOP 'X-RAY DIFFRACTION' 
# 
_struct.entry_id                  1WK9 
_struct.title                     
'Structural basis for non-cognate amino acid discrimination by the valyl-tRNA synthetase editing domain' 
_struct.pdbx_model_details        ? 
_struct.pdbx_CASP_flag            ? 
_struct.pdbx_model_type_details   ? 
# 
_struct_keywords.entry_id        1WK9 
_struct_keywords.pdbx_keywords   LIGASE 
_struct_keywords.text            
;editing, cp1, valyl-trna synthetase, fidelity, thermus thrmophilus, translation, amino acid, thr-ams, Structural Genomics, RIKEN Structural Genomics/Proteomics Initiative, RSGI, Ligase
;
# 
loop_
_struct_asym.id 
_struct_asym.pdbx_blank_PDB_chainid_flag 
_struct_asym.pdbx_modified 
_struct_asym.entity_id 
_struct_asym.details 
A N N 1 ? 
B N N 2 ? 
C N N 3 ? 
# 
_struct_biol.id                    1 
_struct_biol.pdbx_parent_biol_id   ? 
_struct_biol.details               ? 
# 
loop_
_struct_conf.conf_type_id 
_struct_conf.id 
_struct_conf.pdbx_PDB_helix_id 
_struct_conf.beg_label_comp_id 
_struct_conf.beg_label_asym_id 
_struct_conf.beg_label_seq_id 
_struct_conf.pdbx_beg_PDB_ins_code 
_struct_conf.end_label_comp_id 
_struct_conf.end_label_asym_id 
_struct_conf.end_label_seq_id 
_struct_conf.pdbx_end_PDB_ins_code 
_struct_conf.beg_auth_comp_id 
_struct_conf.beg_auth_asym_id 
_struct_conf.beg_auth_seq_id 
_struct_conf.end_auth_comp_id 
_struct_conf.end_auth_asym_id 
_struct_conf.end_auth_seq_id 
_struct_conf.pdbx_PDB_helix_class 
_struct_conf.details 
_struct_conf.pdbx_PDB_helix_length 
HELX_P HELX_P1 1 ARG A 25  ? ASP A 32  ? ARG A 216 ASP A 223 5 ? 8  
HELX_P HELX_P2 2 TYR A 44  ? LEU A 48  ? TYR A 235 LEU A 239 5 ? 5  
HELX_P HELX_P3 3 ASP A 85  ? GLY A 96  ? ASP A 276 GLY A 287 1 ? 12 
HELX_P HELX_P4 4 PRO A 115 ? ARG A 119 ? PRO A 306 ARG A 310 5 ? 5  
HELX_P HELX_P5 5 ASP A 122 ? ALA A 137 ? ASP A 313 ALA A 328 1 ? 16 
# 
_struct_conf_type.id          HELX_P 
_struct_conf_type.criteria    ? 
_struct_conf_type.reference   ? 
# 
loop_
_struct_sheet.id 
_struct_sheet.type 
_struct_sheet.number_strands 
_struct_sheet.details 
A ? 6 ? 
B ? 3 ? 
# 
loop_
_struct_sheet_order.sheet_id 
_struct_sheet_order.range_id_1 
_struct_sheet_order.range_id_2 
_struct_sheet_order.offset 
_struct_sheet_order.sense 
A 1 2 ? anti-parallel 
A 2 3 ? anti-parallel 
A 3 4 ? anti-parallel 
A 4 5 ? parallel      
A 5 6 ? anti-parallel 
B 1 2 ? anti-parallel 
B 2 3 ? anti-parallel 
# 
loop_
_struct_sheet_range.sheet_id 
_struct_sheet_range.id 
_struct_sheet_range.beg_label_comp_id 
_struct_sheet_range.beg_label_asym_id 
_struct_sheet_range.beg_label_seq_id 
_struct_sheet_range.pdbx_beg_PDB_ins_code 
_struct_sheet_range.end_label_comp_id 
_struct_sheet_range.end_label_asym_id 
_struct_sheet_range.end_label_seq_id 
_struct_sheet_range.pdbx_end_PDB_ins_code 
_struct_sheet_range.beg_auth_comp_id 
_struct_sheet_range.beg_auth_asym_id 
_struct_sheet_range.beg_auth_seq_id 
_struct_sheet_range.end_auth_comp_id 
_struct_sheet_range.end_auth_asym_id 
_struct_sheet_range.end_auth_seq_id 
A 1 PHE A 18  ? THR A 23  ? PHE A 209 THR A 214 
A 2 LYS A 5   ? VAL A 13  ? LYS A 196 VAL A 204 
A 3 ARG A 51  ? ARG A 53  ? ARG A 242 ARG A 244 
A 4 TRP A 60  ? ALA A 65  ? TRP A 251 ALA A 256 
A 5 ALA A 34  ? VAL A 37  ? ALA A 225 VAL A 228 
A 6 LEU A 78  ? VAL A 80  ? LEU A 269 VAL A 271 
B 1 PHE A 18  ? THR A 23  ? PHE A 209 THR A 214 
B 2 LYS A 5   ? VAL A 13  ? LYS A 196 VAL A 204 
B 3 LEU A 140 ? ASP A 145 ? LEU A 331 ASP A 336 
# 
loop_
_pdbx_struct_sheet_hbond.sheet_id 
_pdbx_struct_sheet_hbond.range_id_1 
_pdbx_struct_sheet_hbond.range_id_2 
_pdbx_struct_sheet_hbond.range_1_label_atom_id 
_pdbx_struct_sheet_hbond.range_1_label_comp_id 
_pdbx_struct_sheet_hbond.range_1_label_asym_id 
_pdbx_struct_sheet_hbond.range_1_label_seq_id 
_pdbx_struct_sheet_hbond.range_1_PDB_ins_code 
_pdbx_struct_sheet_hbond.range_1_auth_atom_id 
_pdbx_struct_sheet_hbond.range_1_auth_comp_id 
_pdbx_struct_sheet_hbond.range_1_auth_asym_id 
_pdbx_struct_sheet_hbond.range_1_auth_seq_id 
_pdbx_struct_sheet_hbond.range_2_label_atom_id 
_pdbx_struct_sheet_hbond.range_2_label_comp_id 
_pdbx_struct_sheet_hbond.range_2_label_asym_id 
_pdbx_struct_sheet_hbond.range_2_label_seq_id 
_pdbx_struct_sheet_hbond.range_2_PDB_ins_code 
_pdbx_struct_sheet_hbond.range_2_auth_atom_id 
_pdbx_struct_sheet_hbond.range_2_auth_comp_id 
_pdbx_struct_sheet_hbond.range_2_auth_asym_id 
_pdbx_struct_sheet_hbond.range_2_auth_seq_id 
A 1 2 O ILE A 21 ? O ILE A 212 N LEU A 9   ? N LEU A 200 
A 2 3 N GLU A 12 ? N GLU A 203 O ARG A 53  ? O ARG A 244 
A 3 4 N ALA A 52 ? N ALA A 243 O ILE A 61  ? O ILE A 252 
A 4 5 O LEU A 64 ? O LEU A 255 N ILE A 35  ? N ILE A 226 
A 5 6 N ALA A 36 ? N ALA A 227 O LEU A 78  ? O LEU A 269 
B 1 2 O ILE A 21 ? O ILE A 212 N LEU A 9   ? N LEU A 200 
B 2 3 N LEU A 6  ? N LEU A 197 O GLU A 144 ? O GLU A 335 
# 
_struct_site.id                   AC1 
_struct_site.pdbx_evidence_code   Software 
_struct_site.pdbx_auth_asym_id    A 
_struct_site.pdbx_auth_comp_id    TSB 
_struct_site.pdbx_auth_seq_id     999 
_struct_site.pdbx_auth_ins_code   ? 
_struct_site.pdbx_num_residues    15 
_struct_site.details              'BINDING SITE FOR RESIDUE TSB A 999' 
# 
loop_
_struct_site_gen.id 
_struct_site_gen.site_id 
_struct_site_gen.pdbx_num_res 
_struct_site_gen.label_comp_id 
_struct_site_gen.label_asym_id 
_struct_site_gen.label_seq_id 
_struct_site_gen.pdbx_auth_ins_code 
_struct_site_gen.auth_comp_id 
_struct_site_gen.auth_asym_id 
_struct_site_gen.auth_seq_id 
_struct_site_gen.label_atom_id 
_struct_site_gen.label_alt_id 
_struct_site_gen.symmetry 
_struct_site_gen.details 
1  AC1 15 HOH C .  ? HOH A 57  . ? 1_555  ? 
2  AC1 15 HOH C .  ? HOH A 117 . ? 1_555  ? 
3  AC1 15 HOH C .  ? HOH A 136 . ? 1_555  ? 
4  AC1 15 THR A 23 ? THR A 214 . ? 1_555  ? 
5  AC1 15 VAL A 24 ? VAL A 215 . ? 1_555  ? 
6  AC1 15 THR A 28 ? THR A 219 . ? 1_555  ? 
7  AC1 15 GLU A 70 ? GLU A 261 . ? 1_555  ? 
8  AC1 15 PHE A 73 ? PHE A 264 . ? 1_555  ? 
9  AC1 15 LEU A 78 ? LEU A 269 . ? 1_555  ? 
10 AC1 15 LYS A 79 ? LYS A 270 . ? 1_555  ? 
11 AC1 15 THR A 81 ? THR A 272 . ? 1_555  ? 
12 AC1 15 ASP A 85 ? ASP A 276 . ? 1_555  ? 
13 AC1 15 PRO A 86 ? PRO A 277 . ? 11_656 ? 
14 AC1 15 LEU A 87 ? LEU A 278 . ? 1_555  ? 
15 AC1 15 ASP A 88 ? ASP A 279 . ? 1_555  ? 
# 
_atom_sites.entry_id                    1WK9 
_atom_sites.fract_transf_matrix[1][1]   -0.01099377 
_atom_sites.fract_transf_matrix[1][2]   0.00317943 
_atom_sites.fract_transf_matrix[1][3]   -0.00390452 
_atom_sites.fract_transf_matrix[2][1]   -0.00318586 
_atom_sites.fract_transf_matrix[2][2]   0.01166192 
_atom_sites.fract_transf_matrix[2][3]   -0.00025749 
_atom_sites.fract_transf_matrix[3][1]   0.00488410 
_atom_sites.fract_transf_matrix[3][2]   0.00104949 
_atom_sites.fract_transf_matrix[3][3]   -0.01289731 
_atom_sites.fract_transf_vector[1]      1.672613 
_atom_sites.fract_transf_vector[2]      2.076079 
_atom_sites.fract_transf_vector[3]      0.732232 
# 
loop_
_atom_type.symbol 
C 
N 
O 
S 
# 
loop_
_atom_site.group_PDB 
_atom_site.id 
_atom_site.type_symbol 
_atom_site.label_atom_id 
_atom_site.label_alt_id 
_atom_site.label_comp_id 
_atom_site.label_asym_id 
_atom_site.label_entity_id 
_atom_site.label_seq_id 
_atom_site.pdbx_PDB_ins_code 
_atom_site.Cartn_x 
_atom_site.Cartn_y 
_atom_site.Cartn_z 
_atom_site.occupancy 
_atom_site.B_iso_or_equiv 
_atom_site.pdbx_formal_charge 
_atom_site.auth_seq_id 
_atom_site.auth_comp_id 
_atom_site.auth_asym_id 
_atom_site.auth_atom_id 
_atom_site.pdbx_PDB_model_num 
ATOM   1    N N     . GLY A 1 4   ? 16.793  -1.425  -8.495  1.00 50.83 ? 195 GLY A N     1 
ATOM   2    C CA    . GLY A 1 4   ? 15.370  -1.590  -8.058  1.00 46.38 ? 195 GLY A CA    1 
ATOM   3    C C     . GLY A 1 4   ? 14.388  -0.939  -9.017  1.00 38.39 ? 195 GLY A C     1 
ATOM   4    O O     . GLY A 1 4   ? 14.793  -0.284  -9.994  1.00 36.62 ? 195 GLY A O     1 
ATOM   5    N N     . LYS A 1 5   ? 13.094  -1.108  -8.744  1.00 25.76 ? 196 LYS A N     1 
ATOM   6    C CA    . LYS A 1 5   ? 12.063  -0.533  -9.605  1.00 21.18 ? 196 LYS A CA    1 
ATOM   7    C C     . LYS A 1 5   ? 10.921  0.136   -8.853  1.00 19.66 ? 196 LYS A C     1 
ATOM   8    O O     . LYS A 1 5   ? 10.654  -0.180  -7.697  1.00 18.97 ? 196 LYS A O     1 
ATOM   9    C CB    . LYS A 1 5   ? 11.465  -1.613  -10.489 1.00 26.23 ? 196 LYS A CB    1 
ATOM   10   C CG    . LYS A 1 5   ? 12.451  -2.275  -11.427 1.00 30.75 ? 196 LYS A CG    1 
ATOM   11   C CD    . LYS A 1 5   ? 11.711  -3.142  -12.417 1.00 39.06 ? 196 LYS A CD    1 
ATOM   12   C CE    . LYS A 1 5   ? 12.647  -3.664  -13.490 1.00 48.97 ? 196 LYS A CE    1 
ATOM   13   N NZ    . LYS A 1 5   ? 11.857  -4.154  -14.649 1.00 55.78 ? 196 LYS A NZ    1 
ATOM   14   N N     . LEU A 1 6   ? 10.221  1.047   -9.524  1.00 17.06 ? 197 LEU A N     1 
ATOM   15   C CA    . LEU A 1 6   ? 9.086   1.704   -8.890  1.00 18.82 ? 197 LEU A CA    1 
ATOM   16   C C     . LEU A 1 6   ? 7.837   1.148   -9.529  1.00 19.76 ? 197 LEU A C     1 
ATOM   17   O O     . LEU A 1 6   ? 7.684   1.199   -10.756 1.00 19.48 ? 197 LEU A O     1 
ATOM   18   C CB    . LEU A 1 6   ? 9.137   3.224   -9.073  1.00 22.57 ? 197 LEU A CB    1 
ATOM   19   C CG    . LEU A 1 6   ? 7.942   3.989   -8.480  1.00 22.91 ? 197 LEU A CG    1 
ATOM   20   C CD1   . LEU A 1 6   ? 7.973   3.909   -6.957  1.00 14.75 ? 197 LEU A CD1   1 
ATOM   21   C CD2   . LEU A 1 6   ? 7.993   5.459   -8.950  1.00 23.66 ? 197 LEU A CD2   1 
ATOM   22   N N     . TYR A 1 7   ? 6.948   0.603   -8.702  1.00 13.56 ? 198 TYR A N     1 
ATOM   23   C CA    . TYR A 1 7   ? 5.702   0.031   -9.193  1.00 11.88 ? 198 TYR A CA    1 
ATOM   24   C C     . TYR A 1 7   ? 4.524   0.905   -8.860  1.00 18.06 ? 198 TYR A C     1 
ATOM   25   O O     . TYR A 1 7   ? 4.427   1.434   -7.758  1.00 19.29 ? 198 TYR A O     1 
ATOM   26   C CB    . TYR A 1 7   ? 5.438   -1.349  -8.566  1.00 17.85 ? 198 TYR A CB    1 
ATOM   27   C CG    . TYR A 1 7   ? 6.570   -2.321  -8.735  1.00 16.78 ? 198 TYR A CG    1 
ATOM   28   C CD1   . TYR A 1 7   ? 6.766   -3.000  -9.941  1.00 15.48 ? 198 TYR A CD1   1 
ATOM   29   C CD2   . TYR A 1 7   ? 7.490   -2.499  -7.725  1.00 12.09 ? 198 TYR A CD2   1 
ATOM   30   C CE1   . TYR A 1 7   ? 7.872   -3.842  -10.126 1.00 15.71 ? 198 TYR A CE1   1 
ATOM   31   C CE2   . TYR A 1 7   ? 8.607   -3.321  -7.900  1.00 16.03 ? 198 TYR A CE2   1 
ATOM   32   C CZ    . TYR A 1 7   ? 8.790   -3.984  -9.097  1.00 13.82 ? 198 TYR A CZ    1 
ATOM   33   O OH    . TYR A 1 7   ? 9.924   -4.750  -9.267  1.00 21.70 ? 198 TYR A OH    1 
ATOM   34   N N     . THR A 1 8   ? 3.615   1.041   -9.811  1.00 16.19 ? 199 THR A N     1 
ATOM   35   C CA    . THR A 1 8   ? 2.394   1.794   -9.580  1.00 13.61 ? 199 THR A CA    1 
ATOM   36   C C     . THR A 1 8   ? 1.278   0.746   -9.621  1.00 13.14 ? 199 THR A C     1 
ATOM   37   O O     . THR A 1 8   ? 1.127   -0.002  -10.591 1.00 17.79 ? 199 THR A O     1 
ATOM   38   C CB    . THR A 1 8   ? 2.173   2.830   -10.660 1.00 15.97 ? 199 THR A CB    1 
ATOM   39   O OG1   . THR A 1 8   ? 3.269   3.737   -10.656 1.00 14.23 ? 199 THR A OG1   1 
ATOM   40   C CG2   . THR A 1 8   ? 0.894   3.599   -10.407 1.00 11.77 ? 199 THR A CG2   1 
ATOM   41   N N     . LEU A 1 9   ? 0.509   0.691   -8.547  1.00 12.64 ? 200 LEU A N     1 
ATOM   42   C CA    . LEU A 1 9   ? -0.567  -0.265  -8.422  1.00 13.05 ? 200 LEU A CA    1 
ATOM   43   C C     . LEU A 1 9   ? -1.889  0.447   -8.355  1.00 17.56 ? 200 LEU A C     1 
ATOM   44   O O     . LEU A 1 9   ? -1.951  1.603   -7.900  1.00 20.74 ? 200 LEU A O     1 
ATOM   45   C CB    . LEU A 1 9   ? -0.363  -1.037  -7.124  1.00 12.03 ? 200 LEU A CB    1 
ATOM   46   C CG    . LEU A 1 9   ? 0.976   -1.751  -6.984  1.00 15.15 ? 200 LEU A CG    1 
ATOM   47   C CD1   . LEU A 1 9   ? 1.129   -2.285  -5.567  1.00 12.59 ? 200 LEU A CD1   1 
ATOM   48   C CD2   . LEU A 1 9   ? 1.003   -2.909  -7.950  1.00 14.39 ? 200 LEU A CD2   1 
ATOM   49   N N     . ARG A 1 10  ? -2.947  -0.229  -8.800  1.00 13.63 ? 201 ARG A N     1 
ATOM   50   C CA    . ARG A 1 10  ? -4.286  0.330   -8.724  1.00 17.27 ? 201 ARG A CA    1 
ATOM   51   C C     . ARG A 1 10  ? -5.051  -0.437  -7.630  1.00 14.93 ? 201 ARG A C     1 
ATOM   52   O O     . ARG A 1 10  ? -5.119  -1.664  -7.634  1.00 17.11 ? 201 ARG A O     1 
ATOM   53   C CB    . ARG A 1 10  ? -5.026  0.231   -10.082 1.00 15.81 ? 201 ARG A CB    1 
ATOM   54   C CG    . ARG A 1 10  ? -5.245  -1.197  -10.592 1.00 24.59 ? 201 ARG A CG    1 
ATOM   55   C CD    . ARG A 1 10  ? -6.141  -1.252  -11.860 1.00 27.65 ? 201 ARG A CD    1 
ATOM   56   N NE    . ARG A 1 10  ? -5.590  -0.474  -12.964 1.00 34.67 ? 201 ARG A NE    1 
ATOM   57   C CZ    . ARG A 1 10  ? -4.694  -0.923  -13.850 1.00 47.07 ? 201 ARG A CZ    1 
ATOM   58   N NH1   . ARG A 1 10  ? -4.225  -2.165  -13.782 1.00 41.47 ? 201 ARG A NH1   1 
ATOM   59   N NH2   . ARG A 1 10  ? -4.260  -0.118  -14.818 1.00 45.61 ? 201 ARG A NH2   1 
ATOM   60   N N     . TYR A 1 11  ? -5.595  0.298   -6.672  1.00 15.32 ? 202 TYR A N     1 
ATOM   61   C CA    . TYR A 1 11  ? -6.371  -0.306  -5.590  1.00 15.04 ? 202 TYR A CA    1 
ATOM   62   C C     . TYR A 1 11  ? -7.818  0.022   -5.863  1.00 14.56 ? 202 TYR A C     1 
ATOM   63   O O     . TYR A 1 11  ? -8.148  1.184   -6.124  1.00 16.07 ? 202 TYR A O     1 
ATOM   64   C CB    . TYR A 1 11  ? -6.032  0.314   -4.236  1.00 12.61 ? 202 TYR A CB    1 
ATOM   65   C CG    . TYR A 1 11  ? -4.732  -0.075  -3.602  1.00 11.83 ? 202 TYR A CG    1 
ATOM   66   C CD1   . TYR A 1 11  ? -4.630  -0.111  -2.225  1.00 11.31 ? 202 TYR A CD1   1 
ATOM   67   C CD2   . TYR A 1 11  ? -3.583  -0.306  -4.354  1.00 18.10 ? 202 TYR A CD2   1 
ATOM   68   C CE1   . TYR A 1 11  ? -3.412  -0.356  -1.583  1.00 12.55 ? 202 TYR A CE1   1 
ATOM   69   C CE2   . TYR A 1 11  ? -2.351  -0.547  -3.716  1.00 11.09 ? 202 TYR A CE2   1 
ATOM   70   C CZ    . TYR A 1 11  ? -2.285  -0.560  -2.332  1.00 13.02 ? 202 TYR A CZ    1 
ATOM   71   O OH    . TYR A 1 11  ? -1.072  -0.721  -1.692  1.00 15.67 ? 202 TYR A OH    1 
ATOM   72   N N     . GLU A 1 12  ? -8.685  -0.977  -5.778  1.00 14.97 ? 203 GLU A N     1 
ATOM   73   C CA    . GLU A 1 12  ? -10.107 -0.743  -6.013  1.00 16.40 ? 203 GLU A CA    1 
ATOM   74   C C     . GLU A 1 12  ? -10.683 0.205   -4.958  1.00 22.79 ? 203 GLU A C     1 
ATOM   75   O O     . GLU A 1 12  ? -10.398 0.060   -3.762  1.00 17.89 ? 203 GLU A O     1 
ATOM   76   C CB    . GLU A 1 12  ? -10.867 -2.073  -5.994  1.00 23.78 ? 203 GLU A CB    1 
ATOM   77   C CG    . GLU A 1 12  ? -11.368 -2.482  -7.390  1.00 57.78 ? 203 GLU A CG    1 
ATOM   78   C CD    . GLU A 1 12  ? -10.996 -3.906  -7.807  1.00 68.23 ? 203 GLU A CD    1 
ATOM   79   O OE1   . GLU A 1 12  ? -9.787  -4.204  -7.944  1.00 77.36 ? 203 GLU A OE1   1 
ATOM   80   O OE2   . GLU A 1 12  ? -11.919 -4.724  -8.007  1.00 74.49 ? 203 GLU A OE2   1 
ATOM   81   N N     . VAL A 1 13  ? -11.482 1.175   -5.409  1.00 16.68 ? 204 VAL A N     1 
ATOM   82   C CA    . VAL A 1 13  ? -12.095 2.147   -4.520  1.00 14.64 ? 204 VAL A CA    1 
ATOM   83   C C     . VAL A 1 13  ? -13.557 1.808   -4.283  1.00 27.73 ? 204 VAL A C     1 
ATOM   84   O O     . VAL A 1 13  ? -14.252 1.334   -5.177  1.00 26.58 ? 204 VAL A O     1 
ATOM   85   C CB    . VAL A 1 13  ? -12.010 3.574   -5.113  1.00 23.54 ? 204 VAL A CB    1 
ATOM   86   C CG1   . VAL A 1 13  ? -12.861 4.531   -4.297  1.00 30.02 ? 204 VAL A CG1   1 
ATOM   87   C CG2   . VAL A 1 13  ? -10.578 4.042   -5.124  1.00 22.63 ? 204 VAL A CG2   1 
ATOM   88   N N     . GLU A 1 14  ? -14.013 2.066   -3.065  1.00 20.52 ? 205 GLU A N     1 
ATOM   89   C CA    . GLU A 1 14  ? -15.383 1.816   -2.671  1.00 21.69 ? 205 GLU A CA    1 
ATOM   90   C C     . GLU A 1 14  ? -16.322 2.592   -3.603  1.00 25.98 ? 205 GLU A C     1 
ATOM   91   O O     . GLU A 1 14  ? -16.157 3.792   -3.801  1.00 25.29 ? 205 GLU A O     1 
ATOM   92   C CB    . GLU A 1 14  ? -15.558 2.265   -1.214  1.00 20.61 ? 205 GLU A CB    1 
ATOM   93   C CG    . GLU A 1 14  ? -16.912 1.967   -0.598  1.00 21.57 ? 205 GLU A CG    1 
ATOM   94   C CD    . GLU A 1 14  ? -17.017 2.555   0.804   1.00 36.47 ? 205 GLU A CD    1 
ATOM   95   O OE1   . GLU A 1 14  ? -18.055 2.337   1.463   1.00 35.65 ? 205 GLU A OE1   1 
ATOM   96   O OE2   . GLU A 1 14  ? -16.060 3.248   1.236   1.00 22.59 ? 205 GLU A OE2   1 
ATOM   97   N N     . GLY A 1 15  ? -17.281 1.897   -4.206  1.00 29.69 ? 206 GLY A N     1 
ATOM   98   C CA    . GLY A 1 15  ? -18.202 2.570   -5.110  1.00 32.48 ? 206 GLY A CA    1 
ATOM   99   C C     . GLY A 1 15  ? -17.837 2.420   -6.581  1.00 37.88 ? 206 GLY A C     1 
ATOM   100  O O     . GLY A 1 15  ? -18.673 2.611   -7.464  1.00 37.15 ? 206 GLY A O     1 
ATOM   101  N N     . GLY A 1 16  ? -16.585 2.078   -6.853  1.00 35.00 ? 207 GLY A N     1 
ATOM   102  C CA    . GLY A 1 16  ? -16.155 1.895   -8.227  1.00 26.04 ? 207 GLY A CA    1 
ATOM   103  C C     . GLY A 1 16  ? -14.911 2.684   -8.545  1.00 27.13 ? 207 GLY A C     1 
ATOM   104  O O     . GLY A 1 16  ? -14.638 3.710   -7.907  1.00 28.50 ? 207 GLY A O     1 
ATOM   105  N N     . GLY A 1 17  ? -14.151 2.208   -9.529  1.00 23.52 ? 208 GLY A N     1 
ATOM   106  C CA    . GLY A 1 17  ? -12.925 2.890   -9.915  1.00 22.97 ? 208 GLY A CA    1 
ATOM   107  C C     . GLY A 1 17  ? -11.710 2.475   -9.090  1.00 22.72 ? 208 GLY A C     1 
ATOM   108  O O     . GLY A 1 17  ? -11.772 1.530   -8.310  1.00 19.30 ? 208 GLY A O     1 
ATOM   109  N N     . PHE A 1 18  ? -10.615 3.215   -9.238  1.00 18.31 ? 209 PHE A N     1 
ATOM   110  C CA    . PHE A 1 18  ? -9.369  2.901   -8.545  1.00 24.18 ? 209 PHE A CA    1 
ATOM   111  C C     . PHE A 1 18  ? -8.590  4.133   -8.104  1.00 22.48 ? 209 PHE A C     1 
ATOM   112  O O     . PHE A 1 18  ? -8.808  5.243   -8.601  1.00 24.12 ? 209 PHE A O     1 
ATOM   113  C CB    . PHE A 1 18  ? -8.440  2.122   -9.483  1.00 19.16 ? 209 PHE A CB    1 
ATOM   114  C CG    . PHE A 1 18  ? -9.022  0.841   -10.009 1.00 21.89 ? 209 PHE A CG    1 
ATOM   115  C CD1   . PHE A 1 18  ? -8.732  -0.372  -9.390  1.00 18.38 ? 209 PHE A CD1   1 
ATOM   116  C CD2   . PHE A 1 18  ? -9.840  0.841   -11.139 1.00 21.08 ? 209 PHE A CD2   1 
ATOM   117  C CE1   . PHE A 1 18  ? -9.251  -1.582  -9.886  1.00 24.93 ? 209 PHE A CE1   1 
ATOM   118  C CE2   . PHE A 1 18  ? -10.364 -0.364  -11.642 1.00 29.13 ? 209 PHE A CE2   1 
ATOM   119  C CZ    . PHE A 1 18  ? -10.068 -1.578  -11.013 1.00 28.22 ? 209 PHE A CZ    1 
ATOM   120  N N     . ILE A 1 19  ? -7.660  3.921   -7.173  1.00 11.76 ? 210 ILE A N     1 
ATOM   121  C CA    . ILE A 1 19  ? -6.771  4.982   -6.770  1.00 14.88 ? 210 ILE A CA    1 
ATOM   122  C C     . ILE A 1 19  ? -5.414  4.327   -6.976  1.00 17.44 ? 210 ILE A C     1 
ATOM   123  O O     . ILE A 1 19  ? -5.216  3.146   -6.643  1.00 18.80 ? 210 ILE A O     1 
ATOM   124  C CB    . ILE A 1 19  ? -7.002  5.457   -5.302  1.00 11.52 ? 210 ILE A CB    1 
ATOM   125  C CG1   . ILE A 1 19  ? -5.971  6.533   -4.939  1.00 10.67 ? 210 ILE A CG1   1 
ATOM   126  C CG2   . ILE A 1 19  ? -6.951  4.274   -4.325  1.00 10.45 ? 210 ILE A CG2   1 
ATOM   127  C CD1   . ILE A 1 19  ? -6.259  7.209   -3.576  1.00 16.01 ? 210 ILE A CD1   1 
ATOM   128  N N     . GLU A 1 20  ? -4.496  5.054   -7.589  1.00 16.76 ? 211 GLU A N     1 
ATOM   129  C CA    . GLU A 1 20  ? -3.170  4.498   -7.849  1.00 11.06 ? 211 GLU A CA    1 
ATOM   130  C C     . GLU A 1 20  ? -2.161  4.934   -6.810  1.00 16.61 ? 211 GLU A C     1 
ATOM   131  O O     . GLU A 1 20  ? -2.153  6.092   -6.370  1.00 15.27 ? 211 GLU A O     1 
ATOM   132  C CB    . GLU A 1 20  ? -2.666  4.906   -9.230  1.00 13.82 ? 211 GLU A CB    1 
ATOM   133  C CG    . GLU A 1 20  ? -3.466  4.279   -10.374 1.00 15.20 ? 211 GLU A CG    1 
ATOM   134  C CD    . GLU A 1 20  ? -3.051  4.792   -11.750 1.00 19.72 ? 211 GLU A CD    1 
ATOM   135  O OE1   . GLU A 1 20  ? -3.643  4.333   -12.738 1.00 23.93 ? 211 GLU A OE1   1 
ATOM   136  O OE2   . GLU A 1 20  ? -2.146  5.649   -11.849 1.00 20.89 ? 211 GLU A OE2   1 
ATOM   137  N N     . ILE A 1 21  ? -1.314  3.981   -6.421  1.00 14.50 ? 212 ILE A N     1 
ATOM   138  C CA    . ILE A 1 21  ? -0.256  4.205   -5.448  1.00 17.03 ? 212 ILE A CA    1 
ATOM   139  C C     . ILE A 1 21  ? 1.045   3.700   -6.041  1.00 14.29 ? 212 ILE A C     1 
ATOM   140  O O     . ILE A 1 21  ? 1.063   2.707   -6.757  1.00 18.72 ? 212 ILE A O     1 
ATOM   141  C CB    . ILE A 1 21  ? -0.482  3.403   -4.132  1.00 18.91 ? 212 ILE A CB    1 
ATOM   142  C CG1   . ILE A 1 21  ? -1.527  4.095   -3.257  1.00 28.80 ? 212 ILE A CG1   1 
ATOM   143  C CG2   . ILE A 1 21  ? 0.796   3.287   -3.348  1.00 34.54 ? 212 ILE A CG2   1 
ATOM   144  C CD1   . ILE A 1 21  ? -2.907  3.870   -3.745  1.00 24.23 ? 212 ILE A CD1   1 
ATOM   145  N N     . ALA A 1 22  ? 2.141   4.360   -5.696  1.00 11.26 ? 213 ALA A N     1 
ATOM   146  C CA    . ALA A 1 22  ? 3.462   3.939   -6.161  1.00 19.23 ? 213 ALA A CA    1 
ATOM   147  C C     . ALA A 1 22  ? 4.270   3.469   -4.958  1.00 16.38 ? 213 ALA A C     1 
ATOM   148  O O     . ALA A 1 22  ? 4.181   4.042   -3.864  1.00 17.99 ? 213 ALA A O     1 
ATOM   149  C CB    . ALA A 1 22  ? 4.173   5.085   -6.829  1.00 18.42 ? 213 ALA A CB    1 
ATOM   150  N N     . THR A 1 23  ? 5.050   2.411   -5.146  1.00 11.40 ? 214 THR A N     1 
ATOM   151  C CA    . THR A 1 23  ? 5.878   1.895   -4.070  1.00 13.37 ? 214 THR A CA    1 
ATOM   152  C C     . THR A 1 23  ? 7.080   1.121   -4.605  1.00 12.56 ? 214 THR A C     1 
ATOM   153  O O     . THR A 1 23  ? 7.044   0.569   -5.719  1.00 14.00 ? 214 THR A O     1 
ATOM   154  C CB    . THR A 1 23  ? 5.079   0.917   -3.158  1.00 9.51  ? 214 THR A CB    1 
ATOM   155  O OG1   . THR A 1 23  ? 5.903   0.501   -2.071  1.00 17.59 ? 214 THR A OG1   1 
ATOM   156  C CG2   . THR A 1 23  ? 4.678   -0.318  -3.933  1.00 9.61  ? 214 THR A CG2   1 
ATOM   157  N N     . VAL A 1 24  ? 8.158   1.088   -3.839  1.00 13.51 ? 215 VAL A N     1 
ATOM   158  C CA    . VAL A 1 24  ? 9.273   0.264   -4.266  1.00 10.64 ? 215 VAL A CA    1 
ATOM   159  C C     . VAL A 1 24  ? 9.279   -0.978  -3.363  1.00 11.63 ? 215 VAL A C     1 
ATOM   160  O O     . VAL A 1 24  ? 10.186  -1.794  -3.426  1.00 11.21 ? 215 VAL A O     1 
ATOM   161  C CB    . VAL A 1 24  ? 10.629  1.015   -4.170  1.00 13.20 ? 215 VAL A CB    1 
ATOM   162  C CG1   . VAL A 1 24  ? 10.600  2.231   -5.105  1.00 15.21 ? 215 VAL A CG1   1 
ATOM   163  C CG2   . VAL A 1 24  ? 10.900  1.474   -2.769  1.00 15.56 ? 215 VAL A CG2   1 
ATOM   164  N N     . ARG A 1 25  ? 8.250   -1.122  -2.528  1.00 9.12  ? 216 ARG A N     1 
ATOM   165  C CA    . ARG A 1 25  ? 8.173   -2.253  -1.591  1.00 12.26 ? 216 ARG A CA    1 
ATOM   166  C C     . ARG A 1 25  ? 6.829   -2.949  -1.715  1.00 13.12 ? 216 ARG A C     1 
ATOM   167  O O     . ARG A 1 25  ? 6.025   -2.982  -0.790  1.00 14.23 ? 216 ARG A O     1 
ATOM   168  C CB    . ARG A 1 25  ? 8.366   -1.740  -0.170  1.00 16.59 ? 216 ARG A CB    1 
ATOM   169  C CG    . ARG A 1 25  ? 9.750   -1.162  0.044   1.00 14.69 ? 216 ARG A CG    1 
ATOM   170  C CD    . ARG A 1 25  ? 10.294  -1.741  1.313   1.00 37.84 ? 216 ARG A CD    1 
ATOM   171  N NE    . ARG A 1 25  ? 9.965   -0.867  2.408   1.00 33.37 ? 216 ARG A NE    1 
ATOM   172  C CZ    . ARG A 1 25  ? 9.844   -1.238  3.677   1.00 32.92 ? 216 ARG A CZ    1 
ATOM   173  N NH1   . ARG A 1 25  ? 10.011  -2.502  4.071   1.00 27.49 ? 216 ARG A NH1   1 
ATOM   174  N NH2   . ARG A 1 25  ? 9.560   -0.303  4.558   1.00 15.75 ? 216 ARG A NH2   1 
ATOM   175  N N     . PRO A 1 26  ? 6.567   -3.506  -2.897  1.00 12.97 ? 217 PRO A N     1 
ATOM   176  C CA    . PRO A 1 26  ? 5.329   -4.210  -3.216  1.00 9.01  ? 217 PRO A CA    1 
ATOM   177  C C     . PRO A 1 26  ? 4.957   -5.303  -2.197  1.00 15.93 ? 217 PRO A C     1 
ATOM   178  O O     . PRO A 1 26  ? 3.779   -5.576  -1.965  1.00 14.72 ? 217 PRO A O     1 
ATOM   179  C CB    . PRO A 1 26  ? 5.592   -4.727  -4.645  1.00 12.22 ? 217 PRO A CB    1 
ATOM   180  C CG    . PRO A 1 26  ? 7.059   -4.841  -4.728  1.00 13.62 ? 217 PRO A CG    1 
ATOM   181  C CD    . PRO A 1 26  ? 7.540   -3.592  -3.996  1.00 14.34 ? 217 PRO A CD    1 
ATOM   182  N N     . GLU A 1 27  ? 5.948   -5.935  -1.583  1.00 12.86 ? 218 GLU A N     1 
ATOM   183  C CA    . GLU A 1 27  ? 5.626   -6.968  -0.621  1.00 17.24 ? 218 GLU A CA    1 
ATOM   184  C C     . GLU A 1 27  ? 4.934   -6.412  0.644   1.00 16.50 ? 218 GLU A C     1 
ATOM   185  O O     . GLU A 1 27  ? 4.264   -7.166  1.332   1.00 14.77 ? 218 GLU A O     1 
ATOM   186  C CB    . GLU A 1 27  ? 6.878   -7.769  -0.215  1.00 13.27 ? 218 GLU A CB    1 
ATOM   187  C CG    . GLU A 1 27  ? 7.850   -6.988  0.660   1.00 19.22 ? 218 GLU A CG    1 
ATOM   188  C CD    . GLU A 1 27  ? 8.564   -5.861  -0.107  1.00 21.74 ? 218 GLU A CD    1 
ATOM   189  O OE1   . GLU A 1 27  ? 9.237   -5.054  0.556   1.00 18.67 ? 218 GLU A OE1   1 
ATOM   190  O OE2   . GLU A 1 27  ? 8.463   -5.789  -1.359  1.00 12.92 ? 218 GLU A OE2   1 
ATOM   191  N N     . THR A 1 28  ? 5.077   -5.116  0.939   1.00 15.21 ? 219 THR A N     1 
ATOM   192  C CA    . THR A 1 28  ? 4.450   -4.554  2.137   1.00 10.10 ? 219 THR A CA    1 
ATOM   193  C C     . THR A 1 28  ? 3.007   -4.090  1.929   1.00 11.44 ? 219 THR A C     1 
ATOM   194  O O     . THR A 1 28  ? 2.333   -3.669  2.875   1.00 8.61  ? 219 THR A O     1 
ATOM   195  C CB    . THR A 1 28  ? 5.244   -3.367  2.697   1.00 11.45 ? 219 THR A CB    1 
ATOM   196  O OG1   . THR A 1 28  ? 5.160   -2.266  1.774   1.00 12.16 ? 219 THR A OG1   1 
ATOM   197  C CG2   . THR A 1 28  ? 6.691   -3.776  2.943   1.00 12.39 ? 219 THR A CG2   1 
ATOM   198  N N     . VAL A 1 29  ? 2.523   -4.179  0.702   1.00 9.60  ? 220 VAL A N     1 
ATOM   199  C CA    . VAL A 1 29  ? 1.160   -3.771  0.398   1.00 9.60  ? 220 VAL A CA    1 
ATOM   200  C C     . VAL A 1 29  ? 0.141   -4.428  1.353   1.00 14.64 ? 220 VAL A C     1 
ATOM   201  O O     . VAL A 1 29  ? -0.852  -3.812  1.781   1.00 9.67  ? 220 VAL A O     1 
ATOM   202  C CB    . VAL A 1 29  ? 0.854   -4.153  -1.069  1.00 12.29 ? 220 VAL A CB    1 
ATOM   203  C CG1   . VAL A 1 29  ? -0.639  -4.142  -1.311  1.00 11.77 ? 220 VAL A CG1   1 
ATOM   204  C CG2   . VAL A 1 29  ? 1.571   -3.136  -2.030  1.00 12.03 ? 220 VAL A CG2   1 
ATOM   205  N N     . PHE A 1 30  ? 0.415   -5.669  1.730   1.00 10.38 ? 221 PHE A N     1 
ATOM   206  C CA    . PHE A 1 30  ? -0.501  -6.397  2.588   1.00 10.80 ? 221 PHE A CA    1 
ATOM   207  C C     . PHE A 1 30  ? -0.601  -5.884  4.005   1.00 14.67 ? 221 PHE A C     1 
ATOM   208  O O     . PHE A 1 30  ? -1.553  -6.228  4.705   1.00 15.48 ? 221 PHE A O     1 
ATOM   209  C CB    . PHE A 1 30  ? -0.138  -7.888  2.547   1.00 11.49 ? 221 PHE A CB    1 
ATOM   210  C CG    . PHE A 1 30  ? 0.063   -8.365  1.166   1.00 13.81 ? 221 PHE A CG    1 
ATOM   211  C CD1   . PHE A 1 30  ? 1.338   -8.661  0.689   1.00 9.61  ? 221 PHE A CD1   1 
ATOM   212  C CD2   . PHE A 1 30  ? -1.005  -8.350  0.276   1.00 14.86 ? 221 PHE A CD2   1 
ATOM   213  C CE1   . PHE A 1 30  ? 1.540   -8.929  -0.660  1.00 12.55 ? 221 PHE A CE1   1 
ATOM   214  C CE2   . PHE A 1 30  ? -0.811  -8.613  -1.069  1.00 12.88 ? 221 PHE A CE2   1 
ATOM   215  C CZ    . PHE A 1 30  ? 0.452   -8.903  -1.541  1.00 13.23 ? 221 PHE A CZ    1 
ATOM   216  N N     . ALA A 1 31  ? 0.361   -5.047  4.416   1.00 13.06 ? 222 ALA A N     1 
ATOM   217  C CA    . ALA A 1 31  ? 0.375   -4.462  5.762   1.00 16.69 ? 222 ALA A CA    1 
ATOM   218  C C     . ALA A 1 31  ? -0.244  -3.066  5.769   1.00 15.65 ? 222 ALA A C     1 
ATOM   219  O O     . ALA A 1 31  ? -0.300  -2.415  6.812   1.00 11.26 ? 222 ALA A O     1 
ATOM   220  C CB    . ALA A 1 31  ? 1.813   -4.381  6.281   1.00 10.68 ? 222 ALA A CB    1 
ATOM   221  N N     . ASP A 1 32  ? -0.691  -2.601  4.607   1.00 10.23 ? 223 ASP A N     1 
ATOM   222  C CA    . ASP A 1 32  ? -1.293  -1.263  4.511   1.00 8.78  ? 223 ASP A CA    1 
ATOM   223  C C     . ASP A 1 32  ? -2.472  -1.093  5.463   1.00 11.35 ? 223 ASP A C     1 
ATOM   224  O O     . ASP A 1 32  ? -3.364  -1.949  5.521   1.00 11.17 ? 223 ASP A O     1 
ATOM   225  C CB    . ASP A 1 32  ? -1.834  -0.980  3.092   1.00 11.29 ? 223 ASP A CB    1 
ATOM   226  C CG    . ASP A 1 32  ? -0.728  -0.861  2.026   1.00 21.77 ? 223 ASP A CG    1 
ATOM   227  O OD1   . ASP A 1 32  ? 0.462   -0.774  2.388   1.00 15.69 ? 223 ASP A OD1   1 
ATOM   228  O OD2   . ASP A 1 32  ? -1.062  -0.835  0.813   1.00 16.51 ? 223 ASP A OD2   1 
ATOM   229  N N     . GLN A 1 33  ? -2.497  0.042   6.154   1.00 8.56  ? 224 GLN A N     1 
ATOM   230  C CA    . GLN A 1 33  ? -3.591  0.352   7.077   1.00 7.56  ? 224 GLN A CA    1 
ATOM   231  C C     . GLN A 1 33  ? -4.365  1.588   6.656   1.00 10.23 ? 224 GLN A C     1 
ATOM   232  O O     . GLN A 1 33  ? -5.370  1.894   7.251   1.00 12.84 ? 224 GLN A O     1 
ATOM   233  C CB    . GLN A 1 33  ? -3.054  0.508   8.502   1.00 9.90  ? 224 GLN A CB    1 
ATOM   234  C CG    . GLN A 1 33  ? -2.754  -0.877  9.106   1.00 12.22 ? 224 GLN A CG    1 
ATOM   235  C CD    . GLN A 1 33  ? -4.028  -1.639  9.491   1.00 15.88 ? 224 GLN A CD    1 
ATOM   236  O OE1   . GLN A 1 33  ? -4.378  -1.706  10.665  1.00 29.87 ? 224 GLN A OE1   1 
ATOM   237  N NE2   . GLN A 1 33  ? -4.733  -2.184  8.507   1.00 20.18 ? 224 GLN A NE2   1 
ATOM   238  N N     . ALA A 1 34  ? -3.883  2.297   5.637   1.00 10.28 ? 225 ALA A N     1 
ATOM   239  C CA    . ALA A 1 34  ? -4.557  3.485   5.122   1.00 15.70 ? 225 ALA A CA    1 
ATOM   240  C C     . ALA A 1 34  ? -3.925  3.924   3.817   1.00 14.19 ? 225 ALA A C     1 
ATOM   241  O O     . ALA A 1 34  ? -2.847  3.467   3.440   1.00 12.65 ? 225 ALA A O     1 
ATOM   242  C CB    . ALA A 1 34  ? -4.429  4.661   6.130   1.00 10.83 ? 225 ALA A CB    1 
ATOM   243  N N     . ILE A 1 35  ? -4.629  4.789   3.095   1.00 12.05 ? 226 ILE A N     1 
ATOM   244  C CA    . ILE A 1 35  ? -4.007  5.408   1.933   1.00 10.26 ? 226 ILE A CA    1 
ATOM   245  C C     . ILE A 1 35  ? -4.154  6.872   2.413   1.00 9.16  ? 226 ILE A C     1 
ATOM   246  O O     . ILE A 1 35  ? -5.256  7.324   2.736   1.00 13.81 ? 226 ILE A O     1 
ATOM   247  C CB    . ILE A 1 35  ? -4.785  5.279   0.625   1.00 9.33  ? 226 ILE A CB    1 
ATOM   248  C CG1   . ILE A 1 35  ? -4.854  3.811   0.156   1.00 11.67 ? 226 ILE A CG1   1 
ATOM   249  C CG2   . ILE A 1 35  ? -4.142  6.205   -0.441  1.00 9.12  ? 226 ILE A CG2   1 
ATOM   250  C CD1   . ILE A 1 35  ? -3.549  3.111   0.132   1.00 19.27 ? 226 ILE A CD1   1 
ATOM   251  N N     . ALA A 1 36  ? -3.050  7.600   2.469   1.00 11.69 ? 227 ALA A N     1 
ATOM   252  C CA    . ALA A 1 36  ? -3.086  8.993   2.885   1.00 14.80 ? 227 ALA A CA    1 
ATOM   253  C C     . ALA A 1 36  ? -2.871  9.928   1.673   1.00 12.23 ? 227 ALA A C     1 
ATOM   254  O O     . ALA A 1 36  ? -2.043  9.650   0.799   1.00 12.84 ? 227 ALA A O     1 
ATOM   255  C CB    . ALA A 1 36  ? -2.005  9.234   3.906   1.00 11.99 ? 227 ALA A CB    1 
ATOM   256  N N     . VAL A 1 37  ? -3.611  11.029  1.637   1.00 13.55 ? 228 VAL A N     1 
ATOM   257  C CA    . VAL A 1 37  ? -3.468  12.019  0.561   1.00 18.55 ? 228 VAL A CA    1 
ATOM   258  C C     . VAL A 1 37  ? -3.447  13.381  1.232   1.00 11.99 ? 228 VAL A C     1 
ATOM   259  O O     . VAL A 1 37  ? -3.919  13.531  2.361   1.00 18.26 ? 228 VAL A O     1 
ATOM   260  C CB    . VAL A 1 37  ? -4.654  11.984  -0.449  1.00 15.88 ? 228 VAL A CB    1 
ATOM   261  C CG1   . VAL A 1 37  ? -4.663  10.664  -1.224  1.00 14.00 ? 228 VAL A CG1   1 
ATOM   262  C CG2   . VAL A 1 37  ? -5.981  12.161  0.296   1.00 14.24 ? 228 VAL A CG2   1 
ATOM   263  N N     . HIS A 1 38  ? -2.886  14.365  0.555   1.00 14.58 ? 229 HIS A N     1 
ATOM   264  C CA    . HIS A 1 38  ? -2.837  15.711  1.116   1.00 14.73 ? 229 HIS A CA    1 
ATOM   265  C C     . HIS A 1 38  ? -4.261  16.238  0.992   1.00 16.30 ? 229 HIS A C     1 
ATOM   266  O O     . HIS A 1 38  ? -4.912  16.052  -0.040  1.00 15.92 ? 229 HIS A O     1 
ATOM   267  C CB    . HIS A 1 38  ? -1.883  16.589  0.320   1.00 13.15 ? 229 HIS A CB    1 
ATOM   268  C CG    . HIS A 1 38  ? -1.735  17.968  0.885   1.00 20.57 ? 229 HIS A CG    1 
ATOM   269  N ND1   . HIS A 1 38  ? -0.670  18.342  1.675   1.00 29.35 ? 229 HIS A ND1   1 
ATOM   270  C CD2   . HIS A 1 38  ? -2.543  19.052  0.804   1.00 14.90 ? 229 HIS A CD2   1 
ATOM   271  C CE1   . HIS A 1 38  ? -0.825  19.599  2.058   1.00 20.57 ? 229 HIS A CE1   1 
ATOM   272  N NE2   . HIS A 1 38  ? -1.954  20.053  1.543   1.00 29.87 ? 229 HIS A NE2   1 
ATOM   273  N N     . PRO A 1 39  ? -4.769  16.904  2.036   1.00 14.44 ? 230 PRO A N     1 
ATOM   274  C CA    . PRO A 1 39  ? -6.145  17.408  1.947   1.00 16.07 ? 230 PRO A CA    1 
ATOM   275  C C     . PRO A 1 39  ? -6.456  18.377  0.800   1.00 16.00 ? 230 PRO A C     1 
ATOM   276  O O     . PRO A 1 39  ? -7.607  18.498  0.374   1.00 18.92 ? 230 PRO A O     1 
ATOM   277  C CB    . PRO A 1 39  ? -6.383  18.029  3.327   1.00 14.24 ? 230 PRO A CB    1 
ATOM   278  C CG    . PRO A 1 39  ? -5.035  18.491  3.728   1.00 24.65 ? 230 PRO A CG    1 
ATOM   279  C CD    . PRO A 1 39  ? -4.105  17.365  3.270   1.00 13.94 ? 230 PRO A CD    1 
ATOM   280  N N     . GLU A 1 40  ? -5.445  19.050  0.277   1.00 18.93 ? 231 GLU A N     1 
ATOM   281  C CA    . GLU A 1 40  ? -5.698  19.992  -0.805  1.00 18.56 ? 231 GLU A CA    1 
ATOM   282  C C     . GLU A 1 40  ? -5.525  19.407  -2.205  1.00 22.93 ? 231 GLU A C     1 
ATOM   283  O O     . GLU A 1 40  ? -5.732  20.111  -3.190  1.00 22.00 ? 231 GLU A O     1 
ATOM   284  C CB    . GLU A 1 40  ? -4.787  21.202  -0.619  1.00 23.72 ? 231 GLU A CB    1 
ATOM   285  C CG    . GLU A 1 40  ? -5.084  21.902  0.707   1.00 29.42 ? 231 GLU A CG    1 
ATOM   286  C CD    . GLU A 1 40  ? -4.126  23.036  1.015   1.00 47.63 ? 231 GLU A CD    1 
ATOM   287  O OE1   . GLU A 1 40  ? -4.236  23.615  2.120   1.00 49.46 ? 231 GLU A OE1   1 
ATOM   288  O OE2   . GLU A 1 40  ? -3.264  23.345  0.159   1.00 50.61 ? 231 GLU A OE2   1 
ATOM   289  N N     . ASP A 1 41  ? -5.181  18.122  -2.306  1.00 21.29 ? 232 ASP A N     1 
ATOM   290  C CA    . ASP A 1 41  ? -4.951  17.512  -3.621  1.00 17.14 ? 232 ASP A CA    1 
ATOM   291  C C     . ASP A 1 41  ? -6.265  17.229  -4.346  1.00 17.09 ? 232 ASP A C     1 
ATOM   292  O O     . ASP A 1 41  ? -6.998  16.325  -3.974  1.00 14.35 ? 232 ASP A O     1 
ATOM   293  C CB    . ASP A 1 41  ? -4.149  16.209  -3.454  1.00 24.52 ? 232 ASP A CB    1 
ATOM   294  C CG    . ASP A 1 41  ? -3.584  15.670  -4.783  1.00 16.97 ? 232 ASP A CG    1 
ATOM   295  O OD1   . ASP A 1 41  ? -4.187  15.918  -5.852  1.00 15.35 ? 232 ASP A OD1   1 
ATOM   296  O OD2   . ASP A 1 41  ? -2.542  14.969  -4.736  1.00 17.09 ? 232 ASP A OD2   1 
ATOM   297  N N     . GLU A 1 42  ? -6.551  18.001  -5.390  1.00 12.81 ? 233 GLU A N     1 
ATOM   298  C CA    . GLU A 1 42  ? -7.784  17.845  -6.153  1.00 18.15 ? 233 GLU A CA    1 
ATOM   299  C C     . GLU A 1 42  ? -7.984  16.467  -6.774  1.00 15.14 ? 233 GLU A C     1 
ATOM   300  O O     . GLU A 1 42  ? -9.110  16.055  -7.089  1.00 14.27 ? 233 GLU A O     1 
ATOM   301  C CB    . GLU A 1 42  ? -7.845  18.901  -7.263  1.00 15.58 ? 233 GLU A CB    1 
ATOM   302  C CG    . GLU A 1 42  ? -7.915  20.348  -6.722  1.00 17.04 ? 233 GLU A CG    1 
ATOM   303  C CD    . GLU A 1 42  ? -6.550  21.007  -6.553  1.00 22.63 ? 233 GLU A CD    1 
ATOM   304  O OE1   . GLU A 1 42  ? -5.522  20.317  -6.693  1.00 23.47 ? 233 GLU A OE1   1 
ATOM   305  O OE2   . GLU A 1 42  ? -6.503  22.230  -6.273  1.00 18.89 ? 233 GLU A OE2   1 
ATOM   306  N N     . ARG A 1 43  ? -6.899  15.747  -6.972  1.00 17.66 ? 234 ARG A N     1 
ATOM   307  C CA    . ARG A 1 43  ? -7.045  14.433  -7.578  1.00 12.70 ? 234 ARG A CA    1 
ATOM   308  C C     . ARG A 1 43  ? -7.770  13.468  -6.658  1.00 15.58 ? 234 ARG A C     1 
ATOM   309  O O     . ARG A 1 43  ? -8.503  12.604  -7.129  1.00 11.71 ? 234 ARG A O     1 
ATOM   310  C CB    . ARG A 1 43  ? -5.669  13.858  -7.945  1.00 16.86 ? 234 ARG A CB    1 
ATOM   311  C CG    . ARG A 1 43  ? -4.928  14.635  -9.046  1.00 12.16 ? 234 ARG A CG    1 
ATOM   312  C CD    . ARG A 1 43  ? -3.468  14.184  -9.171  1.00 17.56 ? 234 ARG A CD    1 
ATOM   313  N NE    . ARG A 1 43  ? -2.720  14.389  -7.932  1.00 16.82 ? 234 ARG A NE    1 
ATOM   314  C CZ    . ARG A 1 43  ? -1.416  14.143  -7.793  1.00 12.36 ? 234 ARG A CZ    1 
ATOM   315  N NH1   . ARG A 1 43  ? -0.706  13.678  -8.821  1.00 10.92 ? 234 ARG A NH1   1 
ATOM   316  N NH2   . ARG A 1 43  ? -0.817  14.368  -6.628  1.00 15.33 ? 234 ARG A NH2   1 
ATOM   317  N N     . TYR A 1 44  ? -7.581  13.615  -5.353  1.00 14.56 ? 235 TYR A N     1 
ATOM   318  C CA    . TYR A 1 44  ? -8.194  12.676  -4.410  1.00 15.17 ? 235 TYR A CA    1 
ATOM   319  C C     . TYR A 1 44  ? -9.156  13.223  -3.381  1.00 9.56  ? 235 TYR A C     1 
ATOM   320  O O     . TYR A 1 44  ? -9.736  12.448  -2.618  1.00 13.30 ? 235 TYR A O     1 
ATOM   321  C CB    . TYR A 1 44  ? -7.092  11.928  -3.679  1.00 13.85 ? 235 TYR A CB    1 
ATOM   322  C CG    . TYR A 1 44  ? -5.989  11.479  -4.617  1.00 15.03 ? 235 TYR A CG    1 
ATOM   323  C CD1   . TYR A 1 44  ? -4.709  12.033  -4.532  1.00 9.85  ? 235 TYR A CD1   1 
ATOM   324  C CD2   . TYR A 1 44  ? -6.234  10.520  -5.590  1.00 11.06 ? 235 TYR A CD2   1 
ATOM   325  C CE1   . TYR A 1 44  ? -3.695  11.642  -5.407  1.00 15.83 ? 235 TYR A CE1   1 
ATOM   326  C CE2   . TYR A 1 44  ? -5.229  10.110  -6.472  1.00 17.92 ? 235 TYR A CE2   1 
ATOM   327  C CZ    . TYR A 1 44  ? -3.967  10.674  -6.379  1.00 12.60 ? 235 TYR A CZ    1 
ATOM   328  O OH    . TYR A 1 44  ? -2.970  10.306  -7.257  1.00 18.37 ? 235 TYR A OH    1 
ATOM   329  N N     . ARG A 1 45  ? -9.365  14.537  -3.351  1.00 15.47 ? 236 ARG A N     1 
ATOM   330  C CA    . ARG A 1 45  ? -10.252 15.107  -2.339  1.00 16.46 ? 236 ARG A CA    1 
ATOM   331  C C     . ARG A 1 45  ? -11.595 14.422  -2.206  1.00 15.50 ? 236 ARG A C     1 
ATOM   332  O O     . ARG A 1 45  ? -12.054 14.193  -1.095  1.00 18.48 ? 236 ARG A O     1 
ATOM   333  C CB    . ARG A 1 45  ? -10.487 16.611  -2.599  1.00 23.40 ? 236 ARG A CB    1 
ATOM   334  C CG    . ARG A 1 45  ? -9.378  17.519  -2.089  1.00 30.27 ? 236 ARG A CG    1 
ATOM   335  C CD    . ARG A 1 45  ? -9.726  18.993  -2.294  1.00 28.02 ? 236 ARG A CD    1 
ATOM   336  N NE    . ARG A 1 45  ? -10.935 19.373  -1.563  1.00 34.91 ? 236 ARG A NE    1 
ATOM   337  C CZ    . ARG A 1 45  ? -10.962 19.686  -0.272  1.00 30.99 ? 236 ARG A CZ    1 
ATOM   338  N NH1   . ARG A 1 45  ? -9.849  19.671  0.440   1.00 38.03 ? 236 ARG A NH1   1 
ATOM   339  N NH2   . ARG A 1 45  ? -12.101 20.013  0.313   1.00 41.91 ? 236 ARG A NH2   1 
ATOM   340  N N     . HIS A 1 46  ? -12.219 14.073  -3.328  1.00 15.94 ? 237 HIS A N     1 
ATOM   341  C CA    . HIS A 1 46  ? -13.534 13.456  -3.285  1.00 19.22 ? 237 HIS A CA    1 
ATOM   342  C C     . HIS A 1 46  ? -13.485 12.017  -2.734  1.00 16.06 ? 237 HIS A C     1 
ATOM   343  O O     . HIS A 1 46  ? -14.518 11.425  -2.456  1.00 17.65 ? 237 HIS A O     1 
ATOM   344  C CB    . HIS A 1 46  ? -14.139 13.443  -4.691  1.00 17.91 ? 237 HIS A CB    1 
ATOM   345  C CG    . HIS A 1 46  ? -13.351 12.630  -5.671  1.00 15.37 ? 237 HIS A CG    1 
ATOM   346  N ND1   . HIS A 1 46  ? -12.138 13.043  -6.172  1.00 13.33 ? 237 HIS A ND1   1 
ATOM   347  C CD2   . HIS A 1 46  ? -13.599 11.422  -6.235  1.00 12.80 ? 237 HIS A CD2   1 
ATOM   348  C CE1   . HIS A 1 46  ? -11.674 12.129  -7.007  1.00 17.28 ? 237 HIS A CE1   1 
ATOM   349  N NE2   . HIS A 1 46  ? -12.543 11.137  -7.061  1.00 21.25 ? 237 HIS A NE2   1 
ATOM   350  N N     . LEU A 1 47  ? -12.289 11.456  -2.604  1.00 15.00 ? 238 LEU A N     1 
ATOM   351  C CA    . LEU A 1 47  ? -12.152 10.097  -2.087  1.00 15.64 ? 238 LEU A CA    1 
ATOM   352  C C     . LEU A 1 47  ? -11.932 10.082  -0.583  1.00 16.21 ? 238 LEU A C     1 
ATOM   353  O O     . LEU A 1 47  ? -11.958 9.006   0.045   1.00 16.81 ? 238 LEU A O     1 
ATOM   354  C CB    . LEU A 1 47  ? -10.986 9.389   -2.765  1.00 12.81 ? 238 LEU A CB    1 
ATOM   355  C CG    . LEU A 1 47  ? -11.103 9.231   -4.278  1.00 14.72 ? 238 LEU A CG    1 
ATOM   356  C CD1   . LEU A 1 47  ? -9.937  8.377   -4.797  1.00 14.08 ? 238 LEU A CD1   1 
ATOM   357  C CD2   . LEU A 1 47  ? -12.461 8.575   -4.616  1.00 15.94 ? 238 LEU A CD2   1 
ATOM   358  N N     . LEU A 1 48  ? -11.711 11.254  0.016   1.00 14.38 ? 239 LEU A N     1 
ATOM   359  C CA    . LEU A 1 48  ? -11.517 11.269  1.462   1.00 19.93 ? 239 LEU A CA    1 
ATOM   360  C C     . LEU A 1 48  ? -12.769 10.699  2.113   1.00 20.38 ? 239 LEU A C     1 
ATOM   361  O O     . LEU A 1 48  ? -13.882 11.057  1.729   1.00 16.16 ? 239 LEU A O     1 
ATOM   362  C CB    . LEU A 1 48  ? -11.254 12.687  1.957   1.00 23.18 ? 239 LEU A CB    1 
ATOM   363  C CG    . LEU A 1 48  ? -9.853  13.106  1.519   1.00 19.01 ? 239 LEU A CG    1 
ATOM   364  C CD1   . LEU A 1 48  ? -9.613  14.596  1.734   1.00 18.24 ? 239 LEU A CD1   1 
ATOM   365  C CD2   . LEU A 1 48  ? -8.842  12.230  2.303   1.00 17.96 ? 239 LEU A CD2   1 
ATOM   366  N N     . GLY A 1 49  ? -12.600 9.802   3.083   1.00 15.65 ? 240 GLY A N     1 
ATOM   367  C CA    . GLY A 1 49  ? -13.772 9.232   3.735   1.00 17.97 ? 240 GLY A CA    1 
ATOM   368  C C     . GLY A 1 49  ? -14.239 7.922   3.137   1.00 16.65 ? 240 GLY A C     1 
ATOM   369  O O     . GLY A 1 49  ? -14.986 7.183   3.774   1.00 19.90 ? 240 GLY A O     1 
ATOM   370  N N     . LYS A 1 50  ? -13.817 7.611   1.914   1.00 15.60 ? 241 LYS A N     1 
ATOM   371  C CA    . LYS A 1 50  ? -14.197 6.342   1.307   1.00 14.50 ? 241 LYS A CA    1 
ATOM   372  C C     . LYS A 1 50  ? -13.105 5.334   1.643   1.00 18.18 ? 241 LYS A C     1 
ATOM   373  O O     . LYS A 1 50  ? -12.096 5.678   2.284   1.00 15.31 ? 241 LYS A O     1 
ATOM   374  C CB    . LYS A 1 50  ? -14.307 6.457   -0.214  1.00 16.25 ? 241 LYS A CB    1 
ATOM   375  C CG    . LYS A 1 50  ? -15.396 7.403   -0.663  1.00 20.91 ? 241 LYS A CG    1 
ATOM   376  C CD    . LYS A 1 50  ? -15.741 7.162   -2.129  1.00 29.43 ? 241 LYS A CD    1 
ATOM   377  C CE    . LYS A 1 50  ? -17.003 7.939   -2.511  1.00 30.51 ? 241 LYS A CE    1 
ATOM   378  N NZ    . LYS A 1 50  ? -17.267 7.806   -3.962  1.00 47.04 ? 241 LYS A NZ    1 
ATOM   379  N N     . ARG A 1 51  ? -13.303 4.087   1.230   1.00 14.83 ? 242 ARG A N     1 
ATOM   380  C CA    . ARG A 1 51  ? -12.297 3.065   1.509   1.00 14.39 ? 242 ARG A CA    1 
ATOM   381  C C     . ARG A 1 51  ? -11.685 2.487   0.228   1.00 18.61 ? 242 ARG A C     1 
ATOM   382  O O     . ARG A 1 51  ? -12.270 2.591   -0.860  1.00 14.36 ? 242 ARG A O     1 
ATOM   383  C CB    . ARG A 1 51  ? -12.926 1.961   2.371   1.00 16.13 ? 242 ARG A CB    1 
ATOM   384  C CG    . ARG A 1 51  ? -13.255 2.458   3.778   1.00 11.61 ? 242 ARG A CG    1 
ATOM   385  C CD    . ARG A 1 51  ? -14.265 1.570   4.472   1.00 13.71 ? 242 ARG A CD    1 
ATOM   386  N NE    . ARG A 1 51  ? -14.525 2.021   5.839   1.00 14.62 ? 242 ARG A NE    1 
ATOM   387  C CZ    . ARG A 1 51  ? -15.552 1.612   6.571   1.00 19.54 ? 242 ARG A CZ    1 
ATOM   388  N NH1   . ARG A 1 51  ? -16.424 0.746   6.054   1.00 22.75 ? 242 ARG A NH1   1 
ATOM   389  N NH2   . ARG A 1 51  ? -15.693 2.033   7.836   1.00 17.13 ? 242 ARG A NH2   1 
ATOM   390  N N     . ALA A 1 52  ? -10.499 1.900   0.363   1.00 10.99 ? 243 ALA A N     1 
ATOM   391  C CA    . ALA A 1 52  ? -9.796  1.283   -0.765  1.00 12.48 ? 243 ALA A CA    1 
ATOM   392  C C     . ALA A 1 52  ? -9.532  -0.178  -0.371  1.00 15.35 ? 243 ALA A C     1 
ATOM   393  O O     . ALA A 1 52  ? -9.307  -0.464  0.798   1.00 13.38 ? 243 ALA A O     1 
ATOM   394  C CB    . ALA A 1 52  ? -8.476  2.007   -1.024  1.00 13.89 ? 243 ALA A CB    1 
ATOM   395  N N     . ARG A 1 53  ? -9.593  -1.098  -1.327  1.00 14.91 ? 244 ARG A N     1 
ATOM   396  C CA    . ARG A 1 53  ? -9.359  -2.523  -1.036  1.00 15.69 ? 244 ARG A CA    1 
ATOM   397  C C     . ARG A 1 53  ? -7.928  -2.897  -1.385  1.00 14.87 ? 244 ARG A C     1 
ATOM   398  O O     . ARG A 1 53  ? -7.477  -2.624  -2.490  1.00 15.72 ? 244 ARG A O     1 
ATOM   399  C CB    . ARG A 1 53  ? -10.299 -3.417  -1.862  1.00 16.26 ? 244 ARG A CB    1 
ATOM   400  C CG    . ARG A 1 53  ? -10.205 -4.940  -1.542  1.00 22.13 ? 244 ARG A CG    1 
ATOM   401  C CD    . ARG A 1 53  ? -11.224 -5.771  -2.370  1.00 18.92 ? 244 ARG A CD    1 
ATOM   402  N NE    . ARG A 1 53  ? -11.022 -5.506  -3.792  1.00 34.57 ? 244 ARG A NE    1 
ATOM   403  C CZ    . ARG A 1 53  ? -10.097 -6.096  -4.547  1.00 42.14 ? 244 ARG A CZ    1 
ATOM   404  N NH1   . ARG A 1 53  ? -9.290  -7.017  -4.027  1.00 36.84 ? 244 ARG A NH1   1 
ATOM   405  N NH2   . ARG A 1 53  ? -9.932  -5.717  -5.809  1.00 24.46 ? 244 ARG A NH2   1 
ATOM   406  N N     . ILE A 1 54  ? -7.224  -3.508  -0.440  1.00 14.04 ? 245 ILE A N     1 
ATOM   407  C CA    . ILE A 1 54  ? -5.849  -3.941  -0.653  1.00 15.54 ? 245 ILE A CA    1 
ATOM   408  C C     . ILE A 1 54  ? -5.864  -5.069  -1.718  1.00 10.88 ? 245 ILE A C     1 
ATOM   409  O O     . ILE A 1 54  ? -6.597  -6.041  -1.592  1.00 13.13 ? 245 ILE A O     1 
ATOM   410  C CB    . ILE A 1 54  ? -5.225  -4.466  0.670   1.00 12.26 ? 245 ILE A CB    1 
ATOM   411  C CG1   . ILE A 1 54  ? -5.272  -3.377  1.764   1.00 12.83 ? 245 ILE A CG1   1 
ATOM   412  C CG2   . ILE A 1 54  ? -3.759  -4.874  0.411   1.00 12.41 ? 245 ILE A CG2   1 
ATOM   413  C CD1   . ILE A 1 54  ? -4.561  -3.795  3.071   1.00 12.68 ? 245 ILE A CD1   1 
ATOM   414  N N     . PRO A 1 55  ? -5.070  -4.929  -2.796  1.00 15.26 ? 246 PRO A N     1 
ATOM   415  C CA    . PRO A 1 55  ? -5.012  -5.931  -3.876  1.00 12.86 ? 246 PRO A CA    1 
ATOM   416  C C     . PRO A 1 55  ? -4.708  -7.327  -3.335  1.00 14.44 ? 246 PRO A C     1 
ATOM   417  O O     . PRO A 1 55  ? -3.849  -7.487  -2.461  1.00 13.05 ? 246 PRO A O     1 
ATOM   418  C CB    . PRO A 1 55  ? -3.890  -5.397  -4.765  1.00 15.39 ? 246 PRO A CB    1 
ATOM   419  C CG    . PRO A 1 55  ? -4.055  -3.893  -4.592  1.00 14.47 ? 246 PRO A CG    1 
ATOM   420  C CD    . PRO A 1 55  ? -4.215  -3.770  -3.107  1.00 14.22 ? 246 PRO A CD    1 
ATOM   421  N N     . LEU A 1 56  ? -5.412  -8.326  -3.870  1.00 16.81 ? 247 LEU A N     1 
ATOM   422  C CA    . LEU A 1 56  ? -5.274  -9.734  -3.477  1.00 16.13 ? 247 LEU A CA    1 
ATOM   423  C C     . LEU A 1 56  ? -5.828  -10.052 -2.091  1.00 18.41 ? 247 LEU A C     1 
ATOM   424  O O     . LEU A 1 56  ? -5.562  -11.116 -1.558  1.00 21.60 ? 247 LEU A O     1 
ATOM   425  C CB    . LEU A 1 56  ? -3.814  -10.203 -3.544  1.00 17.10 ? 247 LEU A CB    1 
ATOM   426  C CG    . LEU A 1 56  ? -3.021  -9.847  -4.803  1.00 19.68 ? 247 LEU A CG    1 
ATOM   427  C CD1   . LEU A 1 56  ? -1.607  -10.417 -4.679  1.00 20.82 ? 247 LEU A CD1   1 
ATOM   428  C CD2   . LEU A 1 56  ? -3.734  -10.371 -6.035  1.00 22.43 ? 247 LEU A CD2   1 
ATOM   429  N N     . THR A 1 57  ? -6.593  -9.136  -1.501  1.00 21.00 ? 248 THR A N     1 
ATOM   430  C CA    . THR A 1 57  ? -7.184  -9.383  -0.187  1.00 19.85 ? 248 THR A CA    1 
ATOM   431  C C     . THR A 1 57  ? -8.641  -8.957  -0.198  1.00 20.45 ? 248 THR A C     1 
ATOM   432  O O     . THR A 1 57  ? -9.143  -8.416  -1.176  1.00 16.59 ? 248 THR A O     1 
ATOM   433  C CB    . THR A 1 57  ? -6.558  -8.528  0.925   1.00 17.92 ? 248 THR A CB    1 
ATOM   434  O OG1   . THR A 1 57  ? -7.050  -7.184  0.799   1.00 18.12 ? 248 THR A OG1   1 
ATOM   435  C CG2   . THR A 1 57  ? -5.020  -8.522  0.830   1.00 18.85 ? 248 THR A CG2   1 
ATOM   436  N N     . GLU A 1 58  ? -9.314  -9.201  0.917   1.00 20.55 ? 249 GLU A N     1 
ATOM   437  C CA    . GLU A 1 58  ? -10.689 -8.769  1.083   1.00 25.60 ? 249 GLU A CA    1 
ATOM   438  C C     . GLU A 1 58  ? -10.712 -7.677  2.162   1.00 24.23 ? 249 GLU A C     1 
ATOM   439  O O     . GLU A 1 58  ? -11.748 -7.392  2.741   1.00 24.01 ? 249 GLU A O     1 
ATOM   440  C CB    . GLU A 1 58  ? -11.578 -9.950  1.487   1.00 37.95 ? 249 GLU A CB    1 
ATOM   441  C CG    . GLU A 1 58  ? -12.002 -10.801 0.297   1.00 51.07 ? 249 GLU A CG    1 
ATOM   442  C CD    . GLU A 1 58  ? -12.579 -9.954  -0.837  1.00 63.95 ? 249 GLU A CD    1 
ATOM   443  O OE1   . GLU A 1 58  ? -13.534 -9.188  -0.578  1.00 70.59 ? 249 GLU A OE1   1 
ATOM   444  O OE2   . GLU A 1 58  ? -12.081 -10.051 -1.983  1.00 67.97 ? 249 GLU A OE2   1 
ATOM   445  N N     . VAL A 1 59  ? -9.556  -7.056  2.400   1.00 20.44 ? 250 VAL A N     1 
ATOM   446  C CA    . VAL A 1 59  ? -9.410  -6.003  3.411   1.00 20.44 ? 250 VAL A CA    1 
ATOM   447  C C     . VAL A 1 59  ? -9.613  -4.587  2.861   1.00 16.97 ? 250 VAL A C     1 
ATOM   448  O O     . VAL A 1 59  ? -9.033  -4.219  1.840   1.00 17.69 ? 250 VAL A O     1 
ATOM   449  C CB    . VAL A 1 59  ? -8.016  -6.070  4.044   1.00 20.79 ? 250 VAL A CB    1 
ATOM   450  C CG1   . VAL A 1 59  ? -7.880  -5.041  5.188   1.00 19.95 ? 250 VAL A CG1   1 
ATOM   451  C CG2   . VAL A 1 59  ? -7.763  -7.473  4.544   1.00 22.28 ? 250 VAL A CG2   1 
ATOM   452  N N     . TRP A 1 60  ? -10.429 -3.791  3.550   1.00 17.28 ? 251 TRP A N     1 
ATOM   453  C CA    . TRP A 1 60  ? -10.668 -2.416  3.126   1.00 17.19 ? 251 TRP A CA    1 
ATOM   454  C C     . TRP A 1 60  ? -10.016 -1.447  4.114   1.00 14.68 ? 251 TRP A C     1 
ATOM   455  O O     . TRP A 1 60  ? -10.059 -1.667  5.317   1.00 14.67 ? 251 TRP A O     1 
ATOM   456  C CB    . TRP A 1 60  ? -12.166 -2.151  3.029   1.00 21.46 ? 251 TRP A CB    1 
ATOM   457  C CG    . TRP A 1 60  ? -12.810 -2.886  1.910   1.00 16.60 ? 251 TRP A CG    1 
ATOM   458  C CD1   . TRP A 1 60  ? -13.294 -4.175  1.932   1.00 22.42 ? 251 TRP A CD1   1 
ATOM   459  C CD2   . TRP A 1 60  ? -13.082 -2.381  0.599   1.00 12.14 ? 251 TRP A CD2   1 
ATOM   460  N NE1   . TRP A 1 60  ? -13.859 -4.490  0.713   1.00 20.56 ? 251 TRP A NE1   1 
ATOM   461  C CE2   . TRP A 1 60  ? -13.746 -3.409  -0.122  1.00 17.92 ? 251 TRP A CE2   1 
ATOM   462  C CE3   . TRP A 1 60  ? -12.832 -1.161  -0.039  1.00 13.18 ? 251 TRP A CE3   1 
ATOM   463  C CZ2   . TRP A 1 60  ? -14.165 -3.246  -1.450  1.00 19.46 ? 251 TRP A CZ2   1 
ATOM   464  C CZ3   . TRP A 1 60  ? -13.250 -1.001  -1.355  1.00 20.55 ? 251 TRP A CZ3   1 
ATOM   465  C CH2   . TRP A 1 60  ? -13.913 -2.038  -2.045  1.00 18.37 ? 251 TRP A CH2   1 
ATOM   466  N N     . ILE A 1 61  ? -9.411  -0.377  3.607   1.00 13.34 ? 252 ILE A N     1 
ATOM   467  C CA    . ILE A 1 61  ? -8.734  0.584   4.471   1.00 14.04 ? 252 ILE A CA    1 
ATOM   468  C C     . ILE A 1 61  ? -9.188  1.995   4.159   1.00 15.39 ? 252 ILE A C     1 
ATOM   469  O O     . ILE A 1 61  ? -9.618  2.305   3.040   1.00 14.26 ? 252 ILE A O     1 
ATOM   470  C CB    . ILE A 1 61  ? -7.172  0.504   4.310   1.00 15.17 ? 252 ILE A CB    1 
ATOM   471  C CG1   . ILE A 1 61  ? -6.786  0.776   2.848   1.00 9.88  ? 252 ILE A CG1   1 
ATOM   472  C CG2   . ILE A 1 61  ? -6.655  -0.876  4.830   1.00 12.09 ? 252 ILE A CG2   1 
ATOM   473  C CD1   . ILE A 1 61  ? -5.255  0.463   2.531   1.00 13.33 ? 252 ILE A CD1   1 
ATOM   474  N N     . PRO A 1 62  ? -9.094  2.884   5.149   1.00 10.87 ? 253 PRO A N     1 
ATOM   475  C CA    . PRO A 1 62  ? -9.525  4.273   4.912   1.00 11.18 ? 253 PRO A CA    1 
ATOM   476  C C     . PRO A 1 62  ? -8.612  5.103   4.011   1.00 18.08 ? 253 PRO A C     1 
ATOM   477  O O     . PRO A 1 62  ? -7.383  4.906   3.998   1.00 11.84 ? 253 PRO A O     1 
ATOM   478  C CB    . PRO A 1 62  ? -9.558  4.866   6.320   1.00 10.39 ? 253 PRO A CB    1 
ATOM   479  C CG    . PRO A 1 62  ? -8.398  4.130   6.999   1.00 11.67 ? 253 PRO A CG    1 
ATOM   480  C CD    . PRO A 1 62  ? -8.546  2.701   6.511   1.00 11.29 ? 253 PRO A CD    1 
ATOM   481  N N     . ILE A 1 63  ? -9.227  6.012   3.251   1.00 10.51 ? 254 ILE A N     1 
ATOM   482  C CA    . ILE A 1 63  ? -8.479  6.961   2.426   1.00 14.06 ? 254 ILE A CA    1 
ATOM   483  C C     . ILE A 1 63  ? -8.658  8.194   3.300   1.00 13.14 ? 254 ILE A C     1 
ATOM   484  O O     . ILE A 1 63  ? -9.778  8.708   3.465   1.00 12.66 ? 254 ILE A O     1 
ATOM   485  C CB    . ILE A 1 63  ? -9.120  7.212   1.070   1.00 11.60 ? 254 ILE A CB    1 
ATOM   486  C CG1   . ILE A 1 63  ? -9.133  5.895   0.265   1.00 14.48 ? 254 ILE A CG1   1 
ATOM   487  C CG2   . ILE A 1 63  ? -8.330  8.323   0.338   1.00 7.80  ? 254 ILE A CG2   1 
ATOM   488  C CD1   . ILE A 1 63  ? -9.901  5.922   -1.078  1.00 12.83 ? 254 ILE A CD1   1 
ATOM   489  N N     . LEU A 1 64  ? -7.561  8.653   3.868   1.00 14.07 ? 255 LEU A N     1 
ATOM   490  C CA    . LEU A 1 64  ? -7.595  9.774   4.799   1.00 13.62 ? 255 LEU A CA    1 
ATOM   491  C C     . LEU A 1 64  ? -6.650  10.892  4.441   1.00 13.90 ? 255 LEU A C     1 
ATOM   492  O O     . LEU A 1 64  ? -5.772  10.743  3.578   1.00 14.17 ? 255 LEU A O     1 
ATOM   493  C CB    . LEU A 1 64  ? -7.301  9.248   6.214   1.00 17.55 ? 255 LEU A CB    1 
ATOM   494  C CG    . LEU A 1 64  ? -6.006  8.437   6.386   1.00 11.80 ? 255 LEU A CG    1 
ATOM   495  C CD1   . LEU A 1 64  ? -4.825  9.383   6.463   1.00 14.99 ? 255 LEU A CD1   1 
ATOM   496  C CD2   . LEU A 1 64  ? -6.063  7.588   7.709   1.00 13.43 ? 255 LEU A CD2   1 
ATOM   497  N N     . ALA A 1 65  ? -6.844  12.036  5.100   1.00 10.25 ? 256 ALA A N     1 
ATOM   498  C CA    . ALA A 1 65  ? -6.035  13.199  4.826   1.00 14.70 ? 256 ALA A CA    1 
ATOM   499  C C     . ALA A 1 65  ? -4.911  13.436  5.815   1.00 10.73 ? 256 ALA A C     1 
ATOM   500  O O     . ALA A 1 65  ? -5.131  13.396  7.020   1.00 12.93 ? 256 ALA A O     1 
ATOM   501  C CB    . ALA A 1 65  ? -6.930  14.453  4.778   1.00 14.87 ? 256 ALA A CB    1 
ATOM   502  N N     . ASP A 1 66  ? -3.712  13.688  5.288   1.00 12.45 ? 257 ASP A N     1 
ATOM   503  C CA    . ASP A 1 66  ? -2.591  14.026  6.150   1.00 14.67 ? 257 ASP A CA    1 
ATOM   504  C C     . ASP A 1 66  ? -1.705  15.022  5.430   1.00 15.27 ? 257 ASP A C     1 
ATOM   505  O O     . ASP A 1 66  ? -1.271  14.792  4.301   1.00 23.63 ? 257 ASP A O     1 
ATOM   506  C CB    . ASP A 1 66  ? -1.789  12.807  6.582   1.00 16.30 ? 257 ASP A CB    1 
ATOM   507  C CG    . ASP A 1 66  ? -0.894  13.129  7.759   1.00 18.80 ? 257 ASP A CG    1 
ATOM   508  O OD1   . ASP A 1 66  ? 0.159   13.769  7.548   1.00 18.86 ? 257 ASP A OD1   1 
ATOM   509  O OD2   . ASP A 1 66  ? -1.274  12.789  8.896   1.00 16.10 ? 257 ASP A OD2   1 
ATOM   510  N N     . PRO A 1 67  ? -1.419  16.163  6.079   1.00 18.79 ? 258 PRO A N     1 
ATOM   511  C CA    . PRO A 1 67  ? -0.591  17.223  5.506   1.00 19.84 ? 258 PRO A CA    1 
ATOM   512  C C     . PRO A 1 67  ? 0.888   16.880  5.298   1.00 21.72 ? 258 PRO A C     1 
ATOM   513  O O     . PRO A 1 67  ? 1.607   17.625  4.648   1.00 21.15 ? 258 PRO A O     1 
ATOM   514  C CB    . PRO A 1 67  ? -0.822  18.399  6.469   1.00 26.04 ? 258 PRO A CB    1 
ATOM   515  C CG    . PRO A 1 67  ? -1.047  17.731  7.762   1.00 29.47 ? 258 PRO A CG    1 
ATOM   516  C CD    . PRO A 1 67  ? -1.934  16.552  7.403   1.00 23.76 ? 258 PRO A CD    1 
ATOM   517  N N     . ALA A 1 68  ? 1.335   15.760  5.846   1.00 16.56 ? 259 ALA A N     1 
ATOM   518  C CA    . ALA A 1 68  ? 2.714   15.336  5.626   1.00 17.06 ? 259 ALA A CA    1 
ATOM   519  C C     . ALA A 1 68  ? 2.866   14.696  4.229   1.00 20.91 ? 259 ALA A C     1 
ATOM   520  O O     . ALA A 1 68  ? 3.987   14.439  3.774   1.00 21.06 ? 259 ALA A O     1 
ATOM   521  C CB    . ALA A 1 68  ? 3.128   14.346  6.702   1.00 15.57 ? 259 ALA A CB    1 
ATOM   522  N N     . VAL A 1 69  ? 1.749   14.435  3.541   1.00 18.13 ? 260 VAL A N     1 
ATOM   523  C CA    . VAL A 1 69  ? 1.827   13.818  2.209   1.00 16.71 ? 260 VAL A CA    1 
ATOM   524  C C     . VAL A 1 69  ? 2.278   14.812  1.142   1.00 20.62 ? 260 VAL A C     1 
ATOM   525  O O     . VAL A 1 69  ? 1.787   15.934  1.085   1.00 17.67 ? 260 VAL A O     1 
ATOM   526  C CB    . VAL A 1 69  ? 0.463   13.192  1.784   1.00 17.13 ? 260 VAL A CB    1 
ATOM   527  C CG1   . VAL A 1 69  ? 0.545   12.652  0.340   1.00 11.22 ? 260 VAL A CG1   1 
ATOM   528  C CG2   . VAL A 1 69  ? 0.111   12.061  2.717   1.00 17.26 ? 260 VAL A CG2   1 
ATOM   529  N N     . GLU A 1 70  ? 3.231   14.408  0.306   1.00 18.46 ? 261 GLU A N     1 
ATOM   530  C CA    . GLU A 1 70  ? 3.730   15.279  -0.763  1.00 20.52 ? 261 GLU A CA    1 
ATOM   531  C C     . GLU A 1 70  ? 2.998   14.891  -2.039  1.00 17.56 ? 261 GLU A C     1 
ATOM   532  O O     . GLU A 1 70  ? 3.113   13.751  -2.488  1.00 23.36 ? 261 GLU A O     1 
ATOM   533  C CB    . GLU A 1 70  ? 5.240   15.085  -0.969  1.00 22.90 ? 261 GLU A CB    1 
ATOM   534  C CG    . GLU A 1 70  ? 6.101   15.617  0.167   1.00 37.60 ? 261 GLU A CG    1 
ATOM   535  C CD    . GLU A 1 70  ? 6.227   17.140  0.159   1.00 49.44 ? 261 GLU A CD    1 
ATOM   536  O OE1   . GLU A 1 70  ? 6.725   17.692  1.171   1.00 44.73 ? 261 GLU A OE1   1 
ATOM   537  O OE2   . GLU A 1 70  ? 5.838   17.778  -0.861  1.00 43.43 ? 261 GLU A OE2   1 
ATOM   538  N N     . LYS A 1 71  ? 2.253   15.830  -2.621  1.00 13.78 ? 262 LYS A N     1 
ATOM   539  C CA    . LYS A 1 71  ? 1.489   15.567  -3.841  1.00 18.11 ? 262 LYS A CA    1 
ATOM   540  C C     . LYS A 1 71  ? 2.365   15.166  -5.017  1.00 18.96 ? 262 LYS A C     1 
ATOM   541  O O     . LYS A 1 71  ? 1.913   14.469  -5.928  1.00 19.65 ? 262 LYS A O     1 
ATOM   542  C CB    . LYS A 1 71  ? 0.695   16.809  -4.245  1.00 29.06 ? 262 LYS A CB    1 
ATOM   543  C CG    . LYS A 1 71  ? -0.211  17.373  -3.189  1.00 33.91 ? 262 LYS A CG    1 
ATOM   544  C CD    . LYS A 1 71  ? -0.789  18.705  -3.660  1.00 42.85 ? 262 LYS A CD    1 
ATOM   545  C CE    . LYS A 1 71  ? -1.392  19.493  -2.499  1.00 44.54 ? 262 LYS A CE    1 
ATOM   546  N NZ    . LYS A 1 71  ? -0.351  19.926  -1.511  1.00 42.67 ? 262 LYS A NZ    1 
ATOM   547  N N     . ASP A 1 72  ? 3.617   15.611  -5.012  1.00 17.68 ? 263 ASP A N     1 
ATOM   548  C CA    . ASP A 1 72  ? 4.506   15.297  -6.122  1.00 25.28 ? 263 ASP A CA    1 
ATOM   549  C C     . ASP A 1 72  ? 5.287   14.005  -5.972  1.00 22.57 ? 263 ASP A C     1 
ATOM   550  O O     . ASP A 1 72  ? 5.982   13.613  -6.908  1.00 26.50 ? 263 ASP A O     1 
ATOM   551  C CB    . ASP A 1 72  ? 5.514   16.428  -6.368  1.00 23.14 ? 263 ASP A CB    1 
ATOM   552  C CG    . ASP A 1 72  ? 4.857   17.714  -6.822  1.00 36.14 ? 263 ASP A CG    1 
ATOM   553  O OD1   . ASP A 1 72  ? 3.797   17.639  -7.473  1.00 38.32 ? 263 ASP A OD1   1 
ATOM   554  O OD2   . ASP A 1 72  ? 5.419   18.798  -6.542  1.00 43.02 ? 263 ASP A OD2   1 
ATOM   555  N N     . PHE A 1 73  ? 5.216   13.361  -4.808  1.00 24.86 ? 264 PHE A N     1 
ATOM   556  C CA    . PHE A 1 73  ? 5.937   12.092  -4.601  1.00 25.75 ? 264 PHE A CA    1 
ATOM   557  C C     . PHE A 1 73  ? 5.085   10.913  -5.039  1.00 25.13 ? 264 PHE A C     1 
ATOM   558  O O     . PHE A 1 73  ? 3.977   10.715  -4.538  1.00 20.02 ? 264 PHE A O     1 
ATOM   559  C CB    . PHE A 1 73  ? 6.328   11.906  -3.129  1.00 28.93 ? 264 PHE A CB    1 
ATOM   560  C CG    . PHE A 1 73  ? 7.446   12.801  -2.674  1.00 39.70 ? 264 PHE A CG    1 
ATOM   561  C CD1   . PHE A 1 73  ? 8.179   13.558  -3.594  1.00 48.07 ? 264 PHE A CD1   1 
ATOM   562  C CD2   . PHE A 1 73  ? 7.782   12.879  -1.323  1.00 48.22 ? 264 PHE A CD2   1 
ATOM   563  C CE1   . PHE A 1 73  ? 9.233   14.385  -3.174  1.00 49.09 ? 264 PHE A CE1   1 
ATOM   564  C CE2   . PHE A 1 73  ? 8.836   13.703  -0.885  1.00 48.01 ? 264 PHE A CE2   1 
ATOM   565  C CZ    . PHE A 1 73  ? 9.562   14.459  -1.816  1.00 49.05 ? 264 PHE A CZ    1 
ATOM   566  N N     . GLY A 1 74  ? 5.615   10.097  -5.946  1.00 22.82 ? 265 GLY A N     1 
ATOM   567  C CA    . GLY A 1 74  ? 4.825   8.982   -6.430  1.00 24.85 ? 265 GLY A CA    1 
ATOM   568  C C     . GLY A 1 74  ? 3.573   9.550   -7.092  1.00 23.08 ? 265 GLY A C     1 
ATOM   569  O O     . GLY A 1 74  ? 3.640   10.559  -7.799  1.00 22.41 ? 265 GLY A O     1 
ATOM   570  N N     . THR A 1 75  ? 2.427   8.930   -6.848  1.00 18.43 ? 266 THR A N     1 
ATOM   571  C CA    . THR A 1 75  ? 1.170   9.386   -7.437  1.00 16.50 ? 266 THR A CA    1 
ATOM   572  C C     . THR A 1 75  ? 0.523   10.452  -6.573  1.00 17.82 ? 266 THR A C     1 
ATOM   573  O O     . THR A 1 75  ? -0.516  11.005  -6.940  1.00 15.47 ? 266 THR A O     1 
ATOM   574  C CB    . THR A 1 75  ? 0.149   8.266   -7.528  1.00 16.33 ? 266 THR A CB    1 
ATOM   575  O OG1   . THR A 1 75  ? -0.243  7.919   -6.202  1.00 17.40 ? 266 THR A OG1   1 
ATOM   576  C CG2   . THR A 1 75  ? 0.738   6.996   -8.245  1.00 14.20 ? 266 THR A CG2   1 
ATOM   577  N N     . GLY A 1 76  ? 1.114   10.723  -5.412  1.00 16.74 ? 267 GLY A N     1 
ATOM   578  C CA    . GLY A 1 76  ? 0.527   11.711  -4.513  1.00 15.33 ? 267 GLY A CA    1 
ATOM   579  C C     . GLY A 1 76  ? -0.336  10.992  -3.489  1.00 19.90 ? 267 GLY A C     1 
ATOM   580  O O     . GLY A 1 76  ? -0.760  11.561  -2.481  1.00 15.84 ? 267 GLY A O     1 
ATOM   581  N N     . ALA A 1 77  ? -0.612  9.721   -3.744  1.00 13.57 ? 268 ALA A N     1 
ATOM   582  C CA    . ALA A 1 77  ? -1.401  8.936   -2.809  1.00 14.67 ? 268 ALA A CA    1 
ATOM   583  C C     . ALA A 1 77  ? -0.445  7.954   -2.143  1.00 12.12 ? 268 ALA A C     1 
ATOM   584  O O     . ALA A 1 77  ? 0.167   7.109   -2.797  1.00 18.21 ? 268 ALA A O     1 
ATOM   585  C CB    . ALA A 1 77  ? -2.482  8.221   -3.521  1.00 7.85  ? 268 ALA A CB    1 
ATOM   586  N N     . LEU A 1 78  ? -0.314  8.084   -0.831  1.00 15.19 ? 269 LEU A N     1 
ATOM   587  C CA    . LEU A 1 78  ? 0.631   7.279   -0.070  1.00 16.71 ? 269 LEU A CA    1 
ATOM   588  C C     . LEU A 1 78  ? 0.038   6.106   0.684   1.00 11.87 ? 269 LEU A C     1 
ATOM   589  O O     . LEU A 1 78  ? -0.843  6.293   1.530   1.00 15.54 ? 269 LEU A O     1 
ATOM   590  C CB    . LEU A 1 78  ? 1.350   8.177   0.948   1.00 10.26 ? 269 LEU A CB    1 
ATOM   591  C CG    . LEU A 1 78  ? 2.365   7.513   1.889   1.00 17.51 ? 269 LEU A CG    1 
ATOM   592  C CD1   . LEU A 1 78  ? 3.523   6.909   1.085   1.00 15.57 ? 269 LEU A CD1   1 
ATOM   593  C CD2   . LEU A 1 78  ? 2.898   8.565   2.883   1.00 19.04 ? 269 LEU A CD2   1 
ATOM   594  N N     . LYS A 1 79  ? 0.521   4.892   0.393   1.00 13.70 ? 270 LYS A N     1 
ATOM   595  C CA    . LYS A 1 79  ? 0.045   3.728   1.145   1.00 12.22 ? 270 LYS A CA    1 
ATOM   596  C C     . LYS A 1 79  ? 0.748   3.858   2.500   1.00 9.05  ? 270 LYS A C     1 
ATOM   597  O O     . LYS A 1 79  ? 1.927   4.220   2.562   1.00 10.07 ? 270 LYS A O     1 
ATOM   598  C CB    . LYS A 1 79  ? 0.392   2.412   0.421   1.00 9.25  ? 270 LYS A CB    1 
ATOM   599  C CG    . LYS A 1 79  ? 1.904   2.092   0.280   1.00 15.73 ? 270 LYS A CG    1 
ATOM   600  C CD    . LYS A 1 79  ? 2.053   0.765   -0.491  1.00 20.65 ? 270 LYS A CD    1 
ATOM   601  C CE    . LYS A 1 79  ? 3.174   -0.136  0.031   1.00 16.20 ? 270 LYS A CE    1 
ATOM   602  N NZ    . LYS A 1 79  ? 2.938   -0.621  1.437   1.00 10.47 ? 270 LYS A NZ    1 
ATOM   603  N N     . VAL A 1 80  ? 0.029   3.631   3.594   1.00 12.40 ? 271 VAL A N     1 
ATOM   604  C CA    . VAL A 1 80  ? 0.623   3.808   4.924   1.00 10.57 ? 271 VAL A CA    1 
ATOM   605  C C     . VAL A 1 80  ? 0.743   2.474   5.657   1.00 16.84 ? 271 VAL A C     1 
ATOM   606  O O     . VAL A 1 80  ? -0.265  1.796   5.881   1.00 11.51 ? 271 VAL A O     1 
ATOM   607  C CB    . VAL A 1 80  ? -0.260  4.778   5.764   1.00 9.66  ? 271 VAL A CB    1 
ATOM   608  C CG1   . VAL A 1 80  ? 0.400   5.096   7.139   1.00 14.83 ? 271 VAL A CG1   1 
ATOM   609  C CG2   . VAL A 1 80  ? -0.548  6.033   4.954   1.00 16.43 ? 271 VAL A CG2   1 
ATOM   610  N N     . THR A 1 81  ? 1.971   2.083   6.011   1.00 12.29 ? 272 THR A N     1 
ATOM   611  C CA    . THR A 1 81  ? 2.201   0.826   6.728   1.00 10.66 ? 272 THR A CA    1 
ATOM   612  C C     . THR A 1 81  ? 2.982   1.161   8.001   1.00 11.93 ? 272 THR A C     1 
ATOM   613  O O     . THR A 1 81  ? 4.224   1.079   8.034   1.00 14.01 ? 272 THR A O     1 
ATOM   614  C CB    . THR A 1 81  ? 3.048   -0.177  5.878   1.00 17.53 ? 272 THR A CB    1 
ATOM   615  O OG1   . THR A 1 81  ? 4.291   0.440   5.524   1.00 23.31 ? 272 THR A OG1   1 
ATOM   616  C CG2   . THR A 1 81  ? 2.339   -0.548  4.619   1.00 15.73 ? 272 THR A CG2   1 
ATOM   617  N N     . PRO A 1 82  ? 2.262   1.512   9.081   1.00 13.21 ? 273 PRO A N     1 
ATOM   618  C CA    . PRO A 1 82  ? 2.879   1.869   10.349  1.00 14.73 ? 273 PRO A CA    1 
ATOM   619  C C     . PRO A 1 82  ? 3.931   0.872   10.857  1.00 15.27 ? 273 PRO A C     1 
ATOM   620  O O     . PRO A 1 82  ? 4.929   1.272   11.448  1.00 15.07 ? 273 PRO A O     1 
ATOM   621  C CB    . PRO A 1 82  ? 1.677   1.965   11.295  1.00 16.29 ? 273 PRO A CB    1 
ATOM   622  C CG    . PRO A 1 82  ? 0.593   2.378   10.403  1.00 12.61 ? 273 PRO A CG    1 
ATOM   623  C CD    . PRO A 1 82  ? 0.797   1.474   9.226   1.00 11.74 ? 273 PRO A CD    1 
ATOM   624  N N     . ALA A 1 83  ? 3.724   -0.423  10.628  1.00 12.28 ? 274 ALA A N     1 
ATOM   625  C CA    . ALA A 1 83  ? 4.697   -1.391  11.136  1.00 14.45 ? 274 ALA A CA    1 
ATOM   626  C C     . ALA A 1 83  ? 5.993   -1.448  10.369  1.00 16.41 ? 274 ALA A C     1 
ATOM   627  O O     . ALA A 1 83  ? 6.982   -1.935  10.899  1.00 16.01 ? 274 ALA A O     1 
ATOM   628  C CB    . ALA A 1 83  ? 4.085   -2.791  11.168  1.00 16.42 ? 274 ALA A CB    1 
ATOM   629  N N     . HIS A 1 84  ? 6.009   -0.946  9.136   1.00 15.24 ? 275 HIS A N     1 
ATOM   630  C CA    . HIS A 1 84  ? 7.207   -1.073  8.303   1.00 12.50 ? 275 HIS A CA    1 
ATOM   631  C C     . HIS A 1 84  ? 7.880   0.186   7.775   1.00 14.97 ? 275 HIS A C     1 
ATOM   632  O O     . HIS A 1 84  ? 8.717   0.083   6.887   1.00 14.66 ? 275 HIS A O     1 
ATOM   633  C CB    . HIS A 1 84  ? 6.880   -1.977  7.098   1.00 8.99  ? 275 HIS A CB    1 
ATOM   634  C CG    . HIS A 1 84  ? 6.442   -3.361  7.484   1.00 13.66 ? 275 HIS A CG    1 
ATOM   635  N ND1   . HIS A 1 84  ? 7.233   -4.213  8.226   1.00 17.05 ? 275 HIS A ND1   1 
ATOM   636  C CD2   . HIS A 1 84  ? 5.287   -4.030  7.255   1.00 14.10 ? 275 HIS A CD2   1 
ATOM   637  C CE1   . HIS A 1 84  ? 6.588   -5.349  8.433   1.00 18.67 ? 275 HIS A CE1   1 
ATOM   638  N NE2   . HIS A 1 84  ? 5.405   -5.267  7.854   1.00 12.39 ? 275 HIS A NE2   1 
ATOM   639  N N     . ASP A 1 85  ? 7.543   1.352   8.317   1.00 17.03 ? 276 ASP A N     1 
ATOM   640  C CA    . ASP A 1 85  ? 8.128   2.599   7.841   1.00 12.41 ? 276 ASP A CA    1 
ATOM   641  C C     . ASP A 1 85  ? 7.967   3.623   8.960   1.00 18.59 ? 276 ASP A C     1 
ATOM   642  O O     . ASP A 1 85  ? 6.877   3.771   9.524   1.00 15.26 ? 276 ASP A O     1 
ATOM   643  C CB    . ASP A 1 85  ? 7.390   3.022   6.569   1.00 15.75 ? 276 ASP A CB    1 
ATOM   644  C CG    . ASP A 1 85  ? 7.869   4.335   6.031   1.00 22.29 ? 276 ASP A CG    1 
ATOM   645  O OD1   . ASP A 1 85  ? 7.513   5.388   6.610   1.00 25.60 ? 276 ASP A OD1   1 
ATOM   646  O OD2   . ASP A 1 85  ? 8.610   4.312   5.034   1.00 23.49 ? 276 ASP A OD2   1 
ATOM   647  N N     . PRO A 1 86  ? 9.042   4.360   9.287   1.00 18.19 ? 277 PRO A N     1 
ATOM   648  C CA    . PRO A 1 86  ? 8.997   5.356   10.367  1.00 18.66 ? 277 PRO A CA    1 
ATOM   649  C C     . PRO A 1 86  ? 8.092   6.558   10.169  1.00 20.12 ? 277 PRO A C     1 
ATOM   650  O O     . PRO A 1 86  ? 7.531   7.049   11.137  1.00 18.03 ? 277 PRO A O     1 
ATOM   651  C CB    . PRO A 1 86  ? 10.474  5.717   10.561  1.00 18.88 ? 277 PRO A CB    1 
ATOM   652  C CG    . PRO A 1 86  ? 11.028  5.611   9.199   1.00 21.70 ? 277 PRO A CG    1 
ATOM   653  C CD    . PRO A 1 86  ? 10.357  4.356   8.625   1.00 16.59 ? 277 PRO A CD    1 
ATOM   654  N N     . LEU A 1 87  ? 7.943   7.037   8.936   1.00 18.34 ? 278 LEU A N     1 
ATOM   655  C CA    . LEU A 1 87  ? 7.034   8.152   8.677   1.00 22.43 ? 278 LEU A CA    1 
ATOM   656  C C     . LEU A 1 87  ? 5.605   7.610   8.769   1.00 25.56 ? 278 LEU A C     1 
ATOM   657  O O     . LEU A 1 87  ? 4.739   8.249   9.356   1.00 19.88 ? 278 LEU A O     1 
ATOM   658  C CB    . LEU A 1 87  ? 7.266   8.750   7.279   1.00 25.53 ? 278 LEU A CB    1 
ATOM   659  C CG    . LEU A 1 87  ? 6.145   9.610   6.641   1.00 46.98 ? 278 LEU A CG    1 
ATOM   660  C CD1   . LEU A 1 87  ? 6.099   11.010  7.279   1.00 43.02 ? 278 LEU A CD1   1 
ATOM   661  C CD2   . LEU A 1 87  ? 6.375   9.744   5.134   1.00 39.13 ? 278 LEU A CD2   1 
ATOM   662  N N     . ASP A 1 88  ? 5.347   6.442   8.183   1.00 15.06 ? 279 ASP A N     1 
ATOM   663  C CA    . ASP A 1 88  ? 4.010   5.865   8.259   1.00 11.59 ? 279 ASP A CA    1 
ATOM   664  C C     . ASP A 1 88  ? 3.633   5.673   9.705   1.00 18.01 ? 279 ASP A C     1 
ATOM   665  O O     . ASP A 1 88  ? 2.472   5.793   10.072  1.00 17.02 ? 279 ASP A O     1 
ATOM   666  C CB    . ASP A 1 88  ? 3.941   4.512   7.545   1.00 18.19 ? 279 ASP A CB    1 
ATOM   667  C CG    . ASP A 1 88  ? 4.062   4.643   6.061   1.00 21.21 ? 279 ASP A CG    1 
ATOM   668  O OD1   . ASP A 1 88  ? 3.986   5.781   5.560   1.00 23.48 ? 279 ASP A OD1   1 
ATOM   669  O OD2   . ASP A 1 88  ? 4.225   3.617   5.379   1.00 16.57 ? 279 ASP A OD2   1 
ATOM   670  N N     . TYR A 1 89  ? 4.611   5.348   10.542  1.00 9.76  ? 280 TYR A N     1 
ATOM   671  C CA    . TYR A 1 89  ? 4.316   5.157   11.943  1.00 13.17 ? 280 TYR A CA    1 
ATOM   672  C C     . TYR A 1 89  ? 3.729   6.450   12.520  1.00 15.41 ? 280 TYR A C     1 
ATOM   673  O O     . TYR A 1 89  ? 2.784   6.412   13.287  1.00 15.16 ? 280 TYR A O     1 
ATOM   674  C CB    . TYR A 1 89  ? 5.584   4.809   12.705  1.00 16.44 ? 280 TYR A CB    1 
ATOM   675  C CG    . TYR A 1 89  ? 5.304   4.534   14.149  1.00 21.02 ? 280 TYR A CG    1 
ATOM   676  C CD1   . TYR A 1 89  ? 4.833   3.293   14.555  1.00 14.84 ? 280 TYR A CD1   1 
ATOM   677  C CD2   . TYR A 1 89  ? 5.506   5.517   15.114  1.00 20.68 ? 280 TYR A CD2   1 
ATOM   678  C CE1   . TYR A 1 89  ? 4.578   3.034   15.882  1.00 23.38 ? 280 TYR A CE1   1 
ATOM   679  C CE2   . TYR A 1 89  ? 5.247   5.263   16.449  1.00 28.96 ? 280 TYR A CE2   1 
ATOM   680  C CZ    . TYR A 1 89  ? 4.787   4.020   16.823  1.00 22.75 ? 280 TYR A CZ    1 
ATOM   681  O OH    . TYR A 1 89  ? 4.529   3.766   18.155  1.00 43.44 ? 280 TYR A OH    1 
ATOM   682  N N     . GLU A 1 90  ? 4.290   7.593   12.146  1.00 18.10 ? 281 GLU A N     1 
ATOM   683  C CA    . GLU A 1 90  ? 3.775   8.853   12.667  1.00 23.26 ? 281 GLU A CA    1 
ATOM   684  C C     . GLU A 1 90  ? 2.393   9.204   12.126  1.00 17.91 ? 281 GLU A C     1 
ATOM   685  O O     . GLU A 1 90  ? 1.555   9.752   12.855  1.00 21.14 ? 281 GLU A O     1 
ATOM   686  C CB    . GLU A 1 90  ? 4.777   9.968   12.398  1.00 23.69 ? 281 GLU A CB    1 
ATOM   687  C CG    . GLU A 1 90  ? 6.072   9.723   13.186  1.00 36.73 ? 281 GLU A CG    1 
ATOM   688  C CD    . GLU A 1 90  ? 7.052   10.883  13.137  1.00 41.03 ? 281 GLU A CD    1 
ATOM   689  O OE1   . GLU A 1 90  ? 8.054   10.844  13.890  1.00 48.24 ? 281 GLU A OE1   1 
ATOM   690  O OE2   . GLU A 1 90  ? 6.829   11.826  12.353  1.00 43.69 ? 281 GLU A OE2   1 
ATOM   691  N N     . ILE A 1 91  ? 2.136   8.854   10.869  1.00 14.49 ? 282 ILE A N     1 
ATOM   692  C CA    . ILE A 1 91  ? 0.829   9.130   10.279  1.00 18.53 ? 282 ILE A CA    1 
ATOM   693  C C     . ILE A 1 91  ? -0.095  8.248   11.088  1.00 14.39 ? 282 ILE A C     1 
ATOM   694  O O     . ILE A 1 91  ? -1.161  8.675   11.541  1.00 15.57 ? 282 ILE A O     1 
ATOM   695  C CB    . ILE A 1 91  ? 0.785   8.708   8.785   1.00 19.65 ? 282 ILE A CB    1 
ATOM   696  C CG1   . ILE A 1 91  ? 1.624   9.681   7.966   1.00 17.04 ? 282 ILE A CG1   1 
ATOM   697  C CG2   . ILE A 1 91  ? -0.671  8.604   8.287   1.00 14.43 ? 282 ILE A CG2   1 
ATOM   698  C CD1   . ILE A 1 91  ? 1.962   9.193   6.548   1.00 19.33 ? 282 ILE A CD1   1 
ATOM   699  N N     . GLY A 1 92  ? 0.346   7.010   11.312  1.00 14.13 ? 283 GLY A N     1 
ATOM   700  C CA    . GLY A 1 92  ? -0.462  6.078   12.077  1.00 9.94  ? 283 GLY A CA    1 
ATOM   701  C C     . GLY A 1 92  ? -0.822  6.598   13.469  1.00 17.48 ? 283 GLY A C     1 
ATOM   702  O O     . GLY A 1 92  ? -1.922  6.352   13.989  1.00 15.00 ? 283 GLY A O     1 
ATOM   703  N N     . GLU A 1 93  ? 0.109   7.308   14.095  1.00 16.40 ? 284 GLU A N     1 
ATOM   704  C CA    . GLU A 1 93  ? -0.147  7.840   15.421  1.00 18.31 ? 284 GLU A CA    1 
ATOM   705  C C     . GLU A 1 93  ? -1.175  8.973   15.356  1.00 15.54 ? 284 GLU A C     1 
ATOM   706  O O     . GLU A 1 93  ? -2.027  9.114   16.236  1.00 17.33 ? 284 GLU A O     1 
ATOM   707  C CB    . GLU A 1 93  ? 1.137   8.381   16.032  1.00 25.19 ? 284 GLU A CB    1 
ATOM   708  C CG    . GLU A 1 93  ? 1.975   7.361   16.763  1.00 31.32 ? 284 GLU A CG    1 
ATOM   709  C CD    . GLU A 1 93  ? 3.234   7.987   17.322  1.00 42.52 ? 284 GLU A CD    1 
ATOM   710  O OE1   . GLU A 1 93  ? 3.623   7.629   18.455  1.00 47.68 ? 284 GLU A OE1   1 
ATOM   711  O OE2   . GLU A 1 93  ? 3.838   8.837   16.621  1.00 45.32 ? 284 GLU A OE2   1 
ATOM   712  N N     . ARG A 1 94  ? -1.088  9.770   14.304  1.00 17.30 ? 285 ARG A N     1 
ATOM   713  C CA    . ARG A 1 94  ? -1.985  10.907  14.123  1.00 21.20 ? 285 ARG A CA    1 
ATOM   714  C C     . ARG A 1 94  ? -3.415  10.419  13.876  1.00 21.95 ? 285 ARG A C     1 
ATOM   715  O O     . ARG A 1 94  ? -4.403  11.036  14.298  1.00 22.36 ? 285 ARG A O     1 
ATOM   716  C CB    . ARG A 1 94  ? -1.502  11.719  12.922  1.00 19.93 ? 285 ARG A CB    1 
ATOM   717  C CG    . ARG A 1 94  ? -1.169  13.159  13.190  1.00 35.45 ? 285 ARG A CG    1 
ATOM   718  C CD    . ARG A 1 94  ? 0.240   13.516  12.751  1.00 24.53 ? 285 ARG A CD    1 
ATOM   719  N NE    . ARG A 1 94  ? 0.544   13.279  11.341  1.00 18.61 ? 285 ARG A NE    1 
ATOM   720  C CZ    . ARG A 1 94  ? 1.786   13.105  10.902  1.00 22.42 ? 285 ARG A CZ    1 
ATOM   721  N NH1   . ARG A 1 94  ? 2.787   13.150  11.777  1.00 21.63 ? 285 ARG A NH1   1 
ATOM   722  N NH2   . ARG A 1 94  ? 2.042   12.862  9.620   1.00 19.22 ? 285 ARG A NH2   1 
ATOM   723  N N     . HIS A 1 95  ? -3.531  9.277   13.224  1.00 16.08 ? 286 HIS A N     1 
ATOM   724  C CA    . HIS A 1 95  ? -4.862  8.769   12.906  1.00 17.12 ? 286 HIS A CA    1 
ATOM   725  C C     . HIS A 1 95  ? -5.337  7.535   13.653  1.00 21.47 ? 286 HIS A C     1 
ATOM   726  O O     . HIS A 1 95  ? -6.368  6.955   13.294  1.00 24.54 ? 286 HIS A O     1 
ATOM   727  C CB    . HIS A 1 95  ? -4.932  8.542   11.392  1.00 10.31 ? 286 HIS A CB    1 
ATOM   728  C CG    . HIS A 1 95  ? -4.678  9.786   10.603  1.00 17.11 ? 286 HIS A CG    1 
ATOM   729  N ND1   . HIS A 1 95  ? -5.691  10.621  10.181  1.00 21.64 ? 286 HIS A ND1   1 
ATOM   730  C CD2   . HIS A 1 95  ? -3.521  10.382  10.229  1.00 10.72 ? 286 HIS A CD2   1 
ATOM   731  C CE1   . HIS A 1 95  ? -5.167  11.677  9.583   1.00 24.73 ? 286 HIS A CE1   1 
ATOM   732  N NE2   . HIS A 1 95  ? -3.851  11.558  9.601   1.00 18.71 ? 286 HIS A NE2   1 
ATOM   733  N N     . GLY A 1 96  ? -4.604  7.123   14.685  1.00 22.04 ? 287 GLY A N     1 
ATOM   734  C CA    . GLY A 1 96  ? -4.993  5.938   15.432  1.00 16.29 ? 287 GLY A CA    1 
ATOM   735  C C     . GLY A 1 96  ? -4.956  4.652   14.630  1.00 20.34 ? 287 GLY A C     1 
ATOM   736  O O     . GLY A 1 96  ? -5.773  3.771   14.851  1.00 23.69 ? 287 GLY A O     1 
ATOM   737  N N     . LEU A 1 97  ? -4.016  4.516   13.691  1.00 17.37 ? 288 LEU A N     1 
ATOM   738  C CA    . LEU A 1 97  ? -3.961  3.275   12.928  1.00 10.99 ? 288 LEU A CA    1 
ATOM   739  C C     . LEU A 1 97  ? -3.283  2.165   13.725  1.00 18.29 ? 288 LEU A C     1 
ATOM   740  O O     . LEU A 1 97  ? -2.360  2.410   14.512  1.00 22.78 ? 288 LEU A O     1 
ATOM   741  C CB    . LEU A 1 97  ? -3.220  3.457   11.595  1.00 13.11 ? 288 LEU A CB    1 
ATOM   742  C CG    . LEU A 1 97  ? -3.697  4.600   10.686  1.00 15.46 ? 288 LEU A CG    1 
ATOM   743  C CD1   . LEU A 1 97  ? -2.786  4.708   9.470   1.00 14.52 ? 288 LEU A CD1   1 
ATOM   744  C CD2   . LEU A 1 97  ? -5.167  4.366   10.269  1.00 11.27 ? 288 LEU A CD2   1 
ATOM   745  N N     . LYS A 1 98  ? -3.731  0.934   13.521  1.00 23.21 ? 289 LYS A N     1 
ATOM   746  C CA    . LYS A 1 98  ? -3.140  -0.175  14.254  1.00 22.69 ? 289 LYS A CA    1 
ATOM   747  C C     . LYS A 1 98  ? -2.021  -0.718  13.394  1.00 23.15 ? 289 LYS A C     1 
ATOM   748  O O     . LYS A 1 98  ? -2.237  -1.084  12.245  1.00 25.16 ? 289 LYS A O     1 
ATOM   749  C CB    . LYS A 1 98  ? -4.171  -1.278  14.500  1.00 30.96 ? 289 LYS A CB    1 
ATOM   750  C CG    . LYS A 1 98  ? -5.503  -0.781  15.060  1.00 44.35 ? 289 LYS A CG    1 
ATOM   751  C CD    . LYS A 1 98  ? -5.363  -0.129  16.443  1.00 57.53 ? 289 LYS A CD    1 
ATOM   752  C CE    . LYS A 1 98  ? -6.703  0.434   16.932  1.00 62.47 ? 289 LYS A CE    1 
ATOM   753  N NZ    . LYS A 1 98  ? -6.648  0.937   18.337  1.00 58.44 ? 289 LYS A NZ    1 
ATOM   754  N N     . PRO A 1 99  ? -0.800  -0.757  13.926  1.00 20.65 ? 290 PRO A N     1 
ATOM   755  C CA    . PRO A 1 99  ? 0.300   -1.286  13.116  1.00 21.88 ? 290 PRO A CA    1 
ATOM   756  C C     . PRO A 1 99  ? 0.088   -2.773  12.834  1.00 26.44 ? 290 PRO A C     1 
ATOM   757  O O     . PRO A 1 99  ? -0.315  -3.517  13.720  1.00 29.03 ? 290 PRO A O     1 
ATOM   758  C CB    . PRO A 1 99  ? 1.530   -1.003  13.983  1.00 16.91 ? 290 PRO A CB    1 
ATOM   759  C CG    . PRO A 1 99  ? 0.978   -1.030  15.369  1.00 25.74 ? 290 PRO A CG    1 
ATOM   760  C CD    . PRO A 1 99  ? -0.325  -0.291  15.237  1.00 26.42 ? 290 PRO A CD    1 
ATOM   761  N N     . VAL A 1 100 ? 0.287   -3.196  11.590  1.00 19.34 ? 291 VAL A N     1 
ATOM   762  C CA    . VAL A 1 100 ? 0.145   -4.605  11.249  1.00 16.67 ? 291 VAL A CA    1 
ATOM   763  C C     . VAL A 1 100 ? 1.423   -4.993  10.518  1.00 11.69 ? 291 VAL A C     1 
ATOM   764  O O     . VAL A 1 100 ? 1.786   -4.377  9.523   1.00 15.64 ? 291 VAL A O     1 
ATOM   765  C CB    . VAL A 1 100 ? -1.032  -4.866  10.308  1.00 21.51 ? 291 VAL A CB    1 
ATOM   766  C CG1   . VAL A 1 100 ? -0.965  -6.282  9.804   1.00 25.26 ? 291 VAL A CG1   1 
ATOM   767  C CG2   . VAL A 1 100 ? -2.351  -4.636  11.029  1.00 19.75 ? 291 VAL A CG2   1 
ATOM   768  N N     . SER A 1 101 ? 2.092   -6.029  10.988  1.00 14.13 ? 292 SER A N     1 
ATOM   769  C CA    . SER A 1 101 ? 3.362   -6.450  10.371  1.00 15.15 ? 292 SER A CA    1 
ATOM   770  C C     . SER A 1 101 ? 3.137   -7.697  9.530   1.00 16.87 ? 292 SER A C     1 
ATOM   771  O O     . SER A 1 101 ? 2.395   -8.589  9.957   1.00 15.90 ? 292 SER A O     1 
ATOM   772  C CB    . SER A 1 101 ? 4.377   -6.765  11.479  1.00 18.35 ? 292 SER A CB    1 
ATOM   773  O OG    . SER A 1 101 ? 5.557   -7.318  10.943  1.00 21.84 ? 292 SER A OG    1 
ATOM   774  N N     . VAL A 1 102 ? 3.749   -7.749  8.344   1.00 11.81 ? 293 VAL A N     1 
ATOM   775  C CA    . VAL A 1 102 ? 3.628   -8.923  7.461   1.00 8.49  ? 293 VAL A CA    1 
ATOM   776  C C     . VAL A 1 102 ? 4.999   -9.545  7.168   1.00 12.62 ? 293 VAL A C     1 
ATOM   777  O O     . VAL A 1 102 ? 5.117   -10.487 6.377   1.00 15.43 ? 293 VAL A O     1 
ATOM   778  C CB    . VAL A 1 102 ? 2.912   -8.597  6.143   1.00 11.67 ? 293 VAL A CB    1 
ATOM   779  C CG1   . VAL A 1 102 ? 1.507   -8.120  6.457   1.00 12.91 ? 293 VAL A CG1   1 
ATOM   780  C CG2   . VAL A 1 102 ? 3.675   -7.511  5.325   1.00 10.77 ? 293 VAL A CG2   1 
ATOM   781  N N     . ILE A 1 103 ? 6.019   -9.019  7.837   1.00 11.43 ? 294 ILE A N     1 
ATOM   782  C CA    . ILE A 1 103 ? 7.394   -9.528  7.701   1.00 15.51 ? 294 ILE A CA    1 
ATOM   783  C C     . ILE A 1 103 ? 7.889   -9.761  9.112   1.00 18.02 ? 294 ILE A C     1 
ATOM   784  O O     . ILE A 1 103 ? 7.921   -8.825  9.907   1.00 16.58 ? 294 ILE A O     1 
ATOM   785  C CB    . ILE A 1 103 ? 8.318   -8.511  7.012   1.00 11.27 ? 294 ILE A CB    1 
ATOM   786  C CG1   . ILE A 1 103 ? 7.799   -8.193  5.620   1.00 14.15 ? 294 ILE A CG1   1 
ATOM   787  C CG2   . ILE A 1 103 ? 9.717   -9.066  6.927   1.00 17.21 ? 294 ILE A CG2   1 
ATOM   788  C CD1   . ILE A 1 103 ? 8.505   -7.004  4.949   1.00 15.91 ? 294 ILE A CD1   1 
ATOM   789  N N     . ASN A 1 104 ? 8.253   -10.998 9.444   1.00 21.12 ? 295 ASN A N     1 
ATOM   790  C CA    . ASN A 1 104 ? 8.714   -11.277 10.797  1.00 20.59 ? 295 ASN A CA    1 
ATOM   791  C C     . ASN A 1 104 ? 10.194  -10.963 10.987  1.00 20.74 ? 295 ASN A C     1 
ATOM   792  O O     . ASN A 1 104 ? 10.870  -10.547 10.048  1.00 22.67 ? 295 ASN A O     1 
ATOM   793  C CB    . ASN A 1 104 ? 8.402   -12.734 11.216  1.00 22.09 ? 295 ASN A CB    1 
ATOM   794  C CG    . ASN A 1 104 ? 9.120   -13.786 10.359  1.00 26.05 ? 295 ASN A CG    1 
ATOM   795  O OD1   . ASN A 1 104 ? 10.239  -13.579 9.886   1.00 17.21 ? 295 ASN A OD1   1 
ATOM   796  N ND2   . ASN A 1 104 ? 8.479   -14.940 10.191  1.00 15.67 ? 295 ASN A ND2   1 
ATOM   797  N N     . LEU A 1 105 ? 10.694  -11.165 12.203  1.00 23.42 ? 296 LEU A N     1 
ATOM   798  C CA    . LEU A 1 105 ? 12.081  -10.868 12.520  1.00 22.03 ? 296 LEU A CA    1 
ATOM   799  C C     . LEU A 1 105 ? 13.113  -11.627 11.695  1.00 23.60 ? 296 LEU A C     1 
ATOM   800  O O     . LEU A 1 105 ? 14.217  -11.125 11.463  1.00 32.80 ? 296 LEU A O     1 
ATOM   801  C CB    . LEU A 1 105 ? 12.334  -11.073 14.021  1.00 34.22 ? 296 LEU A CB    1 
ATOM   802  C CG    . LEU A 1 105 ? 11.603  -10.047 14.910  1.00 43.32 ? 296 LEU A CG    1 
ATOM   803  C CD1   . LEU A 1 105 ? 12.024  -10.232 16.354  1.00 44.91 ? 296 LEU A CD1   1 
ATOM   804  C CD2   . LEU A 1 105 ? 11.908  -8.622  14.450  1.00 42.66 ? 296 LEU A CD2   1 
ATOM   805  N N     . GLU A 1 106 ? 12.765  -12.819 11.229  1.00 24.24 ? 297 GLU A N     1 
ATOM   806  C CA    . GLU A 1 106 ? 13.690  -13.583 10.421  1.00 16.15 ? 297 GLU A CA    1 
ATOM   807  C C     . GLU A 1 106 ? 13.609  -13.122 8.958   1.00 17.23 ? 297 GLU A C     1 
ATOM   808  O O     . GLU A 1 106 ? 14.285  -13.662 8.084   1.00 22.91 ? 297 GLU A O     1 
ATOM   809  C CB    . GLU A 1 106 ? 13.370  -15.075 10.520  1.00 22.65 ? 297 GLU A CB    1 
ATOM   810  C CG    . GLU A 1 106 ? 13.932  -15.754 11.751  1.00 45.34 ? 297 GLU A CG    1 
ATOM   811  C CD    . GLU A 1 106 ? 13.162  -15.398 12.999  1.00 56.72 ? 297 GLU A CD    1 
ATOM   812  O OE1   . GLU A 1 106 ? 13.687  -15.637 14.110  1.00 59.87 ? 297 GLU A OE1   1 
ATOM   813  O OE2   . GLU A 1 106 ? 12.028  -14.885 12.868  1.00 61.65 ? 297 GLU A OE2   1 
ATOM   814  N N     . GLY A 1 107 ? 12.768  -12.141 8.671   1.00 13.89 ? 298 GLY A N     1 
ATOM   815  C CA    . GLY A 1 107 ? 12.672  -11.676 7.299   1.00 11.64 ? 298 GLY A CA    1 
ATOM   816  C C     . GLY A 1 107 ? 11.731  -12.468 6.387   1.00 21.18 ? 298 GLY A C     1 
ATOM   817  O O     . GLY A 1 107 ? 11.814  -12.343 5.166   1.00 18.16 ? 298 GLY A O     1 
ATOM   818  N N     . ARG A 1 108 ? 10.842  -13.282 6.945   1.00 12.83 ? 299 ARG A N     1 
ATOM   819  C CA    . ARG A 1 108 ? 9.903   -14.022 6.096   1.00 16.45 ? 299 ARG A CA    1 
ATOM   820  C C     . ARG A 1 108 ? 8.472   -13.447 6.187   1.00 13.36 ? 299 ARG A C     1 
ATOM   821  O O     . ARG A 1 108 ? 8.081   -12.900 7.228   1.00 16.17 ? 299 ARG A O     1 
ATOM   822  C CB    . ARG A 1 108 ? 9.923   -15.504 6.471   1.00 14.66 ? 299 ARG A CB    1 
ATOM   823  C CG    . ARG A 1 108 ? 11.264  -16.170 6.120   1.00 19.70 ? 299 ARG A CG    1 
ATOM   824  C CD    . ARG A 1 108 ? 11.228  -17.682 6.342   1.00 25.21 ? 299 ARG A CD    1 
ATOM   825  N NE    . ARG A 1 108 ? 11.292  -18.039 7.763   1.00 25.63 ? 299 ARG A NE    1 
ATOM   826  C CZ    . ARG A 1 108 ? 12.418  -18.122 8.470   1.00 37.51 ? 299 ARG A CZ    1 
ATOM   827  N NH1   . ARG A 1 108 ? 13.594  -17.876 7.899   1.00 35.00 ? 299 ARG A NH1   1 
ATOM   828  N NH2   . ARG A 1 108 ? 12.371  -18.452 9.753   1.00 30.50 ? 299 ARG A NH2   1 
ATOM   829  N N     . MET A 1 109 ? 7.712   -13.561 5.095   1.00 11.83 ? 300 MET A N     1 
ATOM   830  C CA    . MET A 1 109 ? 6.345   -13.050 5.028   1.00 9.82  ? 300 MET A CA    1 
ATOM   831  C C     . MET A 1 109 ? 5.439   -13.917 5.898   1.00 22.64 ? 300 MET A C     1 
ATOM   832  O O     . MET A 1 109 ? 5.522   -15.161 5.891   1.00 16.73 ? 300 MET A O     1 
ATOM   833  C CB    . MET A 1 109 ? 5.819   -13.070 3.593   1.00 15.38 ? 300 MET A CB    1 
ATOM   834  C CG    . MET A 1 109 ? 6.759   -12.474 2.568   1.00 21.70 ? 300 MET A CG    1 
ATOM   835  S SD    . MET A 1 109 ? 7.086   -10.737 2.875   1.00 16.91 ? 300 MET A SD    1 
ATOM   836  C CE    . MET A 1 109 ? 5.346   -10.033 2.791   1.00 17.26 ? 300 MET A CE    1 
ATOM   837  N N     . GLU A 1 110 ? 4.529   -13.265 6.603   1.00 13.28 ? 301 GLU A N     1 
ATOM   838  C CA    . GLU A 1 110 ? 3.663   -13.988 7.502   1.00 18.69 ? 301 GLU A CA    1 
ATOM   839  C C     . GLU A 1 110 ? 2.383   -13.228 7.728   1.00 18.66 ? 301 GLU A C     1 
ATOM   840  O O     . GLU A 1 110 ? 2.388   -11.991 7.726   1.00 15.33 ? 301 GLU A O     1 
ATOM   841  C CB    . GLU A 1 110 ? 4.387   -14.148 8.840   1.00 13.59 ? 301 GLU A CB    1 
ATOM   842  C CG    . GLU A 1 110 ? 3.602   -14.811 9.876   1.00 25.67 ? 301 GLU A CG    1 
ATOM   843  C CD    . GLU A 1 110 ? 4.349   -14.872 11.181  1.00 23.10 ? 301 GLU A CD    1 
ATOM   844  O OE1   . GLU A 1 110 ? 3.696   -15.191 12.191  1.00 28.99 ? 301 GLU A OE1   1 
ATOM   845  O OE2   . GLU A 1 110 ? 5.580   -14.617 11.189  1.00 24.12 ? 301 GLU A OE2   1 
ATOM   846  N N     . GLY A 1 111 ? 1.292   -13.966 7.936   1.00 17.61 ? 302 GLY A N     1 
ATOM   847  C CA    . GLY A 1 111 ? 0.028   -13.318 8.209   1.00 19.21 ? 302 GLY A CA    1 
ATOM   848  C C     . GLY A 1 111 ? -1.143  -13.659 7.304   1.00 15.99 ? 302 GLY A C     1 
ATOM   849  O O     . GLY A 1 111 ? -1.000  -13.932 6.115   1.00 15.26 ? 302 GLY A O     1 
ATOM   850  N N     . GLU A 1 112 ? -2.336  -13.600 7.872   1.00 16.23 ? 303 GLU A N     1 
ATOM   851  C CA    . GLU A 1 112 ? -3.522  -13.903 7.085   1.00 16.06 ? 303 GLU A CA    1 
ATOM   852  C C     . GLU A 1 112 ? -3.676  -12.944 5.897   1.00 20.79 ? 303 GLU A C     1 
ATOM   853  O O     . GLU A 1 112 ? -4.152  -13.319 4.828   1.00 18.43 ? 303 GLU A O     1 
ATOM   854  C CB    . GLU A 1 112 ? -4.749  -13.816 7.975   1.00 25.48 ? 303 GLU A CB    1 
ATOM   855  C CG    . GLU A 1 112 ? -6.037  -14.145 7.266   1.00 35.26 ? 303 GLU A CG    1 
ATOM   856  C CD    . GLU A 1 112 ? -7.208  -13.972 8.192   1.00 54.35 ? 303 GLU A CD    1 
ATOM   857  O OE1   . GLU A 1 112 ? -7.317  -12.879 8.794   1.00 57.36 ? 303 GLU A OE1   1 
ATOM   858  O OE2   . GLU A 1 112 ? -8.006  -14.927 8.325   1.00 58.70 ? 303 GLU A OE2   1 
ATOM   859  N N     . ARG A 1 113 ? -3.260  -11.695 6.063   1.00 14.02 ? 304 ARG A N     1 
ATOM   860  C CA    . ARG A 1 113 ? -3.422  -10.779 4.932   1.00 16.35 ? 304 ARG A CA    1 
ATOM   861  C C     . ARG A 1 113 ? -2.435  -11.050 3.792   1.00 14.44 ? 304 ARG A C     1 
ATOM   862  O O     . ARG A 1 113 ? -2.625  -10.577 2.675   1.00 16.79 ? 304 ARG A O     1 
ATOM   863  C CB    . ARG A 1 113 ? -3.331  -9.333  5.437   1.00 27.17 ? 304 ARG A CB    1 
ATOM   864  C CG    . ARG A 1 113 ? -4.608  -8.941  6.189   1.00 33.45 ? 304 ARG A CG    1 
ATOM   865  C CD    . ARG A 1 113 ? -4.457  -7.770  7.149   1.00 33.11 ? 304 ARG A CD    1 
ATOM   866  N NE    . ARG A 1 113 ? -3.869  -6.594  6.523   1.00 42.05 ? 304 ARG A NE    1 
ATOM   867  C CZ    . ARG A 1 113 ? -4.111  -5.331  6.877   1.00 29.27 ? 304 ARG A CZ    1 
ATOM   868  N NH1   . ARG A 1 113 ? -4.955  -5.025  7.865   1.00 26.29 ? 304 ARG A NH1   1 
ATOM   869  N NH2   . ARG A 1 113 ? -3.478  -4.363  6.243   1.00 18.86 ? 304 ARG A NH2   1 
ATOM   870  N N     . VAL A 1 114 ? -1.389  -11.823 4.059   1.00 18.58 ? 305 VAL A N     1 
ATOM   871  C CA    . VAL A 1 114 ? -0.412  -12.113 3.010   1.00 16.17 ? 305 VAL A CA    1 
ATOM   872  C C     . VAL A 1 114 ? -0.947  -13.227 2.117   1.00 13.33 ? 305 VAL A C     1 
ATOM   873  O O     . VAL A 1 114 ? -1.383  -14.251 2.625   1.00 18.41 ? 305 VAL A O     1 
ATOM   874  C CB    . VAL A 1 114 ? 0.943   -12.575 3.631   1.00 19.31 ? 305 VAL A CB    1 
ATOM   875  C CG1   . VAL A 1 114 ? 1.910   -13.036 2.525   1.00 14.39 ? 305 VAL A CG1   1 
ATOM   876  C CG2   . VAL A 1 114 ? 1.554   -11.445 4.445   1.00 11.37 ? 305 VAL A CG2   1 
ATOM   877  N N     . PRO A 1 115 ? -0.920  -13.047 0.777   1.00 15.39 ? 306 PRO A N     1 
ATOM   878  C CA    . PRO A 1 115 ? -1.401  -14.073 -0.170  1.00 16.35 ? 306 PRO A CA    1 
ATOM   879  C C     . PRO A 1 115 ? -0.729  -15.425 0.139   1.00 19.53 ? 306 PRO A C     1 
ATOM   880  O O     . PRO A 1 115 ? 0.480   -15.488 0.413   1.00 16.02 ? 306 PRO A O     1 
ATOM   881  C CB    . PRO A 1 115 ? -0.958  -13.540 -1.519  1.00 19.73 ? 306 PRO A CB    1 
ATOM   882  C CG    . PRO A 1 115 ? -1.040  -12.029 -1.321  1.00 19.72 ? 306 PRO A CG    1 
ATOM   883  C CD    . PRO A 1 115 ? -0.437  -11.850 0.061   1.00 19.99 ? 306 PRO A CD    1 
ATOM   884  N N     . GLU A 1 116 ? -1.510  -16.499 0.079   1.00 19.08 ? 307 GLU A N     1 
ATOM   885  C CA    . GLU A 1 116 ? -1.012  -17.853 0.365   1.00 19.97 ? 307 GLU A CA    1 
ATOM   886  C C     . GLU A 1 116 ? 0.317   -18.197 -0.310  1.00 20.86 ? 307 GLU A C     1 
ATOM   887  O O     . GLU A 1 116 ? 1.232   -18.781 0.305   1.00 20.56 ? 307 GLU A O     1 
ATOM   888  C CB    . GLU A 1 116 ? -2.078  -18.867 -0.055  1.00 23.55 ? 307 GLU A CB    1 
ATOM   889  C CG    . GLU A 1 116 ? -1.724  -20.296 0.214   1.00 24.56 ? 307 GLU A CG    1 
ATOM   890  C CD    . GLU A 1 116 ? -2.914  -21.215 -0.007  1.00 34.46 ? 307 GLU A CD    1 
ATOM   891  O OE1   . GLU A 1 116 ? -3.987  -20.978 0.604   1.00 33.26 ? 307 GLU A OE1   1 
ATOM   892  O OE2   . GLU A 1 116 ? -2.775  -22.175 -0.784  1.00 34.89 ? 307 GLU A OE2   1 
ATOM   893  N N     . ALA A 1 117 ? 0.433   -17.824 -1.577  1.00 17.64 ? 308 ALA A N     1 
ATOM   894  C CA    . ALA A 1 117 ? 1.635   -18.113 -2.340  1.00 14.55 ? 308 ALA A CA    1 
ATOM   895  C C     . ALA A 1 117 ? 2.881   -17.372 -1.837  1.00 20.45 ? 308 ALA A C     1 
ATOM   896  O O     . ALA A 1 117 ? 3.997   -17.711 -2.212  1.00 20.63 ? 308 ALA A O     1 
ATOM   897  C CB    . ALA A 1 117 ? 1.402   -17.801 -3.788  1.00 18.43 ? 308 ALA A CB    1 
ATOM   898  N N     . LEU A 1 118 ? 2.697   -16.374 -0.978  1.00 14.24 ? 309 LEU A N     1 
ATOM   899  C CA    . LEU A 1 118 ? 3.832   -15.619 -0.445  1.00 15.08 ? 309 LEU A CA    1 
ATOM   900  C C     . LEU A 1 118 ? 4.235   -15.943 0.987   1.00 17.01 ? 309 LEU A C     1 
ATOM   901  O O     . LEU A 1 118 ? 5.350   -15.598 1.402   1.00 15.83 ? 309 LEU A O     1 
ATOM   902  C CB    . LEU A 1 118 ? 3.544   -14.104 -0.533  1.00 20.02 ? 309 LEU A CB    1 
ATOM   903  C CG    . LEU A 1 118 ? 3.251   -13.566 -1.938  1.00 23.39 ? 309 LEU A CG    1 
ATOM   904  C CD1   . LEU A 1 118 ? 2.943   -12.062 -1.864  1.00 18.95 ? 309 LEU A CD1   1 
ATOM   905  C CD2   . LEU A 1 118 ? 4.439   -13.839 -2.857  1.00 21.87 ? 309 LEU A CD2   1 
ATOM   906  N N     . ARG A 1 119 ? 3.357   -16.595 1.763   1.00 16.51 ? 310 ARG A N     1 
ATOM   907  C CA    . ARG A 1 119 ? 3.684   -16.895 3.161   1.00 14.27 ? 310 ARG A CA    1 
ATOM   908  C C     . ARG A 1 119 ? 4.921   -17.750 3.286   1.00 15.83 ? 310 ARG A C     1 
ATOM   909  O O     . ARG A 1 119 ? 5.088   -18.728 2.559   1.00 18.46 ? 310 ARG A O     1 
ATOM   910  C CB    . ARG A 1 119 ? 2.503   -17.586 3.868   1.00 9.79  ? 310 ARG A CB    1 
ATOM   911  C CG    . ARG A 1 119 ? 1.247   -16.705 4.009   1.00 12.61 ? 310 ARG A CG    1 
ATOM   912  C CD    . ARG A 1 119 ? 0.058   -17.471 4.570   1.00 21.42 ? 310 ARG A CD    1 
ATOM   913  N NE    . ARG A 1 119 ? -1.146  -16.651 4.543   1.00 14.49 ? 310 ARG A NE    1 
ATOM   914  C CZ    . ARG A 1 119 ? -2.324  -17.070 4.095   1.00 28.80 ? 310 ARG A CZ    1 
ATOM   915  N NH1   . ARG A 1 119 ? -2.440  -18.306 3.649   1.00 16.92 ? 310 ARG A NH1   1 
ATOM   916  N NH2   . ARG A 1 119 ? -3.372  -16.251 4.075   1.00 21.73 ? 310 ARG A NH2   1 
ATOM   917  N N     . GLY A 1 120 ? 5.806   -17.376 4.205   1.00 12.98 ? 311 GLY A N     1 
ATOM   918  C CA    . GLY A 1 120 ? 7.020   -18.153 4.394   1.00 14.25 ? 311 GLY A CA    1 
ATOM   919  C C     . GLY A 1 120 ? 8.196   -17.805 3.487   1.00 21.46 ? 311 GLY A C     1 
ATOM   920  O O     . GLY A 1 120 ? 9.327   -18.179 3.800   1.00 20.21 ? 311 GLY A O     1 
ATOM   921  N N     . LEU A 1 121 ? 7.964   -17.111 2.372   1.00 19.98 ? 312 LEU A N     1 
ATOM   922  C CA    . LEU A 1 121 ? 9.068   -16.722 1.485   1.00 20.25 ? 312 LEU A CA    1 
ATOM   923  C C     . LEU A 1 121 ? 9.902   -15.611 2.139   1.00 20.79 ? 312 LEU A C     1 
ATOM   924  O O     . LEU A 1 121 ? 9.371   -14.799 2.906   1.00 15.60 ? 312 LEU A O     1 
ATOM   925  C CB    . LEU A 1 121 ? 8.549   -16.183 0.165   1.00 12.54 ? 312 LEU A CB    1 
ATOM   926  C CG    . LEU A 1 121 ? 7.730   -17.121 -0.722  1.00 24.05 ? 312 LEU A CG    1 
ATOM   927  C CD1   . LEU A 1 121 ? 7.529   -16.443 -2.064  1.00 21.87 ? 312 LEU A CD1   1 
ATOM   928  C CD2   . LEU A 1 121 ? 8.474   -18.449 -0.931  1.00 24.91 ? 312 LEU A CD2   1 
ATOM   929  N N     . ASP A 1 122 ? 11.197  -15.551 1.853   1.00 20.08 ? 313 ASP A N     1 
ATOM   930  C CA    . ASP A 1 122 ? 11.989  -14.467 2.457   1.00 22.24 ? 313 ASP A CA    1 
ATOM   931  C C     . ASP A 1 122 ? 11.522  -13.177 1.761   1.00 21.67 ? 313 ASP A C     1 
ATOM   932  O O     . ASP A 1 122 ? 11.079  -13.222 0.612   1.00 19.04 ? 313 ASP A O     1 
ATOM   933  C CB    . ASP A 1 122 ? 13.496  -14.710 2.267   1.00 32.41 ? 313 ASP A CB    1 
ATOM   934  C CG    . ASP A 1 122 ? 13.984  -14.342 0.887   1.00 41.67 ? 313 ASP A CG    1 
ATOM   935  O OD1   . ASP A 1 122 ? 14.236  -13.146 0.635   1.00 43.90 ? 313 ASP A OD1   1 
ATOM   936  O OD2   . ASP A 1 122 ? 14.118  -15.254 0.047   1.00 53.54 ? 313 ASP A OD2   1 
ATOM   937  N N     . ARG A 1 123 ? 11.607  -12.048 2.460   1.00 19.12 ? 314 ARG A N     1 
ATOM   938  C CA    . ARG A 1 123 ? 11.149  -10.757 1.928   1.00 18.19 ? 314 ARG A CA    1 
ATOM   939  C C     . ARG A 1 123 ? 11.568  -10.458 0.488   1.00 22.20 ? 314 ARG A C     1 
ATOM   940  O O     . ARG A 1 123 ? 10.736  -10.048 -0.333  1.00 17.31 ? 314 ARG A O     1 
ATOM   941  C CB    . ARG A 1 123 ? 11.594  -9.589  2.854   1.00 19.03 ? 314 ARG A CB    1 
ATOM   942  C CG    . ARG A 1 123 ? 10.822  -8.285  2.588   1.00 7.04  ? 314 ARG A CG    1 
ATOM   943  C CD    . ARG A 1 123 ? 11.495  -7.484  1.434   1.00 16.90 ? 314 ARG A CD    1 
ATOM   944  N NE    . ARG A 1 123 ? 12.538  -6.608  1.947   1.00 38.26 ? 314 ARG A NE    1 
ATOM   945  C CZ    . ARG A 1 123 ? 12.310  -5.479  2.623   1.00 44.94 ? 314 ARG A CZ    1 
ATOM   946  N NH1   . ARG A 1 123 ? 11.070  -5.060  2.876   1.00 39.48 ? 314 ARG A NH1   1 
ATOM   947  N NH2   . ARG A 1 123 ? 13.330  -4.762  3.063   1.00 47.33 ? 314 ARG A NH2   1 
ATOM   948  N N     . PHE A 1 124 ? 12.843  -10.655 0.157   1.00 18.14 ? 315 PHE A N     1 
ATOM   949  C CA    . PHE A 1 124 ? 13.299  -10.362 -1.211  1.00 20.30 ? 315 PHE A CA    1 
ATOM   950  C C     . PHE A 1 124 ? 12.669  -11.211 -2.305  1.00 20.23 ? 315 PHE A C     1 
ATOM   951  O O     . PHE A 1 124 ? 12.301  -10.705 -3.367  1.00 17.61 ? 315 PHE A O     1 
ATOM   952  C CB    . PHE A 1 124 ? 14.827  -10.417 -1.259  1.00 23.53 ? 315 PHE A CB    1 
ATOM   953  C CG    . PHE A 1 124 ? 15.460  -9.398  -0.377  1.00 25.39 ? 315 PHE A CG    1 
ATOM   954  C CD1   . PHE A 1 124 ? 15.573  -8.080  -0.794  1.00 34.25 ? 315 PHE A CD1   1 
ATOM   955  C CD2   . PHE A 1 124 ? 15.861  -9.732  0.911   1.00 36.58 ? 315 PHE A CD2   1 
ATOM   956  C CE1   . PHE A 1 124 ? 16.073  -7.104  0.056   1.00 34.14 ? 315 PHE A CE1   1 
ATOM   957  C CE2   . PHE A 1 124 ? 16.366  -8.758  1.779   1.00 27.36 ? 315 PHE A CE2   1 
ATOM   958  C CZ    . PHE A 1 124 ? 16.472  -7.444  1.348   1.00 32.62 ? 315 PHE A CZ    1 
ATOM   959  N N     . GLU A 1 125 ? 12.505  -12.502 -2.067  1.00 21.29 ? 316 GLU A N     1 
ATOM   960  C CA    . GLU A 1 125 ? 11.851  -13.315 -3.084  1.00 20.73 ? 316 GLU A CA    1 
ATOM   961  C C     . GLU A 1 125 ? 10.352  -12.901 -3.160  1.00 22.07 ? 316 GLU A C     1 
ATOM   962  O O     . GLU A 1 125 ? 9.745   -12.850 -4.245  1.00 16.49 ? 316 GLU A O     1 
ATOM   963  C CB    . GLU A 1 125 ? 11.978  -14.791 -2.705  1.00 27.23 ? 316 GLU A CB    1 
ATOM   964  C CG    . GLU A 1 125 ? 11.552  -15.751 -3.789  1.00 37.93 ? 316 GLU A CG    1 
ATOM   965  C CD    . GLU A 1 125 ? 11.585  -17.190 -3.310  1.00 42.74 ? 316 GLU A CD    1 
ATOM   966  O OE1   . GLU A 1 125 ? 12.511  -17.535 -2.546  1.00 44.45 ? 316 GLU A OE1   1 
ATOM   967  O OE2   . GLU A 1 125 ? 10.698  -17.974 -3.707  1.00 42.98 ? 316 GLU A OE2   1 
ATOM   968  N N     . ALA A 1 126 ? 9.763   -12.590 -2.004  1.00 15.54 ? 317 ALA A N     1 
ATOM   969  C CA    . ALA A 1 126 ? 8.362   -12.191 -1.943  1.00 18.94 ? 317 ALA A CA    1 
ATOM   970  C C     . ALA A 1 126 ? 8.124   -10.933 -2.763  1.00 14.14 ? 317 ALA A C     1 
ATOM   971  O O     . ALA A 1 126 ? 7.084   -10.786 -3.411  1.00 17.70 ? 317 ALA A O     1 
ATOM   972  C CB    . ALA A 1 126 ? 7.936   -11.950 -0.484  1.00 18.74 ? 317 ALA A CB    1 
ATOM   973  N N     . ARG A 1 127 ? 9.081   -10.017 -2.723  1.00 15.28 ? 318 ARG A N     1 
ATOM   974  C CA    . ARG A 1 127 ? 8.949   -8.788  -3.484  1.00 13.56 ? 318 ARG A CA    1 
ATOM   975  C C     . ARG A 1 127 ? 8.777   -9.106  -4.972  1.00 17.38 ? 318 ARG A C     1 
ATOM   976  O O     . ARG A 1 127 ? 7.869   -8.600  -5.635  1.00 13.52 ? 318 ARG A O     1 
ATOM   977  C CB    . ARG A 1 127 ? 10.179  -7.902  -3.280  1.00 14.87 ? 318 ARG A CB    1 
ATOM   978  C CG    . ARG A 1 127 ? 10.196  -6.691  -4.199  1.00 19.95 ? 318 ARG A CG    1 
ATOM   979  C CD    . ARG A 1 127 ? 11.289  -5.710  -3.778  1.00 20.89 ? 318 ARG A CD    1 
ATOM   980  N NE    . ARG A 1 127 ? 11.024  -5.150  -2.451  1.00 23.21 ? 318 ARG A NE    1 
ATOM   981  C CZ    . ARG A 1 127 ? 11.921  -4.479  -1.731  1.00 25.60 ? 318 ARG A CZ    1 
ATOM   982  N NH1   . ARG A 1 127 ? 13.151  -4.286  -2.199  1.00 29.04 ? 318 ARG A NH1   1 
ATOM   983  N NH2   . ARG A 1 127 ? 11.590  -3.979  -0.549  1.00 23.82 ? 318 ARG A NH2   1 
ATOM   984  N N     . ARG A 1 128 ? 9.663   -9.935  -5.507  1.00 14.97 ? 319 ARG A N     1 
ATOM   985  C CA    . ARG A 1 128 ? 9.562   -10.306 -6.916  1.00 21.23 ? 319 ARG A CA    1 
ATOM   986  C C     . ARG A 1 128 ? 8.235   -11.017 -7.214  1.00 19.31 ? 319 ARG A C     1 
ATOM   987  O O     . ARG A 1 128 ? 7.522   -10.668 -8.161  1.00 19.10 ? 319 ARG A O     1 
ATOM   988  C CB    . ARG A 1 128 ? 10.727  -11.229 -7.303  1.00 26.87 ? 319 ARG A CB    1 
ATOM   989  C CG    . ARG A 1 128 ? 12.080  -10.543 -7.344  1.00 37.27 ? 319 ARG A CG    1 
ATOM   990  C CD    . ARG A 1 128 ? 13.056  -11.398 -8.134  1.00 46.33 ? 319 ARG A CD    1 
ATOM   991  N NE    . ARG A 1 128 ? 13.198  -12.714 -7.520  1.00 55.56 ? 319 ARG A NE    1 
ATOM   992  C CZ    . ARG A 1 128 ? 14.039  -12.984 -6.526  1.00 59.38 ? 319 ARG A CZ    1 
ATOM   993  N NH1   . ARG A 1 128 ? 14.827  -12.026 -6.038  1.00 42.52 ? 319 ARG A NH1   1 
ATOM   994  N NH2   . ARG A 1 128 ? 14.073  -14.209 -6.008  1.00 57.01 ? 319 ARG A NH2   1 
ATOM   995  N N     . LYS A 1 129 ? 7.901   -12.006 -6.391  1.00 15.47 ? 320 LYS A N     1 
ATOM   996  C CA    . LYS A 1 129 ? 6.667   -12.777 -6.584  1.00 15.15 ? 320 LYS A CA    1 
ATOM   997  C C     . LYS A 1 129 ? 5.391   -11.949 -6.442  1.00 18.54 ? 320 LYS A C     1 
ATOM   998  O O     . LYS A 1 129 ? 4.415   -12.174 -7.165  1.00 18.04 ? 320 LYS A O     1 
ATOM   999  C CB    . LYS A 1 129 ? 6.615   -13.942 -5.601  1.00 16.13 ? 320 LYS A CB    1 
ATOM   1000 C CG    . LYS A 1 129 ? 7.772   -14.906 -5.707  1.00 33.77 ? 320 LYS A CG    1 
ATOM   1001 C CD    . LYS A 1 129 ? 7.645   -15.783 -6.934  1.00 44.80 ? 320 LYS A CD    1 
ATOM   1002 C CE    . LYS A 1 129 ? 8.854   -16.713 -7.081  1.00 52.41 ? 320 LYS A CE    1 
ATOM   1003 N NZ    . LYS A 1 129 ? 9.018   -17.661 -5.940  1.00 47.49 ? 320 LYS A NZ    1 
ATOM   1004 N N     . ALA A 1 130 ? 5.383   -11.014 -5.499  1.00 17.76 ? 321 ALA A N     1 
ATOM   1005 C CA    . ALA A 1 130 ? 4.212   -10.157 -5.293  1.00 16.40 ? 321 ALA A CA    1 
ATOM   1006 C C     . ALA A 1 130 ? 3.925   -9.354  -6.564  1.00 16.30 ? 321 ALA A C     1 
ATOM   1007 O O     . ALA A 1 130 ? 2.767   -9.164  -6.949  1.00 16.65 ? 321 ALA A O     1 
ATOM   1008 C CB    . ALA A 1 130 ? 4.451   -9.179  -4.102  1.00 16.66 ? 321 ALA A CB    1 
ATOM   1009 N N     . VAL A 1 131 ? 4.982   -8.880  -7.212  1.00 14.28 ? 322 VAL A N     1 
ATOM   1010 C CA    . VAL A 1 131 ? 4.814   -8.100  -8.430  1.00 14.38 ? 322 VAL A CA    1 
ATOM   1011 C C     . VAL A 1 131 ? 4.091   -8.938  -9.481  1.00 16.07 ? 322 VAL A C     1 
ATOM   1012 O O     . VAL A 1 131 ? 3.113   -8.497  -10.109 1.00 17.41 ? 322 VAL A O     1 
ATOM   1013 C CB    . VAL A 1 131 ? 6.177   -7.628  -8.977  1.00 16.36 ? 322 VAL A CB    1 
ATOM   1014 C CG1   . VAL A 1 131 ? 6.001   -6.999  -10.356 1.00 15.84 ? 322 VAL A CG1   1 
ATOM   1015 C CG2   . VAL A 1 131 ? 6.815   -6.626  -8.004  1.00 13.41 ? 322 VAL A CG2   1 
ATOM   1016 N N     . GLU A 1 132 ? 4.536   -10.168 -9.658  1.00 14.88 ? 323 GLU A N     1 
ATOM   1017 C CA    . GLU A 1 132 ? 3.891   -11.033 -10.644 1.00 22.05 ? 323 GLU A CA    1 
ATOM   1018 C C     . GLU A 1 132 ? 2.438   -11.350 -10.312 1.00 19.45 ? 323 GLU A C     1 
ATOM   1019 O O     . GLU A 1 132 ? 1.586   -11.395 -11.217 1.00 17.79 ? 323 GLU A O     1 
ATOM   1020 C CB    . GLU A 1 132 ? 4.719   -12.304 -10.842 1.00 24.69 ? 323 GLU A CB    1 
ATOM   1021 C CG    . GLU A 1 132 ? 6.123   -11.999 -11.386 1.00 22.86 ? 323 GLU A CG    1 
ATOM   1022 C CD    . GLU A 1 132 ? 6.103   -10.950 -12.507 1.00 34.52 ? 323 GLU A CD    1 
ATOM   1023 O OE1   . GLU A 1 132 ? 6.914   -9.986  -12.449 1.00 27.00 ? 323 GLU A OE1   1 
ATOM   1024 O OE2   . GLU A 1 132 ? 5.277   -11.088 -13.443 1.00 23.39 ? 323 GLU A OE2   1 
ATOM   1025 N N     . LEU A 1 133 ? 2.125   -11.565 -9.029  1.00 16.16 ? 324 LEU A N     1 
ATOM   1026 C CA    . LEU A 1 133 ? 0.733   -11.820 -8.645  1.00 21.60 ? 324 LEU A CA    1 
ATOM   1027 C C     . LEU A 1 133 ? -0.102  -10.569 -8.939  1.00 13.29 ? 324 LEU A C     1 
ATOM   1028 O O     . LEU A 1 133 ? -1.255  -10.655 -9.404  1.00 17.43 ? 324 LEU A O     1 
ATOM   1029 C CB    . LEU A 1 133 ? 0.618   -12.172 -7.152  1.00 14.50 ? 324 LEU A CB    1 
ATOM   1030 C CG    . LEU A 1 133 ? 1.164   -13.542 -6.766  1.00 14.82 ? 324 LEU A CG    1 
ATOM   1031 C CD1   . LEU A 1 133 ? 1.195   -13.682 -5.248  1.00 21.01 ? 324 LEU A CD1   1 
ATOM   1032 C CD2   . LEU A 1 133 ? 0.294   -14.611 -7.436  1.00 16.17 ? 324 LEU A CD2   1 
ATOM   1033 N N     . PHE A 1 134 ? 0.453   -9.402  -8.641  1.00 20.27 ? 325 PHE A N     1 
ATOM   1034 C CA    . PHE A 1 134 ? -0.274  -8.160  -8.937  1.00 12.28 ? 325 PHE A CA    1 
ATOM   1035 C C     . PHE A 1 134 ? -0.529  -8.022  -10.455 1.00 19.55 ? 325 PHE A C     1 
ATOM   1036 O O     . PHE A 1 134 ? -1.659  -7.711  -10.898 1.00 21.62 ? 325 PHE A O     1 
ATOM   1037 C CB    . PHE A 1 134 ? 0.528   -6.953  -8.447  1.00 8.44  ? 325 PHE A CB    1 
ATOM   1038 C CG    . PHE A 1 134 ? 0.552   -6.792  -6.945  1.00 12.24 ? 325 PHE A CG    1 
ATOM   1039 C CD1   . PHE A 1 134 ? -0.560  -7.159  -6.157  1.00 13.21 ? 325 PHE A CD1   1 
ATOM   1040 C CD2   . PHE A 1 134 ? 1.674   -6.246  -6.319  1.00 13.24 ? 325 PHE A CD2   1 
ATOM   1041 C CE1   . PHE A 1 134 ? -0.547  -6.979  -4.772  1.00 12.17 ? 325 PHE A CE1   1 
ATOM   1042 C CE2   . PHE A 1 134 ? 1.718   -6.054  -4.938  1.00 9.61  ? 325 PHE A CE2   1 
ATOM   1043 C CZ    . PHE A 1 134 ? 0.623   -6.415  -4.154  1.00 12.70 ? 325 PHE A CZ    1 
ATOM   1044 N N     . ARG A 1 135 ? 0.524   -8.235  -11.239 1.00 20.57 ? 326 ARG A N     1 
ATOM   1045 C CA    . ARG A 1 135 ? 0.463   -8.147  -12.696 1.00 23.52 ? 326 ARG A CA    1 
ATOM   1046 C C     . ARG A 1 135 ? -0.618  -9.062  -13.228 1.00 19.52 ? 326 ARG A C     1 
ATOM   1047 O O     . ARG A 1 135 ? -1.519  -8.632  -13.949 1.00 18.72 ? 326 ARG A O     1 
ATOM   1048 C CB    . ARG A 1 135 ? 1.806   -8.562  -13.320 1.00 26.24 ? 326 ARG A CB    1 
ATOM   1049 C CG    . ARG A 1 135 ? 1.953   -8.179  -14.816 1.00 29.95 ? 326 ARG A CG    1 
ATOM   1050 C CD    . ARG A 1 135 ? 3.079   -8.968  -15.498 1.00 24.87 ? 326 ARG A CD    1 
ATOM   1051 N NE    . ARG A 1 135 ? 4.360   -8.818  -14.810 1.00 24.83 ? 326 ARG A NE    1 
ATOM   1052 C CZ    . ARG A 1 135 ? 5.080   -7.711  -14.871 1.00 23.24 ? 326 ARG A CZ    1 
ATOM   1053 N NH1   . ARG A 1 135 ? 4.624   -6.703  -15.599 1.00 22.55 ? 326 ARG A NH1   1 
ATOM   1054 N NH2   . ARG A 1 135 ? 6.216   -7.592  -14.188 1.00 21.40 ? 326 ARG A NH2   1 
ATOM   1055 N N     . GLU A 1 136 ? -0.541  -10.333 -12.854 1.00 21.31 ? 327 GLU A N     1 
ATOM   1056 C CA    . GLU A 1 136 ? -1.511  -11.308 -13.336 1.00 28.85 ? 327 GLU A CA    1 
ATOM   1057 C C     . GLU A 1 136 ? -2.942  -10.994 -12.945 1.00 29.48 ? 327 GLU A C     1 
ATOM   1058 O O     . GLU A 1 136 ? -3.872  -11.335 -13.672 1.00 24.92 ? 327 GLU A O     1 
ATOM   1059 C CB    . GLU A 1 136 ? -1.150  -12.699 -12.834 1.00 36.29 ? 327 GLU A CB    1 
ATOM   1060 C CG    . GLU A 1 136 ? 0.228   -13.171 -13.263 1.00 52.34 ? 327 GLU A CG    1 
ATOM   1061 C CD    . GLU A 1 136 ? 0.679   -14.397 -12.486 1.00 65.77 ? 327 GLU A CD    1 
ATOM   1062 O OE1   . GLU A 1 136 ? 1.822   -14.855 -12.705 1.00 69.11 ? 327 GLU A OE1   1 
ATOM   1063 O OE2   . GLU A 1 136 ? -0.109  -14.903 -11.653 1.00 70.98 ? 327 GLU A OE2   1 
ATOM   1064 N N     . ALA A 1 137 ? -3.124  -10.348 -11.796 1.00 26.87 ? 328 ALA A N     1 
ATOM   1065 C CA    . ALA A 1 137 ? -4.453  -10.025 -11.321 1.00 19.12 ? 328 ALA A CA    1 
ATOM   1066 C C     . ALA A 1 137 ? -4.964  -8.666  -11.805 1.00 22.45 ? 328 ALA A C     1 
ATOM   1067 O O     . ALA A 1 137 ? -6.078  -8.264  -11.464 1.00 23.63 ? 328 ALA A O     1 
ATOM   1068 C CB    . ALA A 1 137 ? -4.488  -10.106 -9.774  1.00 22.64 ? 328 ALA A CB    1 
ATOM   1069 N N     . GLY A 1 138 ? -4.163  -7.968  -12.603 1.00 17.65 ? 329 GLY A N     1 
ATOM   1070 C CA    . GLY A 1 138 ? -4.585  -6.681  -13.140 1.00 18.49 ? 329 GLY A CA    1 
ATOM   1071 C C     . GLY A 1 138 ? -4.388  -5.435  -12.286 1.00 22.56 ? 329 GLY A C     1 
ATOM   1072 O O     . GLY A 1 138 ? -4.975  -4.396  -12.568 1.00 21.03 ? 329 GLY A O     1 
ATOM   1073 N N     . HIS A 1 139 ? -3.559  -5.524  -11.254 1.00 15.93 ? 330 HIS A N     1 
ATOM   1074 C CA    . HIS A 1 139 ? -3.287  -4.385  -10.361 1.00 18.44 ? 330 HIS A CA    1 
ATOM   1075 C C     . HIS A 1 139 ? -2.029  -3.580  -10.692 1.00 20.29 ? 330 HIS A C     1 
ATOM   1076 O O     . HIS A 1 139 ? -1.816  -2.489  -10.140 1.00 18.39 ? 330 HIS A O     1 
ATOM   1077 C CB    . HIS A 1 139 ? -3.187  -4.897  -8.930  1.00 16.68 ? 330 HIS A CB    1 
ATOM   1078 C CG    . HIS A 1 139 ? -4.487  -5.396  -8.390  1.00 16.52 ? 330 HIS A CG    1 
ATOM   1079 N ND1   . HIS A 1 139 ? -5.454  -4.549  -7.912  1.00 19.22 ? 330 HIS A ND1   1 
ATOM   1080 C CD2   . HIS A 1 139 ? -4.977  -6.649  -8.250  1.00 15.52 ? 330 HIS A CD2   1 
ATOM   1081 C CE1   . HIS A 1 139 ? -6.488  -5.255  -7.492  1.00 23.58 ? 330 HIS A CE1   1 
ATOM   1082 N NE2   . HIS A 1 139 ? -6.221  -6.535  -7.687  1.00 29.65 ? 330 HIS A NE2   1 
ATOM   1083 N N     . LEU A 1 140 ? -1.195  -4.100  -11.589 1.00 17.36 ? 331 LEU A N     1 
ATOM   1084 C CA    . LEU A 1 140 ? 0.034   -3.402  -11.946 1.00 18.21 ? 331 LEU A CA    1 
ATOM   1085 C C     . LEU A 1 140 ? -0.184  -2.426  -13.114 1.00 26.69 ? 331 LEU A C     1 
ATOM   1086 O O     . LEU A 1 140 ? -0.316  -2.840  -14.265 1.00 24.74 ? 331 LEU A O     1 
ATOM   1087 C CB    . LEU A 1 140 ? 1.119   -4.423  -12.302 1.00 15.61 ? 331 LEU A CB    1 
ATOM   1088 C CG    . LEU A 1 140 ? 2.529   -3.877  -12.511 1.00 19.61 ? 331 LEU A CG    1 
ATOM   1089 C CD1   . LEU A 1 140 ? 2.955   -3.093  -11.300 1.00 22.76 ? 331 LEU A CD1   1 
ATOM   1090 C CD2   . LEU A 1 140 ? 3.490   -5.032  -12.750 1.00 23.05 ? 331 LEU A CD2   1 
ATOM   1091 N N     . VAL A 1 141 ? -0.218  -1.134  -12.799 1.00 24.18 ? 332 VAL A N     1 
ATOM   1092 C CA    . VAL A 1 141 ? -0.424  -0.076  -13.778 1.00 23.11 ? 332 VAL A CA    1 
ATOM   1093 C C     . VAL A 1 141 ? 0.865   0.125   -14.538 1.00 22.90 ? 332 VAL A C     1 
ATOM   1094 O O     . VAL A 1 141 ? 0.864   0.314   -15.749 1.00 24.90 ? 332 VAL A O     1 
ATOM   1095 C CB    . VAL A 1 141 ? -0.822  1.248   -13.088 1.00 28.41 ? 332 VAL A CB    1 
ATOM   1096 C CG1   . VAL A 1 141 ? -0.918  2.364   -14.113 1.00 29.39 ? 332 VAL A CG1   1 
ATOM   1097 C CG2   . VAL A 1 141 ? -2.169  1.079   -12.377 1.00 19.36 ? 332 VAL A CG2   1 
ATOM   1098 N N     . LYS A 1 142 ? 1.981   0.109   -13.833 1.00 19.46 ? 333 LYS A N     1 
ATOM   1099 C CA    . LYS A 1 142 ? 3.227   0.246   -14.531 1.00 23.97 ? 333 LYS A CA    1 
ATOM   1100 C C     . LYS A 1 142 ? 4.428   0.032   -13.653 1.00 24.04 ? 333 LYS A C     1 
ATOM   1101 O O     . LYS A 1 142 ? 4.323   -0.077  -12.423 1.00 18.91 ? 333 LYS A O     1 
ATOM   1102 C CB    . LYS A 1 142 ? 3.312   1.608   -15.216 1.00 35.88 ? 333 LYS A CB    1 
ATOM   1103 C CG    . LYS A 1 142 ? 3.548   2.788   -14.321 1.00 32.49 ? 333 LYS A CG    1 
ATOM   1104 C CD    . LYS A 1 142 ? 3.942   3.997   -15.181 1.00 43.46 ? 333 LYS A CD    1 
ATOM   1105 C CE    . LYS A 1 142 ? 4.125   5.251   -14.347 1.00 50.49 ? 333 LYS A CE    1 
ATOM   1106 N NZ    . LYS A 1 142 ? 2.910   5.566   -13.532 1.00 57.68 ? 333 LYS A NZ    1 
ATOM   1107 N N     . GLU A 1 143 ? 5.582   -0.052  -14.294 1.00 20.28 ? 334 GLU A N     1 
ATOM   1108 C CA    . GLU A 1 143 ? 6.826   -0.253  -13.567 1.00 22.49 ? 334 GLU A CA    1 
ATOM   1109 C C     . GLU A 1 143 ? 7.917   0.597   -14.190 1.00 24.02 ? 334 GLU A C     1 
ATOM   1110 O O     . GLU A 1 143 ? 8.030   0.687   -15.416 1.00 25.41 ? 334 GLU A O     1 
ATOM   1111 C CB    . GLU A 1 143 ? 7.205   -1.741  -13.563 1.00 30.10 ? 334 GLU A CB    1 
ATOM   1112 C CG    . GLU A 1 143 ? 6.816   -2.465  -14.804 1.00 35.94 ? 334 GLU A CG    1 
ATOM   1113 C CD    . GLU A 1 143 ? 7.067   -3.963  -14.732 1.00 41.97 ? 334 GLU A CD    1 
ATOM   1114 O OE1   . GLU A 1 143 ? 6.545   -4.670  -15.625 1.00 40.32 ? 334 GLU A OE1   1 
ATOM   1115 O OE2   . GLU A 1 143 ? 7.776   -4.432  -13.806 1.00 39.01 ? 334 GLU A OE2   1 
ATOM   1116 N N     . GLU A 1 144 ? 8.707   1.236   -13.339 1.00 23.63 ? 335 GLU A N     1 
ATOM   1117 C CA    . GLU A 1 144 ? 9.772   2.110   -13.799 1.00 24.14 ? 335 GLU A CA    1 
ATOM   1118 C C     . GLU A 1 144 ? 11.108  1.722   -13.227 1.00 24.77 ? 335 GLU A C     1 
ATOM   1119 O O     . GLU A 1 144 ? 11.213  1.358   -12.062 1.00 26.98 ? 335 GLU A O     1 
ATOM   1120 C CB    . GLU A 1 144 ? 9.456   3.546   -13.410 1.00 31.06 ? 335 GLU A CB    1 
ATOM   1121 C CG    . GLU A 1 144 ? 8.179   4.045   -14.010 1.00 24.93 ? 335 GLU A CG    1 
ATOM   1122 C CD    . GLU A 1 144 ? 7.740   5.345   -13.388 1.00 37.91 ? 335 GLU A CD    1 
ATOM   1123 O OE1   . GLU A 1 144 ? 8.483   6.347   -13.490 1.00 49.50 ? 335 GLU A OE1   1 
ATOM   1124 O OE2   . GLU A 1 144 ? 6.650   5.361   -12.781 1.00 31.34 ? 335 GLU A OE2   1 
ATOM   1125 N N     . ASP A 1 145 ? 12.140  1.817   -14.060 1.00 26.94 ? 336 ASP A N     1 
ATOM   1126 C CA    . ASP A 1 145 ? 13.489  1.476   -13.636 1.00 24.96 ? 336 ASP A CA    1 
ATOM   1127 C C     . ASP A 1 145 ? 14.221  2.675   -13.062 1.00 30.13 ? 336 ASP A C     1 
ATOM   1128 O O     . ASP A 1 145 ? 14.003  3.806   -13.491 1.00 24.34 ? 336 ASP A O     1 
ATOM   1129 C CB    . ASP A 1 145 ? 14.290  0.932   -14.824 1.00 36.87 ? 336 ASP A CB    1 
ATOM   1130 C CG    . ASP A 1 145 ? 13.703  -0.346  -15.387 1.00 38.93 ? 336 ASP A CG    1 
ATOM   1131 O OD1   . ASP A 1 145 ? 13.122  -0.291  -16.485 1.00 36.90 ? 336 ASP A OD1   1 
ATOM   1132 O OD2   . ASP A 1 145 ? 13.818  -1.398  -14.719 1.00 35.09 ? 336 ASP A OD2   1 
ATOM   1133 N N     . TYR A 1 146 ? 15.088  2.434   -12.083 1.00 26.93 ? 337 TYR A N     1 
ATOM   1134 C CA    . TYR A 1 146 ? 15.879  3.517   -11.520 1.00 31.69 ? 337 TYR A CA    1 
ATOM   1135 C C     . TYR A 1 146 ? 17.176  3.642   -12.329 1.00 41.21 ? 337 TYR A C     1 
ATOM   1136 O O     . TYR A 1 146 ? 17.242  4.570   -13.170 1.00 37.65 ? 337 TYR A O     1 
ATOM   1137 C CB    . TYR A 1 146 ? 16.195  3.242   -10.049 1.00 33.54 ? 337 TYR A CB    1 
ATOM   1138 C CG    . TYR A 1 146 ? 15.097  3.727   -9.143  1.00 25.65 ? 337 TYR A CG    1 
ATOM   1139 C CD1   . TYR A 1 146 ? 14.985  5.082   -8.834  1.00 18.88 ? 337 TYR A CD1   1 
ATOM   1140 C CD2   . TYR A 1 146 ? 14.108  2.846   -8.663  1.00 22.38 ? 337 TYR A CD2   1 
ATOM   1141 C CE1   . TYR A 1 146 ? 13.915  5.561   -8.077  1.00 29.57 ? 337 TYR A CE1   1 
ATOM   1142 C CE2   . TYR A 1 146 ? 13.026  3.317   -7.907  1.00 23.95 ? 337 TYR A CE2   1 
ATOM   1143 C CZ    . TYR A 1 146 ? 12.936  4.674   -7.622  1.00 30.86 ? 337 TYR A CZ    1 
ATOM   1144 O OH    . TYR A 1 146 ? 11.856  5.163   -6.917  1.00 34.49 ? 337 TYR A OH    1 
ATOM   1145 O OXT   . TYR A 1 146 ? 18.091  2.798   -12.135 1.00 45.48 ? 337 TYR A OXT   1 
HETATM 1146 C CG2   . TSB B 2 .   ? 6.423   0.752   2.691   1.00 25.22 ? 999 TSB A CG2   1 
HETATM 1147 N N     . TSB B 2 .   ? 4.683   4.122   2.916   1.00 18.36 ? 999 TSB A N     1 
HETATM 1148 C CA    . TSB B 2 .   ? 5.805   3.192   2.728   1.00 32.81 ? 999 TSB A CA    1 
HETATM 1149 C CB    . TSB B 2 .   ? 5.316   1.774   2.421   1.00 31.86 ? 999 TSB A CB    1 
HETATM 1150 O OG1   . TSB B 2 .   ? 4.177   1.472   3.231   1.00 25.18 ? 999 TSB A OG1   1 
HETATM 1151 C C     . TSB B 2 .   ? 6.690   3.712   1.593   1.00 36.02 ? 999 TSB A C     1 
HETATM 1152 O O     . TSB B 2 .   ? 6.442   4.788   1.051   1.00 39.33 ? 999 TSB A O     1 
HETATM 1153 N N8    . TSB B 2 .   ? 7.546   2.826   1.092   1.00 42.20 ? 999 TSB A N8    1 
HETATM 1154 S S1    . TSB B 2 .   ? 8.614   3.257   -0.064  1.00 43.82 ? 999 TSB A S1    1 
HETATM 1155 O O1S   . TSB B 2 .   ? 8.159   3.138   -1.488  1.00 30.37 ? 999 TSB A O1S   1 
HETATM 1156 O O2S   . TSB B 2 .   ? 10.013  2.877   0.327   1.00 32.89 ? 999 TSB A O2S   1 
HETATM 1157 O "O5'" . TSB B 2 .   ? 8.655   4.756   0.047   1.00 40.07 ? 999 TSB A "O5'" 1 
HETATM 1158 C "C5'" . TSB B 2 .   ? 9.893   5.388   0.401   1.00 40.36 ? 999 TSB A "C5'" 1 
HETATM 1159 C "C4'" . TSB B 2 .   ? 9.773   6.578   1.360   1.00 42.01 ? 999 TSB A "C4'" 1 
HETATM 1160 O "O4'" . TSB B 2 .   ? 9.179   7.709   0.694   1.00 37.14 ? 999 TSB A "O4'" 1 
HETATM 1161 C "C3'" . TSB B 2 .   ? 8.882   6.267   2.567   1.00 47.00 ? 999 TSB A "C3'" 1 
HETATM 1162 O "O3'" . TSB B 2 .   ? 9.294   7.036   3.701   1.00 49.44 ? 999 TSB A "O3'" 1 
HETATM 1163 C "C2'" . TSB B 2 .   ? 7.540   6.780   2.052   1.00 46.62 ? 999 TSB A "C2'" 1 
HETATM 1164 O "O2'" . TSB B 2 .   ? 6.660   7.001   3.159   1.00 50.95 ? 999 TSB A "O2'" 1 
HETATM 1165 C "C1'" . TSB B 2 .   ? 8.014   8.101   1.441   1.00 39.16 ? 999 TSB A "C1'" 1 
HETATM 1166 N N9    . TSB B 2 .   ? 7.008   8.647   0.504   1.00 38.22 ? 999 TSB A N9    1 
HETATM 1167 C C8    . TSB B 2 .   ? 6.647   8.074   -0.642  1.00 34.47 ? 999 TSB A C8    1 
HETATM 1168 N N7    . TSB B 2 .   ? 5.677   8.782   -1.214  1.00 29.82 ? 999 TSB A N7    1 
HETATM 1169 C C5    . TSB B 2 .   ? 5.419   9.821   -0.425  1.00 30.45 ? 999 TSB A C5    1 
HETATM 1170 C C6    . TSB B 2 .   ? 4.494   10.854  -0.494  1.00 27.39 ? 999 TSB A C6    1 
HETATM 1171 N N6    . TSB B 2 .   ? 3.654   10.935  -1.524  1.00 28.60 ? 999 TSB A N6    1 
HETATM 1172 N N1    . TSB B 2 .   ? 4.457   11.794  0.544   1.00 27.32 ? 999 TSB A N1    1 
HETATM 1173 C C2    . TSB B 2 .   ? 5.352   11.664  1.615   1.00 24.84 ? 999 TSB A C2    1 
HETATM 1174 N N3    . TSB B 2 .   ? 6.216   10.664  1.646   1.00 30.70 ? 999 TSB A N3    1 
HETATM 1175 C C4    . TSB B 2 .   ? 6.272   9.745   0.669   1.00 31.65 ? 999 TSB A C4    1 
HETATM 1176 O O     . HOH C 3 .   ? 5.641   3.180   -11.438 1.00 19.88 ? 1   HOH A O     1 
HETATM 1177 O O     . HOH C 3 .   ? 1.480   -1.733  9.046   1.00 15.91 ? 2   HOH A O     1 
HETATM 1178 O O     . HOH C 3 .   ? -11.625 15.713  -6.460  1.00 16.66 ? 3   HOH A O     1 
HETATM 1179 O O     . HOH C 3 .   ? -8.495  10.892  -9.197  1.00 15.73 ? 4   HOH A O     1 
HETATM 1180 O O     . HOH C 3 .   ? -5.523  7.343   -8.981  1.00 16.97 ? 5   HOH A O     1 
HETATM 1181 O O     . HOH C 3 .   ? 2.484   5.023   -1.947  1.00 19.89 ? 6   HOH A O     1 
HETATM 1182 O O     . HOH C 3 .   ? 11.360  -2.296  -5.817  1.00 23.78 ? 7   HOH A O     1 
HETATM 1183 O O     . HOH C 3 .   ? 2.266   12.779  -8.292  1.00 18.99 ? 8   HOH A O     1 
HETATM 1184 O O     . HOH C 3 .   ? -1.841  -16.755 -3.226  1.00 17.95 ? 9   HOH A O     1 
HETATM 1185 O O     . HOH C 3 .   ? -3.408  9.262   -9.869  1.00 21.58 ? 10  HOH A O     1 
HETATM 1186 O O     . HOH C 3 .   ? -1.518  8.002   -11.005 1.00 22.14 ? 11  HOH A O     1 
HETATM 1187 O O     . HOH C 3 .   ? 0.334   -10.426 9.693   1.00 26.89 ? 12  HOH A O     1 
HETATM 1188 O O     . HOH C 3 .   ? -14.039 -2.562  6.542   1.00 51.79 ? 13  HOH A O     1 
HETATM 1189 O O     . HOH C 3 .   ? -11.120 8.142   5.817   1.00 25.92 ? 14  HOH A O     1 
HETATM 1190 O O     . HOH C 3 .   ? -15.557 6.670   6.352   1.00 20.28 ? 15  HOH A O     1 
HETATM 1191 O O     . HOH C 3 .   ? -13.186 8.519   -8.197  1.00 23.51 ? 16  HOH A O     1 
HETATM 1192 O O     . HOH C 3 .   ? -8.412  10.631  10.727  1.00 28.06 ? 17  HOH A O     1 
HETATM 1193 O O     . HOH C 3 .   ? -6.921  1.189   9.405   1.00 16.13 ? 18  HOH A O     1 
HETATM 1194 O O     . HOH C 3 .   ? 3.434   6.781   -10.484 1.00 29.40 ? 19  HOH A O     1 
HETATM 1195 O O     . HOH C 3 .   ? -2.050  -10.495 8.572   1.00 21.36 ? 20  HOH A O     1 
HETATM 1196 O O     . HOH C 3 .   ? 9.832   1.573   10.993  1.00 22.22 ? 21  HOH A O     1 
HETATM 1197 O O     . HOH C 3 .   ? -2.732  -12.936 10.560  1.00 20.58 ? 22  HOH A O     1 
HETATM 1198 O O     . HOH C 3 .   ? -7.110  14.752  -1.573  1.00 22.72 ? 23  HOH A O     1 
HETATM 1199 O O     . HOH C 3 .   ? 1.025   -20.659 2.242   1.00 24.30 ? 24  HOH A O     1 
HETATM 1200 O O     . HOH C 3 .   ? 8.616   -9.771  -10.479 1.00 24.23 ? 25  HOH A O     1 
HETATM 1201 O O     . HOH C 3 .   ? -2.562  -13.006 -9.169  1.00 21.30 ? 26  HOH A O     1 
HETATM 1202 O O     . HOH C 3 .   ? 13.586  -2.160  5.823   1.00 28.58 ? 27  HOH A O     1 
HETATM 1203 O O     . HOH C 3 .   ? -5.686  0.519   11.746  1.00 38.13 ? 28  HOH A O     1 
HETATM 1204 O O     . HOH C 3 .   ? 10.899  -3.241  11.961  1.00 46.37 ? 29  HOH A O     1 
HETATM 1205 O O     . HOH C 3 .   ? 1.089   -15.395 11.118  1.00 32.52 ? 30  HOH A O     1 
HETATM 1206 O O     . HOH C 3 .   ? -8.035  8.260   -8.448  1.00 28.34 ? 31  HOH A O     1 
HETATM 1207 O O     . HOH C 3 .   ? 1.280   -7.558  13.330  1.00 28.49 ? 32  HOH A O     1 
HETATM 1208 O O     . HOH C 3 .   ? 5.511   -10.428 11.861  1.00 32.51 ? 33  HOH A O     1 
HETATM 1209 O O     . HOH C 3 .   ? -6.991  5.780   -11.050 1.00 24.01 ? 34  HOH A O     1 
HETATM 1210 O O     . HOH C 3 .   ? -15.932 5.508   -6.113  1.00 33.56 ? 35  HOH A O     1 
HETATM 1211 O O     . HOH C 3 .   ? 10.024  -9.008  -14.308 1.00 48.69 ? 36  HOH A O     1 
HETATM 1212 O O     . HOH C 3 .   ? 10.155  -3.085  7.371   1.00 22.20 ? 37  HOH A O     1 
HETATM 1213 O O     . HOH C 3 .   ? 7.417   -4.647  12.078  1.00 42.58 ? 38  HOH A O     1 
HETATM 1214 O O     . HOH C 3 .   ? -4.908  -13.727 -2.648  1.00 29.79 ? 39  HOH A O     1 
HETATM 1215 O O     . HOH C 3 .   ? 9.007   14.285  -9.812  1.00 44.71 ? 40  HOH A O     1 
HETATM 1216 O O     . HOH C 3 .   ? -12.580 6.252   5.294   1.00 25.85 ? 41  HOH A O     1 
HETATM 1217 O O     . HOH C 3 .   ? 6.443   -20.822 1.207   1.00 35.49 ? 42  HOH A O     1 
HETATM 1218 O O     . HOH C 3 .   ? 12.310  2.001   3.479   0.50 28.66 ? 43  HOH A O     1 
HETATM 1219 O O     . HOH C 3 .   ? 16.195  -14.289 -1.193  1.00 41.84 ? 44  HOH A O     1 
HETATM 1220 O O     . HOH C 3 .   ? 3.801   -22.509 -0.093  1.00 37.73 ? 45  HOH A O     1 
HETATM 1221 O O     . HOH C 3 .   ? 1.048   3.619   14.338  1.00 24.10 ? 46  HOH A O     1 
HETATM 1222 O O     . HOH C 3 .   ? 2.340   16.412  -9.091  1.00 50.89 ? 47  HOH A O     1 
HETATM 1223 O O     . HOH C 3 .   ? -13.029 -1.006  -9.059  1.00 31.26 ? 48  HOH A O     1 
HETATM 1224 O O     . HOH C 3 .   ? -1.404  -17.696 -6.096  1.00 38.13 ? 49  HOH A O     1 
HETATM 1225 O O     . HOH C 3 .   ? 9.699   -3.827  9.803   1.00 44.10 ? 50  HOH A O     1 
HETATM 1226 O O     . HOH C 3 .   ? -3.630  18.101  -7.786  1.00 31.85 ? 51  HOH A O     1 
HETATM 1227 O O     . HOH C 3 .   ? -4.904  -13.173 1.238   1.00 40.86 ? 52  HOH A O     1 
HETATM 1228 O O     . HOH C 3 .   ? 0.576   3.700   16.577  1.00 40.23 ? 53  HOH A O     1 
HETATM 1229 O O     . HOH C 3 .   ? -6.013  3.025   -12.377 1.00 38.20 ? 54  HOH A O     1 
HETATM 1230 O O     . HOH C 3 .   ? -4.755  11.060  -11.286 1.00 23.35 ? 55  HOH A O     1 
HETATM 1231 O O     . HOH C 3 .   ? 9.070   -11.138 14.247  1.00 38.08 ? 56  HOH A O     1 
HETATM 1232 O O     . HOH C 3 .   ? 7.193   5.446   -2.609  1.00 39.49 ? 57  HOH A O     1 
HETATM 1233 O O     . HOH C 3 .   ? -19.595 7.136   4.826   1.00 34.60 ? 58  HOH A O     1 
HETATM 1234 O O     . HOH C 3 .   ? -17.623 -1.615  -3.304  1.00 52.57 ? 59  HOH A O     1 
HETATM 1235 O O     . HOH C 3 .   ? 12.579  -3.989  7.044   1.00 32.27 ? 60  HOH A O     1 
HETATM 1236 O O     . HOH C 3 .   ? 1.142   -18.234 -6.918  1.00 44.28 ? 61  HOH A O     1 
HETATM 1237 O O     . HOH C 3 .   ? 4.387   17.807  2.735   1.00 47.02 ? 62  HOH A O     1 
HETATM 1238 O O     . HOH C 3 .   ? -1.762  14.172  -2.210  1.00 12.99 ? 63  HOH A O     1 
HETATM 1239 O O     . HOH C 3 .   ? -1.691  -5.879  -13.917 1.00 17.77 ? 64  HOH A O     1 
HETATM 1240 O O     . HOH C 3 .   ? 4.964   -0.500  -17.255 1.00 32.62 ? 65  HOH A O     1 
HETATM 1241 O O     . HOH C 3 .   ? -8.633  3.344   11.025  1.00 38.81 ? 66  HOH A O     1 
HETATM 1242 O O     . HOH C 3 .   ? -15.284 8.066   -6.670  1.00 43.93 ? 67  HOH A O     1 
HETATM 1243 O O     . HOH C 3 .   ? 1.637   18.153  -0.694  1.00 28.73 ? 68  HOH A O     1 
HETATM 1244 O O     . HOH C 3 .   ? 12.012  -17.632 0.116   1.00 30.04 ? 69  HOH A O     1 
HETATM 1245 O O     . HOH C 3 .   ? 9.754   -6.120  -12.705 1.00 54.30 ? 70  HOH A O     1 
HETATM 1246 O O     . HOH C 3 .   ? -8.107  -1.473  8.726   1.00 42.19 ? 71  HOH A O     1 
HETATM 1247 O O     . HOH C 3 .   ? 18.618  5.003   -15.031 1.00 30.71 ? 72  HOH A O     1 
HETATM 1248 O O     . HOH C 3 .   ? -1.454  12.662  -11.376 1.00 30.02 ? 73  HOH A O     1 
HETATM 1249 O O     . HOH C 3 .   ? 10.024  6.662   18.206  1.00 45.97 ? 74  HOH A O     1 
HETATM 1250 O O     . HOH C 3 .   ? -10.133 -6.258  10.801  1.00 45.91 ? 75  HOH A O     1 
HETATM 1251 O O     . HOH C 3 .   ? -8.671  21.964  -2.892  1.00 42.56 ? 76  HOH A O     1 
HETATM 1252 O O     . HOH C 3 .   ? -4.806  -19.184 2.163   1.00 36.19 ? 77  HOH A O     1 
HETATM 1253 O O     . HOH C 3 .   ? -17.301 7.979   5.108   1.00 36.81 ? 78  HOH A O     1 
HETATM 1254 O O     . HOH C 3 .   ? -9.332  1.603   15.247  1.00 33.50 ? 79  HOH A O     1 
HETATM 1255 O O     . HOH C 3 .   ? -18.206 7.422   2.146   1.00 41.01 ? 80  HOH A O     1 
HETATM 1256 O O     . HOH C 3 .   ? 5.249   13.022  10.774  1.00 32.72 ? 81  HOH A O     1 
HETATM 1257 O O     . HOH C 3 .   ? -8.284  5.914   11.033  1.00 34.70 ? 82  HOH A O     1 
HETATM 1258 O O     . HOH C 3 .   ? 6.945   13.240  -9.262  1.00 48.14 ? 83  HOH A O     1 
HETATM 1259 O O     . HOH C 3 .   ? 4.805   -6.891  26.163  1.00 31.91 ? 84  HOH A O     1 
HETATM 1260 O O     . HOH C 3 .   ? -16.554 -0.662  3.035   1.00 26.11 ? 85  HOH A O     1 
HETATM 1261 O O     . HOH C 3 .   ? 9.768   -21.168 8.525   1.00 38.58 ? 86  HOH A O     1 
HETATM 1262 O O     . HOH C 3 .   ? 8.035   1.107   12.475  1.00 41.70 ? 87  HOH A O     1 
HETATM 1263 O O     . HOH C 3 .   ? 3.467   19.172  6.682   1.00 38.46 ? 88  HOH A O     1 
HETATM 1264 O O     . HOH C 3 .   ? -3.571  -14.277 -6.706  1.00 36.38 ? 89  HOH A O     1 
HETATM 1265 O O     . HOH C 3 .   ? -8.740  8.517   11.742  1.00 42.29 ? 90  HOH A O     1 
HETATM 1266 O O     . HOH C 3 .   ? -17.280 10.608  1.670   1.00 49.68 ? 91  HOH A O     1 
HETATM 1267 O O     . HOH C 3 .   ? -19.577 -0.020  3.149   1.00 55.87 ? 92  HOH A O     1 
HETATM 1268 O O     . HOH C 3 .   ? -7.749  -11.016 3.262   1.00 38.52 ? 93  HOH A O     1 
HETATM 1269 O O     . HOH C 3 .   ? 6.852   11.577  19.276  1.00 42.98 ? 94  HOH A O     1 
HETATM 1270 O O     . HOH C 3 .   ? 6.254   -15.141 -10.503 1.00 37.65 ? 95  HOH A O     1 
HETATM 1271 O O     . HOH C 3 .   ? -2.048  16.806  13.471  1.00 34.76 ? 96  HOH A O     1 
HETATM 1272 O O     . HOH C 3 .   ? -11.599 10.437  6.641   1.00 33.39 ? 97  HOH A O     1 
HETATM 1273 O O     . HOH C 3 .   ? 14.416  -4.753  -5.171  1.00 47.88 ? 98  HOH A O     1 
HETATM 1274 O O     . HOH C 3 .   ? -10.414 4.738   -11.714 1.00 17.88 ? 99  HOH A O     1 
HETATM 1275 O O     . HOH C 3 .   ? 4.867   17.695  -3.266  1.00 31.55 ? 100 HOH A O     1 
HETATM 1276 O O     . HOH C 3 .   ? 5.653   11.251  -9.439  1.00 30.41 ? 101 HOH A O     1 
HETATM 1277 O O     . HOH C 3 .   ? -7.563  -8.137  -5.814  1.00 26.41 ? 102 HOH A O     1 
HETATM 1278 O O     . HOH C 3 .   ? -5.325  -20.513 4.022   1.00 37.83 ? 103 HOH A O     1 
HETATM 1279 O O     . HOH C 3 .   ? 13.903  -0.239  -0.490  1.00 40.10 ? 104 HOH A O     1 
HETATM 1280 O O     . HOH C 3 .   ? 9.638   2.409   3.474   1.00 25.89 ? 105 HOH A O     1 
HETATM 1281 O O     . HOH C 3 .   ? 5.563   7.340   -11.305 1.00 31.18 ? 106 HOH A O     1 
HETATM 1282 O O     . HOH C 3 .   ? 15.543  -13.066 -3.952  1.00 38.93 ? 107 HOH A O     1 
HETATM 1283 O O     . HOH C 3 .   ? 2.085   -2.950  -17.042 1.00 50.65 ? 108 HOH A O     1 
HETATM 1284 O O     . HOH C 3 .   ? -20.746 3.337   -2.709  1.00 41.99 ? 109 HOH A O     1 
HETATM 1285 O O     . HOH C 3 .   ? -14.591 -1.365  -6.149  1.00 34.88 ? 110 HOH A O     1 
HETATM 1286 O O     . HOH C 3 .   ? -0.867  6.991   20.167  1.00 45.50 ? 111 HOH A O     1 
HETATM 1287 O O     . HOH C 3 .   ? -12.004 -4.772  5.713   1.00 24.15 ? 112 HOH A O     1 
HETATM 1288 O O     . HOH C 3 .   ? -4.412  -16.007 -0.605  1.00 29.17 ? 113 HOH A O     1 
HETATM 1289 O O     . HOH C 3 .   ? 8.296   11.103  -6.814  1.00 34.32 ? 114 HOH A O     1 
HETATM 1290 O O     . HOH C 3 .   ? 12.063  7.945   -6.757  1.00 38.27 ? 115 HOH A O     1 
HETATM 1291 O O     . HOH C 3 .   ? 12.366  -4.364  -7.222  1.00 32.98 ? 116 HOH A O     1 
HETATM 1292 O O     . HOH C 3 .   ? 12.337  1.936   0.650   1.00 47.39 ? 117 HOH A O     1 
HETATM 1293 O O     . HOH C 3 .   ? -4.118  13.659  14.921  1.00 28.89 ? 118 HOH A O     1 
HETATM 1294 O O     . HOH C 3 .   ? -7.588  2.553   13.348  1.00 32.01 ? 119 HOH A O     1 
HETATM 1295 O O     . HOH C 3 .   ? 8.308   2.962   -17.423 1.00 42.30 ? 120 HOH A O     1 
HETATM 1296 O O     . HOH C 3 .   ? 1.341   15.989  9.532   1.00 40.08 ? 121 HOH A O     1 
HETATM 1297 O O     . HOH C 3 .   ? 15.676  6.654   -13.002 1.00 46.79 ? 122 HOH A O     1 
HETATM 1298 O O     . HOH C 3 .   ? 4.083   -12.874 -14.526 1.00 43.01 ? 123 HOH A O     1 
HETATM 1299 O O     . HOH C 3 .   ? 4.358   -14.897 -8.435  1.00 31.08 ? 124 HOH A O     1 
HETATM 1300 O O     . HOH C 3 .   ? 11.809  2.849   -16.505 1.00 42.20 ? 125 HOH A O     1 
HETATM 1301 O O     . HOH C 3 .   ? -4.197  -9.888  10.455  1.00 38.89 ? 126 HOH A O     1 
HETATM 1302 O O     . HOH C 3 .   ? 3.031   11.385  15.034  1.00 43.87 ? 127 HOH A O     1 
HETATM 1303 O O     . HOH C 3 .   ? -2.440  -1.708  -16.534 1.00 47.94 ? 128 HOH A O     1 
HETATM 1304 O O     . HOH C 3 .   ? -0.408  -23.416 -0.983  1.00 47.81 ? 129 HOH A O     1 
HETATM 1305 O O     . HOH C 3 .   ? 5.743   16.583  7.313   1.00 39.89 ? 130 HOH A O     1 
HETATM 1306 O O     . HOH C 3 .   ? 9.643   11.944  3.247   0.50 41.93 ? 131 HOH A O     1 
HETATM 1307 O O     . HOH C 3 .   ? 10.742  -2.181  -16.515 1.00 41.50 ? 132 HOH A O     1 
HETATM 1308 O O     . HOH C 3 .   ? 4.153   -20.258 0.339   1.00 37.96 ? 133 HOH A O     1 
HETATM 1309 O O     . HOH C 3 .   ? -16.731 -1.768  1.140   1.00 36.32 ? 134 HOH A O     1 
HETATM 1310 O O     . HOH C 3 .   ? 0.768   10.554  -10.949 1.00 48.78 ? 135 HOH A O     1 
HETATM 1311 O O     . HOH C 3 .   ? 4.969   6.973   -3.533  1.00 40.69 ? 136 HOH A O     1 
HETATM 1312 O O     . HOH C 3 .   ? -9.162  -5.669  -10.005 1.00 54.21 ? 137 HOH A O     1 
HETATM 1313 O O     . HOH C 3 .   ? -7.366  -9.475  7.843   1.00 36.54 ? 138 HOH A O     1 
HETATM 1314 O O     . HOH C 3 .   ? 7.909   7.102   -4.624  1.00 34.58 ? 139 HOH A O     1 
HETATM 1315 O O     . HOH C 3 .   ? 8.917   14.642  3.213   0.50 43.25 ? 140 HOH A O     1 
HETATM 1316 O O     . HOH C 3 .   ? -2.185  7.377   17.964  1.00 48.33 ? 141 HOH A O     1 
HETATM 1317 O O     . HOH C 3 .   ? 3.144   -10.850 12.049  1.00 47.32 ? 142 HOH A O     1 
HETATM 1318 O O     . HOH C 3 .   ? 10.043  10.013  -2.922  1.00 46.55 ? 143 HOH A O     1 
HETATM 1319 O O     . HOH C 3 .   ? -15.321 -10.638 2.961   1.00 46.89 ? 144 HOH A O     1 
HETATM 1320 O O     . HOH C 3 .   ? 1.393   20.879  3.947   1.00 47.60 ? 145 HOH A O     1 
HETATM 1321 O O     . HOH C 3 .   ? 3.937   20.164  -4.093  1.00 52.87 ? 146 HOH A O     1 
HETATM 1322 O O     . HOH C 3 .   ? -14.983 -7.044  -0.292  1.00 38.23 ? 147 HOH A O     1 
HETATM 1323 O O     . HOH C 3 .   ? -5.038  15.160  10.872  0.50 53.60 ? 148 HOH A O     1 
HETATM 1324 O O     . HOH C 3 .   ? 2.336   7.134   -4.580  1.00 15.32 ? 149 HOH A O     1 
HETATM 1325 O O     . HOH C 3 .   ? -7.774  -3.575  -4.980  1.00 13.94 ? 150 HOH A O     1 
HETATM 1326 O O     . HOH C 3 .   ? 4.360   -8.842  23.630  1.00 40.64 ? 151 HOH A O     1 
HETATM 1327 O O     . HOH C 3 .   ? 2.630   13.766  14.729  1.00 42.45 ? 152 HOH A O     1 
HETATM 1328 O O     . HOH C 3 .   ? 11.185  9.092   17.913  1.00 49.80 ? 153 HOH A O     1 
HETATM 1329 O O     . HOH C 3 .   ? -6.383  -16.948 -13.414 1.00 51.62 ? 154 HOH A O     1 
HETATM 1330 O O     . HOH C 3 .   ? 3.743   -5.669  24.313  1.00 44.24 ? 155 HOH A O     1 
HETATM 1331 O O     . HOH C 3 .   ? -7.480  -5.598  -11.708 1.00 45.36 ? 156 HOH A O     1 
HETATM 1332 O O     . HOH C 3 .   ? -14.490 -0.300  -10.877 1.00 42.52 ? 157 HOH A O     1 
HETATM 1333 O O     . HOH C 3 .   ? -6.770  23.624  -3.655  1.00 53.03 ? 158 HOH A O     1 
HETATM 1334 O O     . HOH C 3 .   ? 9.568   14.277  -6.798  1.00 44.67 ? 159 HOH A O     1 
HETATM 1335 O O     . HOH C 3 .   ? -7.602  -1.983  -14.312 1.00 46.93 ? 160 HOH A O     1 
HETATM 1336 O O     . HOH C 3 .   ? 8.797   17.325  -7.706  1.00 50.39 ? 161 HOH A O     1 
HETATM 1337 O O     . HOH C 3 .   ? -13.167 -4.667  -5.133  1.00 36.70 ? 162 HOH A O     1 
HETATM 1338 O O     . HOH C 3 .   ? 6.442   14.648  4.800   1.00 47.70 ? 163 HOH A O     1 
HETATM 1339 O O     . HOH C 3 .   ? 16.824  -15.418 14.023  1.00 50.38 ? 164 HOH A O     1 
HETATM 1340 O O     . HOH C 3 .   ? 5.720   -14.736 -16.751 1.00 45.32 ? 165 HOH A O     1 
HETATM 1341 O O     . HOH C 3 .   ? -13.297 0.743   -13.014 1.00 37.90 ? 166 HOH A O     1 
HETATM 1342 O O     . HOH C 3 .   ? 14.913  -14.473 5.447   1.00 43.37 ? 167 HOH A O     1 
HETATM 1343 O O     . HOH C 3 .   ? -2.110  4.203   16.755  1.00 51.22 ? 168 HOH A O     1 
HETATM 1344 O O     . HOH C 3 .   ? -7.366  -11.269 6.007   1.00 54.07 ? 169 HOH A O     1 
HETATM 1345 O O     . HOH C 3 .   ? 16.534  -17.626 8.314   1.00 56.70 ? 170 HOH A O     1 
HETATM 1346 O O     . HOH C 3 .   ? 9.413   5.687   -16.859 1.00 52.55 ? 171 HOH A O     1 
HETATM 1347 O O     . HOH C 3 .   ? 11.701  -21.305 6.072   1.00 54.28 ? 172 HOH A O     1 
HETATM 1348 O O     . HOH C 3 .   ? 10.551  -21.938 -5.831  1.00 56.69 ? 173 HOH A O     1 
HETATM 1349 O O     . HOH C 3 .   ? 8.631   18.084  -4.744  1.00 56.88 ? 174 HOH A O     1 
HETATM 1350 O O     . HOH C 3 .   ? -0.662  4.380   20.338  1.00 48.64 ? 175 HOH A O     1 
HETATM 1351 O O     . HOH C 3 .   ? 4.054   -15.270 -12.854 1.00 55.32 ? 176 HOH A O     1 
# 
loop_
_pdbx_poly_seq_scheme.asym_id 
_pdbx_poly_seq_scheme.entity_id 
_pdbx_poly_seq_scheme.seq_id 
_pdbx_poly_seq_scheme.mon_id 
_pdbx_poly_seq_scheme.ndb_seq_num 
_pdbx_poly_seq_scheme.pdb_seq_num 
_pdbx_poly_seq_scheme.auth_seq_num 
_pdbx_poly_seq_scheme.pdb_mon_id 
_pdbx_poly_seq_scheme.auth_mon_id 
_pdbx_poly_seq_scheme.pdb_strand_id 
_pdbx_poly_seq_scheme.pdb_ins_code 
_pdbx_poly_seq_scheme.hetero 
A 1 1   MET 1   192 ?   ?   ?   A . n 
A 1 2   THR 2   193 ?   ?   ?   A . n 
A 1 3   PRO 3   194 ?   ?   ?   A . n 
A 1 4   GLY 4   195 195 GLY GLY A . n 
A 1 5   LYS 5   196 196 LYS LYS A . n 
A 1 6   LEU 6   197 197 LEU LEU A . n 
A 1 7   TYR 7   198 198 TYR TYR A . n 
A 1 8   THR 8   199 199 THR THR A . n 
A 1 9   LEU 9   200 200 LEU LEU A . n 
A 1 10  ARG 10  201 201 ARG ARG A . n 
A 1 11  TYR 11  202 202 TYR TYR A . n 
A 1 12  GLU 12  203 203 GLU GLU A . n 
A 1 13  VAL 13  204 204 VAL VAL A . n 
A 1 14  GLU 14  205 205 GLU GLU A . n 
A 1 15  GLY 15  206 206 GLY GLY A . n 
A 1 16  GLY 16  207 207 GLY GLY A . n 
A 1 17  GLY 17  208 208 GLY GLY A . n 
A 1 18  PHE 18  209 209 PHE PHE A . n 
A 1 19  ILE 19  210 210 ILE ILE A . n 
A 1 20  GLU 20  211 211 GLU GLU A . n 
A 1 21  ILE 21  212 212 ILE ILE A . n 
A 1 22  ALA 22  213 213 ALA ALA A . n 
A 1 23  THR 23  214 214 THR THR A . n 
A 1 24  VAL 24  215 215 VAL VAL A . n 
A 1 25  ARG 25  216 216 ARG ARG A . n 
A 1 26  PRO 26  217 217 PRO PRO A . n 
A 1 27  GLU 27  218 218 GLU GLU A . n 
A 1 28  THR 28  219 219 THR THR A . n 
A 1 29  VAL 29  220 220 VAL VAL A . n 
A 1 30  PHE 30  221 221 PHE PHE A . n 
A 1 31  ALA 31  222 222 ALA ALA A . n 
A 1 32  ASP 32  223 223 ASP ASP A . n 
A 1 33  GLN 33  224 224 GLN GLN A . n 
A 1 34  ALA 34  225 225 ALA ALA A . n 
A 1 35  ILE 35  226 226 ILE ILE A . n 
A 1 36  ALA 36  227 227 ALA ALA A . n 
A 1 37  VAL 37  228 228 VAL VAL A . n 
A 1 38  HIS 38  229 229 HIS HIS A . n 
A 1 39  PRO 39  230 230 PRO PRO A . n 
A 1 40  GLU 40  231 231 GLU GLU A . n 
A 1 41  ASP 41  232 232 ASP ASP A . n 
A 1 42  GLU 42  233 233 GLU GLU A . n 
A 1 43  ARG 43  234 234 ARG ARG A . n 
A 1 44  TYR 44  235 235 TYR TYR A . n 
A 1 45  ARG 45  236 236 ARG ARG A . n 
A 1 46  HIS 46  237 237 HIS HIS A . n 
A 1 47  LEU 47  238 238 LEU LEU A . n 
A 1 48  LEU 48  239 239 LEU LEU A . n 
A 1 49  GLY 49  240 240 GLY GLY A . n 
A 1 50  LYS 50  241 241 LYS LYS A . n 
A 1 51  ARG 51  242 242 ARG ARG A . n 
A 1 52  ALA 52  243 243 ALA ALA A . n 
A 1 53  ARG 53  244 244 ARG ARG A . n 
A 1 54  ILE 54  245 245 ILE ILE A . n 
A 1 55  PRO 55  246 246 PRO PRO A . n 
A 1 56  LEU 56  247 247 LEU LEU A . n 
A 1 57  THR 57  248 248 THR THR A . n 
A 1 58  GLU 58  249 249 GLU GLU A . n 
A 1 59  VAL 59  250 250 VAL VAL A . n 
A 1 60  TRP 60  251 251 TRP TRP A . n 
A 1 61  ILE 61  252 252 ILE ILE A . n 
A 1 62  PRO 62  253 253 PRO PRO A . n 
A 1 63  ILE 63  254 254 ILE ILE A . n 
A 1 64  LEU 64  255 255 LEU LEU A . n 
A 1 65  ALA 65  256 256 ALA ALA A . n 
A 1 66  ASP 66  257 257 ASP ASP A . n 
A 1 67  PRO 67  258 258 PRO PRO A . n 
A 1 68  ALA 68  259 259 ALA ALA A . n 
A 1 69  VAL 69  260 260 VAL VAL A . n 
A 1 70  GLU 70  261 261 GLU GLU A . n 
A 1 71  LYS 71  262 262 LYS LYS A . n 
A 1 72  ASP 72  263 263 ASP ASP A . n 
A 1 73  PHE 73  264 264 PHE PHE A . n 
A 1 74  GLY 74  265 265 GLY GLY A . n 
A 1 75  THR 75  266 266 THR THR A . n 
A 1 76  GLY 76  267 267 GLY GLY A . n 
A 1 77  ALA 77  268 268 ALA ALA A . n 
A 1 78  LEU 78  269 269 LEU LEU A . n 
A 1 79  LYS 79  270 270 LYS LYS A . n 
A 1 80  VAL 80  271 271 VAL VAL A . n 
A 1 81  THR 81  272 272 THR THR A . n 
A 1 82  PRO 82  273 273 PRO PRO A . n 
A 1 83  ALA 83  274 274 ALA ALA A . n 
A 1 84  HIS 84  275 275 HIS HIS A . n 
A 1 85  ASP 85  276 276 ASP ASP A . n 
A 1 86  PRO 86  277 277 PRO PRO A . n 
A 1 87  LEU 87  278 278 LEU LEU A . n 
A 1 88  ASP 88  279 279 ASP ASP A . n 
A 1 89  TYR 89  280 280 TYR TYR A . n 
A 1 90  GLU 90  281 281 GLU GLU A . n 
A 1 91  ILE 91  282 282 ILE ILE A . n 
A 1 92  GLY 92  283 283 GLY GLY A . n 
A 1 93  GLU 93  284 284 GLU GLU A . n 
A 1 94  ARG 94  285 285 ARG ARG A . n 
A 1 95  HIS 95  286 286 HIS HIS A . n 
A 1 96  GLY 96  287 287 GLY GLY A . n 
A 1 97  LEU 97  288 288 LEU LEU A . n 
A 1 98  LYS 98  289 289 LYS LYS A . n 
A 1 99  PRO 99  290 290 PRO PRO A . n 
A 1 100 VAL 100 291 291 VAL VAL A . n 
A 1 101 SER 101 292 292 SER SER A . n 
A 1 102 VAL 102 293 293 VAL VAL A . n 
A 1 103 ILE 103 294 294 ILE ILE A . n 
A 1 104 ASN 104 295 295 ASN ASN A . n 
A 1 105 LEU 105 296 296 LEU LEU A . n 
A 1 106 GLU 106 297 297 GLU GLU A . n 
A 1 107 GLY 107 298 298 GLY GLY A . n 
A 1 108 ARG 108 299 299 ARG ARG A . n 
A 1 109 MET 109 300 300 MET MET A . n 
A 1 110 GLU 110 301 301 GLU GLU A . n 
A 1 111 GLY 111 302 302 GLY GLY A . n 
A 1 112 GLU 112 303 303 GLU GLU A . n 
A 1 113 ARG 113 304 304 ARG ARG A . n 
A 1 114 VAL 114 305 305 VAL VAL A . n 
A 1 115 PRO 115 306 306 PRO PRO A . n 
A 1 116 GLU 116 307 307 GLU GLU A . n 
A 1 117 ALA 117 308 308 ALA ALA A . n 
A 1 118 LEU 118 309 309 LEU LEU A . n 
A 1 119 ARG 119 310 310 ARG ARG A . n 
A 1 120 GLY 120 311 311 GLY GLY A . n 
A 1 121 LEU 121 312 312 LEU LEU A . n 
A 1 122 ASP 122 313 313 ASP ASP A . n 
A 1 123 ARG 123 314 314 ARG ARG A . n 
A 1 124 PHE 124 315 315 PHE PHE A . n 
A 1 125 GLU 125 316 316 GLU GLU A . n 
A 1 126 ALA 126 317 317 ALA ALA A . n 
A 1 127 ARG 127 318 318 ARG ARG A . n 
A 1 128 ARG 128 319 319 ARG ARG A . n 
A 1 129 LYS 129 320 320 LYS LYS A . n 
A 1 130 ALA 130 321 321 ALA ALA A . n 
A 1 131 VAL 131 322 322 VAL VAL A . n 
A 1 132 GLU 132 323 323 GLU GLU A . n 
A 1 133 LEU 133 324 324 LEU LEU A . n 
A 1 134 PHE 134 325 325 PHE PHE A . n 
A 1 135 ARG 135 326 326 ARG ARG A . n 
A 1 136 GLU 136 327 327 GLU GLU A . n 
A 1 137 ALA 137 328 328 ALA ALA A . n 
A 1 138 GLY 138 329 329 GLY GLY A . n 
A 1 139 HIS 139 330 330 HIS HIS A . n 
A 1 140 LEU 140 331 331 LEU LEU A . n 
A 1 141 VAL 141 332 332 VAL VAL A . n 
A 1 142 LYS 142 333 333 LYS LYS A . n 
A 1 143 GLU 143 334 334 GLU GLU A . n 
A 1 144 GLU 144 335 335 GLU GLU A . n 
A 1 145 ASP 145 336 336 ASP ASP A . n 
A 1 146 TYR 146 337 337 TYR TYR A . n 
# 
_pdbx_SG_project.id                    1 
_pdbx_SG_project.project_name          ? 
_pdbx_SG_project.full_name_of_center   'RIKEN Structural Genomics/Proteomics Initiative' 
_pdbx_SG_project.initial_of_center     RSGI 
# 
loop_
_pdbx_nonpoly_scheme.asym_id 
_pdbx_nonpoly_scheme.entity_id 
_pdbx_nonpoly_scheme.mon_id 
_pdbx_nonpoly_scheme.ndb_seq_num 
_pdbx_nonpoly_scheme.pdb_seq_num 
_pdbx_nonpoly_scheme.auth_seq_num 
_pdbx_nonpoly_scheme.pdb_mon_id 
_pdbx_nonpoly_scheme.auth_mon_id 
_pdbx_nonpoly_scheme.pdb_strand_id 
_pdbx_nonpoly_scheme.pdb_ins_code 
B 2 TSB 1   999 999 TSB TMS A . 
C 3 HOH 1   1   1   HOH TIP A . 
C 3 HOH 2   2   2   HOH TIP A . 
C 3 HOH 3   3   3   HOH TIP A . 
C 3 HOH 4   4   4   HOH TIP A . 
C 3 HOH 5   5   5   HOH TIP A . 
C 3 HOH 6   6   6   HOH TIP A . 
C 3 HOH 7   7   7   HOH TIP A . 
C 3 HOH 8   8   8   HOH TIP A . 
C 3 HOH 9   9   9   HOH TIP A . 
C 3 HOH 10  10  10  HOH TIP A . 
C 3 HOH 11  11  11  HOH TIP A . 
C 3 HOH 12  12  12  HOH TIP A . 
C 3 HOH 13  13  13  HOH TIP A . 
C 3 HOH 14  14  14  HOH TIP A . 
C 3 HOH 15  15  15  HOH TIP A . 
C 3 HOH 16  16  16  HOH TIP A . 
C 3 HOH 17  17  17  HOH TIP A . 
C 3 HOH 18  18  18  HOH TIP A . 
C 3 HOH 19  19  19  HOH TIP A . 
C 3 HOH 20  20  20  HOH TIP A . 
C 3 HOH 21  21  21  HOH TIP A . 
C 3 HOH 22  22  22  HOH TIP A . 
C 3 HOH 23  23  23  HOH TIP A . 
C 3 HOH 24  24  24  HOH TIP A . 
C 3 HOH 25  25  25  HOH TIP A . 
C 3 HOH 26  26  26  HOH TIP A . 
C 3 HOH 27  27  27  HOH TIP A . 
C 3 HOH 28  28  28  HOH TIP A . 
C 3 HOH 29  29  29  HOH TIP A . 
C 3 HOH 30  30  30  HOH TIP A . 
C 3 HOH 31  31  31  HOH TIP A . 
C 3 HOH 32  32  32  HOH TIP A . 
C 3 HOH 33  33  33  HOH TIP A . 
C 3 HOH 34  34  34  HOH TIP A . 
C 3 HOH 35  35  35  HOH TIP A . 
C 3 HOH 36  36  36  HOH TIP A . 
C 3 HOH 37  37  37  HOH TIP A . 
C 3 HOH 38  38  38  HOH TIP A . 
C 3 HOH 39  39  39  HOH TIP A . 
C 3 HOH 40  40  40  HOH TIP A . 
C 3 HOH 41  41  41  HOH TIP A . 
C 3 HOH 42  42  42  HOH TIP A . 
C 3 HOH 43  43  43  HOH TIP A . 
C 3 HOH 44  44  44  HOH TIP A . 
C 3 HOH 45  45  45  HOH TIP A . 
C 3 HOH 46  46  46  HOH TIP A . 
C 3 HOH 47  47  47  HOH TIP A . 
C 3 HOH 48  48  48  HOH TIP A . 
C 3 HOH 49  49  49  HOH TIP A . 
C 3 HOH 50  50  50  HOH TIP A . 
C 3 HOH 51  51  51  HOH TIP A . 
C 3 HOH 52  52  52  HOH TIP A . 
C 3 HOH 53  53  53  HOH TIP A . 
C 3 HOH 54  54  54  HOH TIP A . 
C 3 HOH 55  55  55  HOH TIP A . 
C 3 HOH 56  56  56  HOH TIP A . 
C 3 HOH 57  57  57  HOH TIP A . 
C 3 HOH 58  58  58  HOH TIP A . 
C 3 HOH 59  59  59  HOH TIP A . 
C 3 HOH 60  60  60  HOH TIP A . 
C 3 HOH 61  61  61  HOH TIP A . 
C 3 HOH 62  62  62  HOH TIP A . 
C 3 HOH 63  63  63  HOH TIP A . 
C 3 HOH 64  64  64  HOH TIP A . 
C 3 HOH 65  65  65  HOH TIP A . 
C 3 HOH 66  66  66  HOH TIP A . 
C 3 HOH 67  67  67  HOH TIP A . 
C 3 HOH 68  68  68  HOH TIP A . 
C 3 HOH 69  69  69  HOH TIP A . 
C 3 HOH 70  70  70  HOH TIP A . 
C 3 HOH 71  71  71  HOH TIP A . 
C 3 HOH 72  72  72  HOH TIP A . 
C 3 HOH 73  73  73  HOH TIP A . 
C 3 HOH 74  74  74  HOH TIP A . 
C 3 HOH 75  75  75  HOH TIP A . 
C 3 HOH 76  76  76  HOH TIP A . 
C 3 HOH 77  77  77  HOH TIP A . 
C 3 HOH 78  78  78  HOH TIP A . 
C 3 HOH 79  79  79  HOH TIP A . 
C 3 HOH 80  80  80  HOH TIP A . 
C 3 HOH 81  81  81  HOH TIP A . 
C 3 HOH 82  82  82  HOH TIP A . 
C 3 HOH 83  83  83  HOH TIP A . 
C 3 HOH 84  84  84  HOH TIP A . 
C 3 HOH 85  85  85  HOH TIP A . 
C 3 HOH 86  86  86  HOH TIP A . 
C 3 HOH 87  87  87  HOH TIP A . 
C 3 HOH 88  88  88  HOH TIP A . 
C 3 HOH 89  89  89  HOH TIP A . 
C 3 HOH 90  90  90  HOH TIP A . 
C 3 HOH 91  91  91  HOH TIP A . 
C 3 HOH 92  92  92  HOH TIP A . 
C 3 HOH 93  93  93  HOH TIP A . 
C 3 HOH 94  94  94  HOH TIP A . 
C 3 HOH 95  95  95  HOH TIP A . 
C 3 HOH 96  96  96  HOH TIP A . 
C 3 HOH 97  97  97  HOH TIP A . 
C 3 HOH 98  98  98  HOH TIP A . 
C 3 HOH 99  99  99  HOH TIP A . 
C 3 HOH 100 100 100 HOH TIP A . 
C 3 HOH 101 101 101 HOH TIP A . 
C 3 HOH 102 102 102 HOH TIP A . 
C 3 HOH 103 103 103 HOH TIP A . 
C 3 HOH 104 104 104 HOH TIP A . 
C 3 HOH 105 105 105 HOH TIP A . 
C 3 HOH 106 106 106 HOH TIP A . 
C 3 HOH 107 107 107 HOH TIP A . 
C 3 HOH 108 108 108 HOH TIP A . 
C 3 HOH 109 109 109 HOH TIP A . 
C 3 HOH 110 110 110 HOH TIP A . 
C 3 HOH 111 111 111 HOH TIP A . 
C 3 HOH 112 112 112 HOH TIP A . 
C 3 HOH 113 113 113 HOH TIP A . 
C 3 HOH 114 114 114 HOH TIP A . 
C 3 HOH 115 115 115 HOH TIP A . 
C 3 HOH 116 116 116 HOH TIP A . 
C 3 HOH 117 117 117 HOH TIP A . 
C 3 HOH 118 118 118 HOH TIP A . 
C 3 HOH 119 119 119 HOH TIP A . 
C 3 HOH 120 120 120 HOH TIP A . 
C 3 HOH 121 121 121 HOH TIP A . 
C 3 HOH 122 122 122 HOH TIP A . 
C 3 HOH 123 123 123 HOH TIP A . 
C 3 HOH 124 124 124 HOH TIP A . 
C 3 HOH 125 125 125 HOH TIP A . 
C 3 HOH 126 126 126 HOH TIP A . 
C 3 HOH 127 127 127 HOH TIP A . 
C 3 HOH 128 128 128 HOH TIP A . 
C 3 HOH 129 129 129 HOH TIP A . 
C 3 HOH 130 130 130 HOH TIP A . 
C 3 HOH 131 131 131 HOH TIP A . 
C 3 HOH 132 132 132 HOH TIP A . 
C 3 HOH 133 133 133 HOH TIP A . 
C 3 HOH 134 134 134 HOH TIP A . 
C 3 HOH 135 135 135 HOH TIP A . 
C 3 HOH 136 136 136 HOH TIP A . 
C 3 HOH 137 137 137 HOH TIP A . 
C 3 HOH 138 138 138 HOH TIP A . 
C 3 HOH 139 139 139 HOH TIP A . 
C 3 HOH 140 140 140 HOH TIP A . 
C 3 HOH 141 141 141 HOH TIP A . 
C 3 HOH 142 142 142 HOH TIP A . 
C 3 HOH 143 143 143 HOH TIP A . 
C 3 HOH 144 144 144 HOH TIP A . 
C 3 HOH 145 145 145 HOH TIP A . 
C 3 HOH 146 146 146 HOH TIP A . 
C 3 HOH 147 147 147 HOH TIP A . 
C 3 HOH 148 148 148 HOH TIP A . 
C 3 HOH 149 149 149 HOH TIP A . 
C 3 HOH 150 150 150 HOH TIP A . 
C 3 HOH 151 151 151 HOH TIP A . 
C 3 HOH 152 152 152 HOH TIP A . 
C 3 HOH 153 153 153 HOH TIP A . 
C 3 HOH 154 154 154 HOH TIP A . 
C 3 HOH 155 155 155 HOH TIP A . 
C 3 HOH 156 156 156 HOH TIP A . 
C 3 HOH 157 157 157 HOH TIP A . 
C 3 HOH 158 158 158 HOH TIP A . 
C 3 HOH 159 159 159 HOH TIP A . 
C 3 HOH 160 160 160 HOH TIP A . 
C 3 HOH 161 161 161 HOH TIP A . 
C 3 HOH 162 162 162 HOH TIP A . 
C 3 HOH 163 163 163 HOH TIP A . 
C 3 HOH 164 164 164 HOH TIP A . 
C 3 HOH 165 165 165 HOH TIP A . 
C 3 HOH 166 166 166 HOH TIP A . 
C 3 HOH 167 167 167 HOH TIP A . 
C 3 HOH 168 168 168 HOH TIP A . 
C 3 HOH 169 169 169 HOH TIP A . 
C 3 HOH 170 170 170 HOH TIP A . 
C 3 HOH 171 171 171 HOH TIP A . 
C 3 HOH 172 172 172 HOH TIP A . 
C 3 HOH 173 173 173 HOH TIP A . 
C 3 HOH 174 174 174 HOH TIP A . 
C 3 HOH 175 175 175 HOH TIP A . 
C 3 HOH 176 176 176 HOH TIP A . 
# 
_pdbx_struct_assembly.id                   1 
_pdbx_struct_assembly.details              author_defined_assembly 
_pdbx_struct_assembly.method_details       ? 
_pdbx_struct_assembly.oligomeric_details   monomeric 
_pdbx_struct_assembly.oligomeric_count     1 
# 
_pdbx_struct_assembly_gen.assembly_id       1 
_pdbx_struct_assembly_gen.oper_expression   1 
_pdbx_struct_assembly_gen.asym_id_list      A,B,C 
# 
_pdbx_struct_oper_list.id                   1 
_pdbx_struct_oper_list.type                 'identity operation' 
_pdbx_struct_oper_list.name                 1_555 
_pdbx_struct_oper_list.symmetry_operation   x,y,z 
_pdbx_struct_oper_list.matrix[1][1]         1.0000000000 
_pdbx_struct_oper_list.matrix[1][2]         0.0000000000 
_pdbx_struct_oper_list.matrix[1][3]         0.0000000000 
_pdbx_struct_oper_list.vector[1]            0.0000000000 
_pdbx_struct_oper_list.matrix[2][1]         0.0000000000 
_pdbx_struct_oper_list.matrix[2][2]         1.0000000000 
_pdbx_struct_oper_list.matrix[2][3]         0.0000000000 
_pdbx_struct_oper_list.vector[2]            0.0000000000 
_pdbx_struct_oper_list.matrix[3][1]         0.0000000000 
_pdbx_struct_oper_list.matrix[3][2]         0.0000000000 
_pdbx_struct_oper_list.matrix[3][3]         1.0000000000 
_pdbx_struct_oper_list.vector[3]            0.0000000000 
# 
loop_
_pdbx_struct_special_symmetry.id 
_pdbx_struct_special_symmetry.PDB_model_num 
_pdbx_struct_special_symmetry.auth_asym_id 
_pdbx_struct_special_symmetry.auth_comp_id 
_pdbx_struct_special_symmetry.auth_seq_id 
_pdbx_struct_special_symmetry.PDB_ins_code 
_pdbx_struct_special_symmetry.label_asym_id 
_pdbx_struct_special_symmetry.label_comp_id 
_pdbx_struct_special_symmetry.label_seq_id 
1 1 A HOH 43  ? C HOH . 
2 1 A HOH 131 ? C HOH . 
3 1 A HOH 140 ? C HOH . 
4 1 A HOH 148 ? C HOH . 
# 
loop_
_pdbx_audit_revision_history.ordinal 
_pdbx_audit_revision_history.data_content_type 
_pdbx_audit_revision_history.major_revision 
_pdbx_audit_revision_history.minor_revision 
_pdbx_audit_revision_history.revision_date 
1 'Structure model' 1 0 2005-06-28 
2 'Structure model' 1 1 2008-04-30 
3 'Structure model' 1 2 2011-07-13 
4 'Structure model' 1 3 2023-10-25 
# 
_pdbx_audit_revision_details.ordinal             1 
_pdbx_audit_revision_details.revision_ordinal    1 
_pdbx_audit_revision_details.data_content_type   'Structure model' 
_pdbx_audit_revision_details.provider            repository 
_pdbx_audit_revision_details.type                'Initial release' 
_pdbx_audit_revision_details.description         ? 
_pdbx_audit_revision_details.details             ? 
# 
loop_
_pdbx_audit_revision_group.ordinal 
_pdbx_audit_revision_group.revision_ordinal 
_pdbx_audit_revision_group.data_content_type 
_pdbx_audit_revision_group.group 
1 2 'Structure model' 'Version format compliance' 
2 3 'Structure model' 'Version format compliance' 
3 4 'Structure model' 'Data collection'           
4 4 'Structure model' 'Database references'       
5 4 'Structure model' 'Derived calculations'      
6 4 'Structure model' 'Refinement description'    
# 
loop_
_pdbx_audit_revision_category.ordinal 
_pdbx_audit_revision_category.revision_ordinal 
_pdbx_audit_revision_category.data_content_type 
_pdbx_audit_revision_category.category 
1 4 'Structure model' chem_comp_atom                
2 4 'Structure model' chem_comp_bond                
3 4 'Structure model' database_2                    
4 4 'Structure model' pdbx_initial_refinement_model 
5 4 'Structure model' struct_ref_seq_dif            
6 4 'Structure model' struct_site                   
# 
loop_
_pdbx_audit_revision_item.ordinal 
_pdbx_audit_revision_item.revision_ordinal 
_pdbx_audit_revision_item.data_content_type 
_pdbx_audit_revision_item.item 
1 4 'Structure model' '_database_2.pdbx_DOI'                
2 4 'Structure model' '_database_2.pdbx_database_accession' 
3 4 'Structure model' '_struct_ref_seq_dif.details'         
4 4 'Structure model' '_struct_site.pdbx_auth_asym_id'      
5 4 'Structure model' '_struct_site.pdbx_auth_comp_id'      
6 4 'Structure model' '_struct_site.pdbx_auth_seq_id'       
# 
loop_
_software.name 
_software.classification 
_software.version 
_software.citation_id 
_software.pdbx_ordinal 
CNS       refinement       1.1 ? 1 
DENZO     'data reduction' .   ? 2 
SCALEPACK 'data scaling'   .   ? 3 
MOLREP    phasing          .   ? 4 
# 
_pdbx_validate_symm_contact.id                1 
_pdbx_validate_symm_contact.PDB_model_num     1 
_pdbx_validate_symm_contact.auth_atom_id_1    NH2 
_pdbx_validate_symm_contact.auth_asym_id_1    A 
_pdbx_validate_symm_contact.auth_comp_id_1    ARG 
_pdbx_validate_symm_contact.auth_seq_id_1     314 
_pdbx_validate_symm_contact.PDB_ins_code_1    ? 
_pdbx_validate_symm_contact.label_alt_id_1    ? 
_pdbx_validate_symm_contact.site_symmetry_1   1_555 
_pdbx_validate_symm_contact.auth_atom_id_2    NH2 
_pdbx_validate_symm_contact.auth_asym_id_2    A 
_pdbx_validate_symm_contact.auth_comp_id_2    ARG 
_pdbx_validate_symm_contact.auth_seq_id_2     314 
_pdbx_validate_symm_contact.PDB_ins_code_2    ? 
_pdbx_validate_symm_contact.label_alt_id_2    ? 
_pdbx_validate_symm_contact.site_symmetry_2   11_656 
_pdbx_validate_symm_contact.dist              2.02 
# 
loop_
_pdbx_unobs_or_zero_occ_residues.id 
_pdbx_unobs_or_zero_occ_residues.PDB_model_num 
_pdbx_unobs_or_zero_occ_residues.polymer_flag 
_pdbx_unobs_or_zero_occ_residues.occupancy_flag 
_pdbx_unobs_or_zero_occ_residues.auth_asym_id 
_pdbx_unobs_or_zero_occ_residues.auth_comp_id 
_pdbx_unobs_or_zero_occ_residues.auth_seq_id 
_pdbx_unobs_or_zero_occ_residues.PDB_ins_code 
_pdbx_unobs_or_zero_occ_residues.label_asym_id 
_pdbx_unobs_or_zero_occ_residues.label_comp_id 
_pdbx_unobs_or_zero_occ_residues.label_seq_id 
1 1 Y 1 A MET 192 ? A MET 1 
2 1 Y 1 A THR 193 ? A THR 2 
3 1 Y 1 A PRO 194 ? A PRO 3 
# 
loop_
_chem_comp_atom.comp_id 
_chem_comp_atom.atom_id 
_chem_comp_atom.type_symbol 
_chem_comp_atom.pdbx_aromatic_flag 
_chem_comp_atom.pdbx_stereo_config 
_chem_comp_atom.pdbx_ordinal 
ALA N      N N N 1   
ALA CA     C N S 2   
ALA C      C N N 3   
ALA O      O N N 4   
ALA CB     C N N 5   
ALA OXT    O N N 6   
ALA H      H N N 7   
ALA H2     H N N 8   
ALA HA     H N N 9   
ALA HB1    H N N 10  
ALA HB2    H N N 11  
ALA HB3    H N N 12  
ALA HXT    H N N 13  
ARG N      N N N 14  
ARG CA     C N S 15  
ARG C      C N N 16  
ARG O      O N N 17  
ARG CB     C N N 18  
ARG CG     C N N 19  
ARG CD     C N N 20  
ARG NE     N N N 21  
ARG CZ     C N N 22  
ARG NH1    N N N 23  
ARG NH2    N N N 24  
ARG OXT    O N N 25  
ARG H      H N N 26  
ARG H2     H N N 27  
ARG HA     H N N 28  
ARG HB2    H N N 29  
ARG HB3    H N N 30  
ARG HG2    H N N 31  
ARG HG3    H N N 32  
ARG HD2    H N N 33  
ARG HD3    H N N 34  
ARG HE     H N N 35  
ARG HH11   H N N 36  
ARG HH12   H N N 37  
ARG HH21   H N N 38  
ARG HH22   H N N 39  
ARG HXT    H N N 40  
ASN N      N N N 41  
ASN CA     C N S 42  
ASN C      C N N 43  
ASN O      O N N 44  
ASN CB     C N N 45  
ASN CG     C N N 46  
ASN OD1    O N N 47  
ASN ND2    N N N 48  
ASN OXT    O N N 49  
ASN H      H N N 50  
ASN H2     H N N 51  
ASN HA     H N N 52  
ASN HB2    H N N 53  
ASN HB3    H N N 54  
ASN HD21   H N N 55  
ASN HD22   H N N 56  
ASN HXT    H N N 57  
ASP N      N N N 58  
ASP CA     C N S 59  
ASP C      C N N 60  
ASP O      O N N 61  
ASP CB     C N N 62  
ASP CG     C N N 63  
ASP OD1    O N N 64  
ASP OD2    O N N 65  
ASP OXT    O N N 66  
ASP H      H N N 67  
ASP H2     H N N 68  
ASP HA     H N N 69  
ASP HB2    H N N 70  
ASP HB3    H N N 71  
ASP HD2    H N N 72  
ASP HXT    H N N 73  
GLN N      N N N 74  
GLN CA     C N S 75  
GLN C      C N N 76  
GLN O      O N N 77  
GLN CB     C N N 78  
GLN CG     C N N 79  
GLN CD     C N N 80  
GLN OE1    O N N 81  
GLN NE2    N N N 82  
GLN OXT    O N N 83  
GLN H      H N N 84  
GLN H2     H N N 85  
GLN HA     H N N 86  
GLN HB2    H N N 87  
GLN HB3    H N N 88  
GLN HG2    H N N 89  
GLN HG3    H N N 90  
GLN HE21   H N N 91  
GLN HE22   H N N 92  
GLN HXT    H N N 93  
GLU N      N N N 94  
GLU CA     C N S 95  
GLU C      C N N 96  
GLU O      O N N 97  
GLU CB     C N N 98  
GLU CG     C N N 99  
GLU CD     C N N 100 
GLU OE1    O N N 101 
GLU OE2    O N N 102 
GLU OXT    O N N 103 
GLU H      H N N 104 
GLU H2     H N N 105 
GLU HA     H N N 106 
GLU HB2    H N N 107 
GLU HB3    H N N 108 
GLU HG2    H N N 109 
GLU HG3    H N N 110 
GLU HE2    H N N 111 
GLU HXT    H N N 112 
GLY N      N N N 113 
GLY CA     C N N 114 
GLY C      C N N 115 
GLY O      O N N 116 
GLY OXT    O N N 117 
GLY H      H N N 118 
GLY H2     H N N 119 
GLY HA2    H N N 120 
GLY HA3    H N N 121 
GLY HXT    H N N 122 
HIS N      N N N 123 
HIS CA     C N S 124 
HIS C      C N N 125 
HIS O      O N N 126 
HIS CB     C N N 127 
HIS CG     C Y N 128 
HIS ND1    N Y N 129 
HIS CD2    C Y N 130 
HIS CE1    C Y N 131 
HIS NE2    N Y N 132 
HIS OXT    O N N 133 
HIS H      H N N 134 
HIS H2     H N N 135 
HIS HA     H N N 136 
HIS HB2    H N N 137 
HIS HB3    H N N 138 
HIS HD1    H N N 139 
HIS HD2    H N N 140 
HIS HE1    H N N 141 
HIS HE2    H N N 142 
HIS HXT    H N N 143 
HOH O      O N N 144 
HOH H1     H N N 145 
HOH H2     H N N 146 
ILE N      N N N 147 
ILE CA     C N S 148 
ILE C      C N N 149 
ILE O      O N N 150 
ILE CB     C N S 151 
ILE CG1    C N N 152 
ILE CG2    C N N 153 
ILE CD1    C N N 154 
ILE OXT    O N N 155 
ILE H      H N N 156 
ILE H2     H N N 157 
ILE HA     H N N 158 
ILE HB     H N N 159 
ILE HG12   H N N 160 
ILE HG13   H N N 161 
ILE HG21   H N N 162 
ILE HG22   H N N 163 
ILE HG23   H N N 164 
ILE HD11   H N N 165 
ILE HD12   H N N 166 
ILE HD13   H N N 167 
ILE HXT    H N N 168 
LEU N      N N N 169 
LEU CA     C N S 170 
LEU C      C N N 171 
LEU O      O N N 172 
LEU CB     C N N 173 
LEU CG     C N N 174 
LEU CD1    C N N 175 
LEU CD2    C N N 176 
LEU OXT    O N N 177 
LEU H      H N N 178 
LEU H2     H N N 179 
LEU HA     H N N 180 
LEU HB2    H N N 181 
LEU HB3    H N N 182 
LEU HG     H N N 183 
LEU HD11   H N N 184 
LEU HD12   H N N 185 
LEU HD13   H N N 186 
LEU HD21   H N N 187 
LEU HD22   H N N 188 
LEU HD23   H N N 189 
LEU HXT    H N N 190 
LYS N      N N N 191 
LYS CA     C N S 192 
LYS C      C N N 193 
LYS O      O N N 194 
LYS CB     C N N 195 
LYS CG     C N N 196 
LYS CD     C N N 197 
LYS CE     C N N 198 
LYS NZ     N N N 199 
LYS OXT    O N N 200 
LYS H      H N N 201 
LYS H2     H N N 202 
LYS HA     H N N 203 
LYS HB2    H N N 204 
LYS HB3    H N N 205 
LYS HG2    H N N 206 
LYS HG3    H N N 207 
LYS HD2    H N N 208 
LYS HD3    H N N 209 
LYS HE2    H N N 210 
LYS HE3    H N N 211 
LYS HZ1    H N N 212 
LYS HZ2    H N N 213 
LYS HZ3    H N N 214 
LYS HXT    H N N 215 
MET N      N N N 216 
MET CA     C N S 217 
MET C      C N N 218 
MET O      O N N 219 
MET CB     C N N 220 
MET CG     C N N 221 
MET SD     S N N 222 
MET CE     C N N 223 
MET OXT    O N N 224 
MET H      H N N 225 
MET H2     H N N 226 
MET HA     H N N 227 
MET HB2    H N N 228 
MET HB3    H N N 229 
MET HG2    H N N 230 
MET HG3    H N N 231 
MET HE1    H N N 232 
MET HE2    H N N 233 
MET HE3    H N N 234 
MET HXT    H N N 235 
PHE N      N N N 236 
PHE CA     C N S 237 
PHE C      C N N 238 
PHE O      O N N 239 
PHE CB     C N N 240 
PHE CG     C Y N 241 
PHE CD1    C Y N 242 
PHE CD2    C Y N 243 
PHE CE1    C Y N 244 
PHE CE2    C Y N 245 
PHE CZ     C Y N 246 
PHE OXT    O N N 247 
PHE H      H N N 248 
PHE H2     H N N 249 
PHE HA     H N N 250 
PHE HB2    H N N 251 
PHE HB3    H N N 252 
PHE HD1    H N N 253 
PHE HD2    H N N 254 
PHE HE1    H N N 255 
PHE HE2    H N N 256 
PHE HZ     H N N 257 
PHE HXT    H N N 258 
PRO N      N N N 259 
PRO CA     C N S 260 
PRO C      C N N 261 
PRO O      O N N 262 
PRO CB     C N N 263 
PRO CG     C N N 264 
PRO CD     C N N 265 
PRO OXT    O N N 266 
PRO H      H N N 267 
PRO HA     H N N 268 
PRO HB2    H N N 269 
PRO HB3    H N N 270 
PRO HG2    H N N 271 
PRO HG3    H N N 272 
PRO HD2    H N N 273 
PRO HD3    H N N 274 
PRO HXT    H N N 275 
SER N      N N N 276 
SER CA     C N S 277 
SER C      C N N 278 
SER O      O N N 279 
SER CB     C N N 280 
SER OG     O N N 281 
SER OXT    O N N 282 
SER H      H N N 283 
SER H2     H N N 284 
SER HA     H N N 285 
SER HB2    H N N 286 
SER HB3    H N N 287 
SER HG     H N N 288 
SER HXT    H N N 289 
THR N      N N N 290 
THR CA     C N S 291 
THR C      C N N 292 
THR O      O N N 293 
THR CB     C N R 294 
THR OG1    O N N 295 
THR CG2    C N N 296 
THR OXT    O N N 297 
THR H      H N N 298 
THR H2     H N N 299 
THR HA     H N N 300 
THR HB     H N N 301 
THR HG1    H N N 302 
THR HG21   H N N 303 
THR HG22   H N N 304 
THR HG23   H N N 305 
THR HXT    H N N 306 
TRP N      N N N 307 
TRP CA     C N S 308 
TRP C      C N N 309 
TRP O      O N N 310 
TRP CB     C N N 311 
TRP CG     C Y N 312 
TRP CD1    C Y N 313 
TRP CD2    C Y N 314 
TRP NE1    N Y N 315 
TRP CE2    C Y N 316 
TRP CE3    C Y N 317 
TRP CZ2    C Y N 318 
TRP CZ3    C Y N 319 
TRP CH2    C Y N 320 
TRP OXT    O N N 321 
TRP H      H N N 322 
TRP H2     H N N 323 
TRP HA     H N N 324 
TRP HB2    H N N 325 
TRP HB3    H N N 326 
TRP HD1    H N N 327 
TRP HE1    H N N 328 
TRP HE3    H N N 329 
TRP HZ2    H N N 330 
TRP HZ3    H N N 331 
TRP HH2    H N N 332 
TRP HXT    H N N 333 
TSB CG2    C N N 334 
TSB N      N N N 335 
TSB CA     C N S 336 
TSB CB     C N R 337 
TSB OG1    O N N 338 
TSB C      C N N 339 
TSB O      O N N 340 
TSB N8     N N N 341 
TSB S1     S N N 342 
TSB O1S    O N N 343 
TSB O2S    O N N 344 
TSB "O5'"  O N N 345 
TSB "C5'"  C N N 346 
TSB "C4'"  C N R 347 
TSB "O4'"  O N N 348 
TSB "C3'"  C N S 349 
TSB "O3'"  O N N 350 
TSB "C2'"  C N R 351 
TSB "O2'"  O N N 352 
TSB "C1'"  C N R 353 
TSB N9     N Y N 354 
TSB C8     C Y N 355 
TSB N7     N Y N 356 
TSB C5     C Y N 357 
TSB C6     C Y N 358 
TSB N6     N N N 359 
TSB N1     N Y N 360 
TSB C2     C Y N 361 
TSB N3     N Y N 362 
TSB C4     C Y N 363 
TSB HG21   H N N 364 
TSB HG22   H N N 365 
TSB HG23   H N N 366 
TSB HN11   H N N 367 
TSB HN12   H N N 368 
TSB HA     H N N 369 
TSB HB     H N N 370 
TSB HG1    H N N 371 
TSB HN8    H N N 372 
TSB "H5'1" H N N 373 
TSB "H5'2" H N N 374 
TSB "H4'"  H N N 375 
TSB "H3'"  H N N 376 
TSB "HO3'" H N N 377 
TSB "H2'"  H N N 378 
TSB "HO2'" H N N 379 
TSB "H1'"  H N N 380 
TSB H8     H N N 381 
TSB HN61   H N N 382 
TSB HN62   H N N 383 
TSB H2     H N N 384 
TYR N      N N N 385 
TYR CA     C N S 386 
TYR C      C N N 387 
TYR O      O N N 388 
TYR CB     C N N 389 
TYR CG     C Y N 390 
TYR CD1    C Y N 391 
TYR CD2    C Y N 392 
TYR CE1    C Y N 393 
TYR CE2    C Y N 394 
TYR CZ     C Y N 395 
TYR OH     O N N 396 
TYR OXT    O N N 397 
TYR H      H N N 398 
TYR H2     H N N 399 
TYR HA     H N N 400 
TYR HB2    H N N 401 
TYR HB3    H N N 402 
TYR HD1    H N N 403 
TYR HD2    H N N 404 
TYR HE1    H N N 405 
TYR HE2    H N N 406 
TYR HH     H N N 407 
TYR HXT    H N N 408 
VAL N      N N N 409 
VAL CA     C N S 410 
VAL C      C N N 411 
VAL O      O N N 412 
VAL CB     C N N 413 
VAL CG1    C N N 414 
VAL CG2    C N N 415 
VAL OXT    O N N 416 
VAL H      H N N 417 
VAL H2     H N N 418 
VAL HA     H N N 419 
VAL HB     H N N 420 
VAL HG11   H N N 421 
VAL HG12   H N N 422 
VAL HG13   H N N 423 
VAL HG21   H N N 424 
VAL HG22   H N N 425 
VAL HG23   H N N 426 
VAL HXT    H N N 427 
# 
loop_
_chem_comp_bond.comp_id 
_chem_comp_bond.atom_id_1 
_chem_comp_bond.atom_id_2 
_chem_comp_bond.value_order 
_chem_comp_bond.pdbx_aromatic_flag 
_chem_comp_bond.pdbx_stereo_config 
_chem_comp_bond.pdbx_ordinal 
ALA N     CA     sing N N 1   
ALA N     H      sing N N 2   
ALA N     H2     sing N N 3   
ALA CA    C      sing N N 4   
ALA CA    CB     sing N N 5   
ALA CA    HA     sing N N 6   
ALA C     O      doub N N 7   
ALA C     OXT    sing N N 8   
ALA CB    HB1    sing N N 9   
ALA CB    HB2    sing N N 10  
ALA CB    HB3    sing N N 11  
ALA OXT   HXT    sing N N 12  
ARG N     CA     sing N N 13  
ARG N     H      sing N N 14  
ARG N     H2     sing N N 15  
ARG CA    C      sing N N 16  
ARG CA    CB     sing N N 17  
ARG CA    HA     sing N N 18  
ARG C     O      doub N N 19  
ARG C     OXT    sing N N 20  
ARG CB    CG     sing N N 21  
ARG CB    HB2    sing N N 22  
ARG CB    HB3    sing N N 23  
ARG CG    CD     sing N N 24  
ARG CG    HG2    sing N N 25  
ARG CG    HG3    sing N N 26  
ARG CD    NE     sing N N 27  
ARG CD    HD2    sing N N 28  
ARG CD    HD3    sing N N 29  
ARG NE    CZ     sing N N 30  
ARG NE    HE     sing N N 31  
ARG CZ    NH1    sing N N 32  
ARG CZ    NH2    doub N N 33  
ARG NH1   HH11   sing N N 34  
ARG NH1   HH12   sing N N 35  
ARG NH2   HH21   sing N N 36  
ARG NH2   HH22   sing N N 37  
ARG OXT   HXT    sing N N 38  
ASN N     CA     sing N N 39  
ASN N     H      sing N N 40  
ASN N     H2     sing N N 41  
ASN CA    C      sing N N 42  
ASN CA    CB     sing N N 43  
ASN CA    HA     sing N N 44  
ASN C     O      doub N N 45  
ASN C     OXT    sing N N 46  
ASN CB    CG     sing N N 47  
ASN CB    HB2    sing N N 48  
ASN CB    HB3    sing N N 49  
ASN CG    OD1    doub N N 50  
ASN CG    ND2    sing N N 51  
ASN ND2   HD21   sing N N 52  
ASN ND2   HD22   sing N N 53  
ASN OXT   HXT    sing N N 54  
ASP N     CA     sing N N 55  
ASP N     H      sing N N 56  
ASP N     H2     sing N N 57  
ASP CA    C      sing N N 58  
ASP CA    CB     sing N N 59  
ASP CA    HA     sing N N 60  
ASP C     O      doub N N 61  
ASP C     OXT    sing N N 62  
ASP CB    CG     sing N N 63  
ASP CB    HB2    sing N N 64  
ASP CB    HB3    sing N N 65  
ASP CG    OD1    doub N N 66  
ASP CG    OD2    sing N N 67  
ASP OD2   HD2    sing N N 68  
ASP OXT   HXT    sing N N 69  
GLN N     CA     sing N N 70  
GLN N     H      sing N N 71  
GLN N     H2     sing N N 72  
GLN CA    C      sing N N 73  
GLN CA    CB     sing N N 74  
GLN CA    HA     sing N N 75  
GLN C     O      doub N N 76  
GLN C     OXT    sing N N 77  
GLN CB    CG     sing N N 78  
GLN CB    HB2    sing N N 79  
GLN CB    HB3    sing N N 80  
GLN CG    CD     sing N N 81  
GLN CG    HG2    sing N N 82  
GLN CG    HG3    sing N N 83  
GLN CD    OE1    doub N N 84  
GLN CD    NE2    sing N N 85  
GLN NE2   HE21   sing N N 86  
GLN NE2   HE22   sing N N 87  
GLN OXT   HXT    sing N N 88  
GLU N     CA     sing N N 89  
GLU N     H      sing N N 90  
GLU N     H2     sing N N 91  
GLU CA    C      sing N N 92  
GLU CA    CB     sing N N 93  
GLU CA    HA     sing N N 94  
GLU C     O      doub N N 95  
GLU C     OXT    sing N N 96  
GLU CB    CG     sing N N 97  
GLU CB    HB2    sing N N 98  
GLU CB    HB3    sing N N 99  
GLU CG    CD     sing N N 100 
GLU CG    HG2    sing N N 101 
GLU CG    HG3    sing N N 102 
GLU CD    OE1    doub N N 103 
GLU CD    OE2    sing N N 104 
GLU OE2   HE2    sing N N 105 
GLU OXT   HXT    sing N N 106 
GLY N     CA     sing N N 107 
GLY N     H      sing N N 108 
GLY N     H2     sing N N 109 
GLY CA    C      sing N N 110 
GLY CA    HA2    sing N N 111 
GLY CA    HA3    sing N N 112 
GLY C     O      doub N N 113 
GLY C     OXT    sing N N 114 
GLY OXT   HXT    sing N N 115 
HIS N     CA     sing N N 116 
HIS N     H      sing N N 117 
HIS N     H2     sing N N 118 
HIS CA    C      sing N N 119 
HIS CA    CB     sing N N 120 
HIS CA    HA     sing N N 121 
HIS C     O      doub N N 122 
HIS C     OXT    sing N N 123 
HIS CB    CG     sing N N 124 
HIS CB    HB2    sing N N 125 
HIS CB    HB3    sing N N 126 
HIS CG    ND1    sing Y N 127 
HIS CG    CD2    doub Y N 128 
HIS ND1   CE1    doub Y N 129 
HIS ND1   HD1    sing N N 130 
HIS CD2   NE2    sing Y N 131 
HIS CD2   HD2    sing N N 132 
HIS CE1   NE2    sing Y N 133 
HIS CE1   HE1    sing N N 134 
HIS NE2   HE2    sing N N 135 
HIS OXT   HXT    sing N N 136 
HOH O     H1     sing N N 137 
HOH O     H2     sing N N 138 
ILE N     CA     sing N N 139 
ILE N     H      sing N N 140 
ILE N     H2     sing N N 141 
ILE CA    C      sing N N 142 
ILE CA    CB     sing N N 143 
ILE CA    HA     sing N N 144 
ILE C     O      doub N N 145 
ILE C     OXT    sing N N 146 
ILE CB    CG1    sing N N 147 
ILE CB    CG2    sing N N 148 
ILE CB    HB     sing N N 149 
ILE CG1   CD1    sing N N 150 
ILE CG1   HG12   sing N N 151 
ILE CG1   HG13   sing N N 152 
ILE CG2   HG21   sing N N 153 
ILE CG2   HG22   sing N N 154 
ILE CG2   HG23   sing N N 155 
ILE CD1   HD11   sing N N 156 
ILE CD1   HD12   sing N N 157 
ILE CD1   HD13   sing N N 158 
ILE OXT   HXT    sing N N 159 
LEU N     CA     sing N N 160 
LEU N     H      sing N N 161 
LEU N     H2     sing N N 162 
LEU CA    C      sing N N 163 
LEU CA    CB     sing N N 164 
LEU CA    HA     sing N N 165 
LEU C     O      doub N N 166 
LEU C     OXT    sing N N 167 
LEU CB    CG     sing N N 168 
LEU CB    HB2    sing N N 169 
LEU CB    HB3    sing N N 170 
LEU CG    CD1    sing N N 171 
LEU CG    CD2    sing N N 172 
LEU CG    HG     sing N N 173 
LEU CD1   HD11   sing N N 174 
LEU CD1   HD12   sing N N 175 
LEU CD1   HD13   sing N N 176 
LEU CD2   HD21   sing N N 177 
LEU CD2   HD22   sing N N 178 
LEU CD2   HD23   sing N N 179 
LEU OXT   HXT    sing N N 180 
LYS N     CA     sing N N 181 
LYS N     H      sing N N 182 
LYS N     H2     sing N N 183 
LYS CA    C      sing N N 184 
LYS CA    CB     sing N N 185 
LYS CA    HA     sing N N 186 
LYS C     O      doub N N 187 
LYS C     OXT    sing N N 188 
LYS CB    CG     sing N N 189 
LYS CB    HB2    sing N N 190 
LYS CB    HB3    sing N N 191 
LYS CG    CD     sing N N 192 
LYS CG    HG2    sing N N 193 
LYS CG    HG3    sing N N 194 
LYS CD    CE     sing N N 195 
LYS CD    HD2    sing N N 196 
LYS CD    HD3    sing N N 197 
LYS CE    NZ     sing N N 198 
LYS CE    HE2    sing N N 199 
LYS CE    HE3    sing N N 200 
LYS NZ    HZ1    sing N N 201 
LYS NZ    HZ2    sing N N 202 
LYS NZ    HZ3    sing N N 203 
LYS OXT   HXT    sing N N 204 
MET N     CA     sing N N 205 
MET N     H      sing N N 206 
MET N     H2     sing N N 207 
MET CA    C      sing N N 208 
MET CA    CB     sing N N 209 
MET CA    HA     sing N N 210 
MET C     O      doub N N 211 
MET C     OXT    sing N N 212 
MET CB    CG     sing N N 213 
MET CB    HB2    sing N N 214 
MET CB    HB3    sing N N 215 
MET CG    SD     sing N N 216 
MET CG    HG2    sing N N 217 
MET CG    HG3    sing N N 218 
MET SD    CE     sing N N 219 
MET CE    HE1    sing N N 220 
MET CE    HE2    sing N N 221 
MET CE    HE3    sing N N 222 
MET OXT   HXT    sing N N 223 
PHE N     CA     sing N N 224 
PHE N     H      sing N N 225 
PHE N     H2     sing N N 226 
PHE CA    C      sing N N 227 
PHE CA    CB     sing N N 228 
PHE CA    HA     sing N N 229 
PHE C     O      doub N N 230 
PHE C     OXT    sing N N 231 
PHE CB    CG     sing N N 232 
PHE CB    HB2    sing N N 233 
PHE CB    HB3    sing N N 234 
PHE CG    CD1    doub Y N 235 
PHE CG    CD2    sing Y N 236 
PHE CD1   CE1    sing Y N 237 
PHE CD1   HD1    sing N N 238 
PHE CD2   CE2    doub Y N 239 
PHE CD2   HD2    sing N N 240 
PHE CE1   CZ     doub Y N 241 
PHE CE1   HE1    sing N N 242 
PHE CE2   CZ     sing Y N 243 
PHE CE2   HE2    sing N N 244 
PHE CZ    HZ     sing N N 245 
PHE OXT   HXT    sing N N 246 
PRO N     CA     sing N N 247 
PRO N     CD     sing N N 248 
PRO N     H      sing N N 249 
PRO CA    C      sing N N 250 
PRO CA    CB     sing N N 251 
PRO CA    HA     sing N N 252 
PRO C     O      doub N N 253 
PRO C     OXT    sing N N 254 
PRO CB    CG     sing N N 255 
PRO CB    HB2    sing N N 256 
PRO CB    HB3    sing N N 257 
PRO CG    CD     sing N N 258 
PRO CG    HG2    sing N N 259 
PRO CG    HG3    sing N N 260 
PRO CD    HD2    sing N N 261 
PRO CD    HD3    sing N N 262 
PRO OXT   HXT    sing N N 263 
SER N     CA     sing N N 264 
SER N     H      sing N N 265 
SER N     H2     sing N N 266 
SER CA    C      sing N N 267 
SER CA    CB     sing N N 268 
SER CA    HA     sing N N 269 
SER C     O      doub N N 270 
SER C     OXT    sing N N 271 
SER CB    OG     sing N N 272 
SER CB    HB2    sing N N 273 
SER CB    HB3    sing N N 274 
SER OG    HG     sing N N 275 
SER OXT   HXT    sing N N 276 
THR N     CA     sing N N 277 
THR N     H      sing N N 278 
THR N     H2     sing N N 279 
THR CA    C      sing N N 280 
THR CA    CB     sing N N 281 
THR CA    HA     sing N N 282 
THR C     O      doub N N 283 
THR C     OXT    sing N N 284 
THR CB    OG1    sing N N 285 
THR CB    CG2    sing N N 286 
THR CB    HB     sing N N 287 
THR OG1   HG1    sing N N 288 
THR CG2   HG21   sing N N 289 
THR CG2   HG22   sing N N 290 
THR CG2   HG23   sing N N 291 
THR OXT   HXT    sing N N 292 
TRP N     CA     sing N N 293 
TRP N     H      sing N N 294 
TRP N     H2     sing N N 295 
TRP CA    C      sing N N 296 
TRP CA    CB     sing N N 297 
TRP CA    HA     sing N N 298 
TRP C     O      doub N N 299 
TRP C     OXT    sing N N 300 
TRP CB    CG     sing N N 301 
TRP CB    HB2    sing N N 302 
TRP CB    HB3    sing N N 303 
TRP CG    CD1    doub Y N 304 
TRP CG    CD2    sing Y N 305 
TRP CD1   NE1    sing Y N 306 
TRP CD1   HD1    sing N N 307 
TRP CD2   CE2    doub Y N 308 
TRP CD2   CE3    sing Y N 309 
TRP NE1   CE2    sing Y N 310 
TRP NE1   HE1    sing N N 311 
TRP CE2   CZ2    sing Y N 312 
TRP CE3   CZ3    doub Y N 313 
TRP CE3   HE3    sing N N 314 
TRP CZ2   CH2    doub Y N 315 
TRP CZ2   HZ2    sing N N 316 
TRP CZ3   CH2    sing Y N 317 
TRP CZ3   HZ3    sing N N 318 
TRP CH2   HH2    sing N N 319 
TRP OXT   HXT    sing N N 320 
TSB CG2   CB     sing N N 321 
TSB CG2   HG21   sing N N 322 
TSB CG2   HG22   sing N N 323 
TSB CG2   HG23   sing N N 324 
TSB N     CA     sing N N 325 
TSB N     HN11   sing N N 326 
TSB N     HN12   sing N N 327 
TSB CA    CB     sing N N 328 
TSB CA    C      sing N N 329 
TSB CA    HA     sing N N 330 
TSB CB    OG1    sing N N 331 
TSB CB    HB     sing N N 332 
TSB OG1   HG1    sing N N 333 
TSB C     O      doub N N 334 
TSB C     N8     sing N N 335 
TSB N8    S1     sing N N 336 
TSB N8    HN8    sing N N 337 
TSB S1    O1S    doub N N 338 
TSB S1    O2S    doub N N 339 
TSB S1    "O5'"  sing N N 340 
TSB "O5'" "C5'"  sing N N 341 
TSB "C5'" "C4'"  sing N N 342 
TSB "C5'" "H5'1" sing N N 343 
TSB "C5'" "H5'2" sing N N 344 
TSB "C4'" "O4'"  sing N N 345 
TSB "C4'" "C3'"  sing N N 346 
TSB "C4'" "H4'"  sing N N 347 
TSB "O4'" "C1'"  sing N N 348 
TSB "C3'" "O3'"  sing N N 349 
TSB "C3'" "C2'"  sing N N 350 
TSB "C3'" "H3'"  sing N N 351 
TSB "O3'" "HO3'" sing N N 352 
TSB "C2'" "O2'"  sing N N 353 
TSB "C2'" "C1'"  sing N N 354 
TSB "C2'" "H2'"  sing N N 355 
TSB "O2'" "HO2'" sing N N 356 
TSB "C1'" N9     sing N N 357 
TSB "C1'" "H1'"  sing N N 358 
TSB N9    C8     sing Y N 359 
TSB N9    C4     sing Y N 360 
TSB C8    N7     doub Y N 361 
TSB C8    H8     sing N N 362 
TSB N7    C5     sing Y N 363 
TSB C5    C6     sing Y N 364 
TSB C5    C4     doub Y N 365 
TSB C6    N6     sing N N 366 
TSB C6    N1     doub Y N 367 
TSB N6    HN61   sing N N 368 
TSB N6    HN62   sing N N 369 
TSB N1    C2     sing Y N 370 
TSB C2    N3     doub Y N 371 
TSB C2    H2     sing N N 372 
TSB N3    C4     sing Y N 373 
TYR N     CA     sing N N 374 
TYR N     H      sing N N 375 
TYR N     H2     sing N N 376 
TYR CA    C      sing N N 377 
TYR CA    CB     sing N N 378 
TYR CA    HA     sing N N 379 
TYR C     O      doub N N 380 
TYR C     OXT    sing N N 381 
TYR CB    CG     sing N N 382 
TYR CB    HB2    sing N N 383 
TYR CB    HB3    sing N N 384 
TYR CG    CD1    doub Y N 385 
TYR CG    CD2    sing Y N 386 
TYR CD1   CE1    sing Y N 387 
TYR CD1   HD1    sing N N 388 
TYR CD2   CE2    doub Y N 389 
TYR CD2   HD2    sing N N 390 
TYR CE1   CZ     doub Y N 391 
TYR CE1   HE1    sing N N 392 
TYR CE2   CZ     sing Y N 393 
TYR CE2   HE2    sing N N 394 
TYR CZ    OH     sing N N 395 
TYR OH    HH     sing N N 396 
TYR OXT   HXT    sing N N 397 
VAL N     CA     sing N N 398 
VAL N     H      sing N N 399 
VAL N     H2     sing N N 400 
VAL CA    C      sing N N 401 
VAL CA    CB     sing N N 402 
VAL CA    HA     sing N N 403 
VAL C     O      doub N N 404 
VAL C     OXT    sing N N 405 
VAL CB    CG1    sing N N 406 
VAL CB    CG2    sing N N 407 
VAL CB    HB     sing N N 408 
VAL CG1   HG11   sing N N 409 
VAL CG1   HG12   sing N N 410 
VAL CG1   HG13   sing N N 411 
VAL CG2   HG21   sing N N 412 
VAL CG2   HG22   sing N N 413 
VAL CG2   HG23   sing N N 414 
VAL OXT   HXT    sing N N 415 
# 
loop_
_pdbx_entity_nonpoly.entity_id 
_pdbx_entity_nonpoly.name 
_pdbx_entity_nonpoly.comp_id 
2 "5'-O-(N-(L-THREONYL)-SULFAMOYL)ADENOSINE" TSB 
3 water                                      HOH 
# 
_pdbx_initial_refinement_model.id               1 
_pdbx_initial_refinement_model.entity_id_list   ? 
_pdbx_initial_refinement_model.type             'experimental model' 
_pdbx_initial_refinement_model.source_name      PDB 
_pdbx_initial_refinement_model.accession_code   1GAX 
_pdbx_initial_refinement_model.details          ? 
# 
